data_6MUM
#
_entry.id   6MUM
#
_cell.length_a   63.350
_cell.length_b   220.680
_cell.length_c   78.190
_cell.angle_alpha   90.00
_cell.angle_beta   114.02
_cell.angle_gamma   90.00
#
_symmetry.space_group_name_H-M   'P 1 21 1'
#
loop_
_entity.id
_entity.type
_entity.pdbx_description
1 polymer 'Phosphatidylinositol 4,5-bisphosphate 3-kinase catalytic subunit delta isoform'
2 non-polymer [(3S)-3-{[8-(1-ethyl-5-methyl-1H-pyrazol-4-yl)-9-methyl-9H-purin-6-yl]oxy}pyrrolidin-1-yl](oxan-4-yl)methanone
#
_entity_poly.entity_id   1
_entity_poly.type   'polypeptide(L)'
_entity_poly.pdbx_seq_one_letter_code
;GGDRVKKLINSQISLLIGKGLHEFDSLRDPEVNDFRTKMRQFCEEAAAHRQQLGWVEWLQYSFPLQLEPSARGWRAGLLR
VSNRALLVNVKFEGSEESFTFQVSTKDMPLALMACALRKKATVFRQPLVEQPEEYALQVNGRHEYLYGNYPLCHFQYICS
CLHSGLTPHLTMVHSSSILAMRDEQSNPAPQVQKPRAKPPPIPAKKPSSVSLWSLEQPFSIELIEGRKVNADERMKLVVQ
AGLFHGNEMLCKTVSSSEVNVCSEPVWKQRLEFDISVCDLPRMARLCFALYAVVEKAKKARSTKKKSKKADCPIAWANLM
LFDYKDQLKTGERCLYMWPSVPDEKGELLNPAGTVRGNPNTESAAALVIYLPEVAPHPVYFPALEKILELGRHGERGRIT
EEEQLQLREILERRGSGELYEHEKDLVWKMRHEVQEHFPEALARLLLVTKWNKHEDVAQMLYLLCSWPELPVLSALELLD
FSFPDCYVGSFAIKSLRKLTDDELFQYLLQLVQVLKYESYLDCELTKFLLGRALANRKIGHFLFWHLRSEMHVPSVALRF
GLIMEAYCRGSTHHMKVLMKQGEALSKLKALNDFVKVSSQKTTKPQTKEMMHMCMRQETYMEALSHLQSPLDPSTLLEEV
CVEQCTFMDSKMKPLWIMYSSEEAGSAGNVGIIFKNGDDLRQDMLTLQMIQLMDVLWKQEGLDLRMTPYGCLPTGDRTGL
IEVVLHSDTIANIQLNKSNMAATAAFNKDALLNWLKSKNPGEALDRAIEEFTLSCAGYCVATYVLGIGDRHSDNIMIRES
GQLFHIDFGHFLGNFKTKFGINRERVPFILTYDFVHVIQQGKTNNSEKFERFRGYCERAYTILRRHGLLFLHLFALMRAA
GLPELSCSKDIQYLKDSLALGKTEEEALKHFRVKFNEALRESWKTKVNWLAHNVSKDNRQ
;
_entity_poly.pdbx_strand_id   A,B
#
loop_
_chem_comp.id
_chem_comp.type
_chem_comp.name
_chem_comp.formula
K47 non-polymer [(3S)-3-{[8-(1-ethyl-5-methyl-1H-pyrazol-4-yl)-9-methyl-9H-purin-6-yl]oxy}pyrrolidin-1-yl](oxan-4-yl)methanone 'C22 H29 N7 O3'
#
# COMPACT_ATOMS: atom_id res chain seq x y z
N VAL A 5 3.11 -47.34 7.26
CA VAL A 5 3.78 -47.46 8.54
C VAL A 5 4.91 -46.43 8.61
N LYS A 6 5.97 -46.60 7.80
CA LYS A 6 7.07 -45.64 7.70
C LYS A 6 6.46 -44.39 7.03
N LYS A 7 5.76 -44.57 5.87
CA LYS A 7 5.05 -43.49 5.18
C LYS A 7 4.06 -42.84 6.16
N LEU A 8 3.36 -43.65 6.96
CA LEU A 8 2.39 -43.18 7.95
C LEU A 8 3.10 -42.26 8.95
N ILE A 9 4.23 -42.70 9.53
CA ILE A 9 5.04 -41.89 10.47
C ILE A 9 5.57 -40.63 9.75
N ASN A 10 5.95 -40.76 8.46
CA ASN A 10 6.48 -39.64 7.69
C ASN A 10 5.41 -38.59 7.41
N SER A 11 4.23 -39.03 6.95
CA SER A 11 3.11 -38.12 6.67
C SER A 11 2.54 -37.51 7.97
N GLN A 12 2.76 -38.17 9.12
CA GLN A 12 2.34 -37.68 10.45
C GLN A 12 3.23 -36.50 10.85
N ILE A 13 4.57 -36.71 10.85
CA ILE A 13 5.58 -35.68 11.18
C ILE A 13 5.36 -34.41 10.35
N SER A 14 4.96 -34.55 9.08
CA SER A 14 4.71 -33.41 8.19
C SER A 14 3.50 -32.61 8.66
N LEU A 15 2.45 -33.32 9.08
CA LEU A 15 1.22 -32.71 9.60
C LEU A 15 1.56 -32.03 10.92
N LEU A 16 2.27 -32.78 11.78
CA LEU A 16 2.69 -32.36 13.12
C LEU A 16 3.57 -31.11 13.15
N ILE A 17 4.70 -31.11 12.41
CA ILE A 17 5.61 -29.95 12.39
C ILE A 17 5.00 -28.78 11.60
N GLY A 18 4.10 -29.08 10.67
CA GLY A 18 3.45 -28.10 9.80
C GLY A 18 4.22 -27.79 8.54
N LYS A 19 5.11 -28.69 8.12
CA LYS A 19 5.94 -28.54 6.93
C LYS A 19 6.21 -29.93 6.39
N GLY A 20 6.11 -30.10 5.08
CA GLY A 20 6.34 -31.39 4.43
C GLY A 20 7.80 -31.77 4.44
N LEU A 21 8.12 -33.05 4.70
CA LEU A 21 9.51 -33.54 4.69
C LEU A 21 10.17 -33.34 3.33
N HIS A 22 9.36 -33.39 2.27
CA HIS A 22 9.84 -33.15 0.91
C HIS A 22 10.44 -31.74 0.78
N GLU A 23 9.89 -30.76 1.52
CA GLU A 23 10.37 -29.37 1.51
C GLU A 23 11.84 -29.25 1.97
N PHE A 24 12.40 -30.28 2.65
CA PHE A 24 13.81 -30.35 3.05
C PHE A 24 14.61 -30.93 1.86
N ASP A 25 14.10 -32.05 1.27
CA ASP A 25 14.72 -32.74 0.14
C ASP A 25 14.79 -31.85 -1.11
N SER A 26 13.76 -30.99 -1.31
CA SER A 26 13.70 -30.06 -2.46
C SER A 26 14.90 -29.09 -2.52
N LEU A 27 15.50 -28.78 -1.37
CA LEU A 27 16.66 -27.88 -1.28
C LEU A 27 17.94 -28.60 -1.74
N ARG A 28 18.02 -29.94 -1.51
CA ARG A 28 19.16 -30.80 -1.87
C ARG A 28 20.50 -30.36 -1.23
N ASP A 29 20.44 -29.62 -0.11
CA ASP A 29 21.63 -29.11 0.58
C ASP A 29 22.33 -30.25 1.33
N PRO A 30 23.64 -30.51 1.13
CA PRO A 30 24.28 -31.61 1.89
C PRO A 30 24.26 -31.38 3.40
N GLU A 31 24.25 -30.11 3.89
CA GLU A 31 24.16 -29.80 5.32
C GLU A 31 22.87 -30.36 5.88
N VAL A 32 21.74 -29.97 5.27
CA VAL A 32 20.41 -30.44 5.66
C VAL A 32 20.34 -31.97 5.55
N ASN A 33 20.97 -32.56 4.51
CA ASN A 33 20.98 -34.01 4.34
C ASN A 33 21.87 -34.67 5.40
N ASP A 34 23.00 -34.03 5.77
CA ASP A 34 23.94 -34.52 6.78
C ASP A 34 23.31 -34.40 8.17
N PHE A 35 22.59 -33.28 8.43
CA PHE A 35 21.90 -33.03 9.69
C PHE A 35 20.87 -34.12 9.96
N ARG A 36 19.99 -34.34 8.99
CA ARG A 36 18.92 -35.33 9.08
C ARG A 36 19.45 -36.75 9.31
N THR A 37 20.60 -37.11 8.71
CA THR A 37 21.19 -38.44 8.88
C THR A 37 21.90 -38.58 10.24
N LYS A 38 22.85 -37.65 10.55
CA LYS A 38 23.62 -37.68 11.81
C LYS A 38 22.70 -37.64 13.04
N MET A 39 21.63 -36.81 13.01
CA MET A 39 20.69 -36.72 14.13
C MET A 39 19.85 -37.96 14.23
N ARG A 40 19.13 -38.33 13.16
CA ARG A 40 18.27 -39.52 13.17
C ARG A 40 18.95 -40.71 13.86
N GLN A 41 20.23 -40.94 13.54
CA GLN A 41 21.06 -42.00 14.10
C GLN A 41 21.20 -41.80 15.62
N PHE A 42 21.55 -40.57 16.04
CA PHE A 42 21.69 -40.16 17.44
C PHE A 42 20.42 -40.40 18.25
N CYS A 43 19.29 -39.89 17.75
CA CYS A 43 18.00 -40.04 18.43
C CYS A 43 17.49 -41.50 18.42
N GLU A 44 17.88 -42.30 17.42
CA GLU A 44 17.47 -43.71 17.38
C GLU A 44 18.26 -44.50 18.43
N GLU A 45 19.54 -44.13 18.65
CA GLU A 45 20.39 -44.74 19.68
C GLU A 45 19.88 -44.35 21.07
N ALA A 46 19.40 -43.09 21.21
CA ALA A 46 18.79 -42.59 22.45
C ALA A 46 17.54 -43.40 22.76
N ALA A 47 16.70 -43.64 21.74
CA ALA A 47 15.48 -44.45 21.88
C ALA A 47 15.82 -45.91 22.16
N ALA A 48 16.97 -46.41 21.66
CA ALA A 48 17.37 -47.79 21.92
C ALA A 48 17.66 -47.98 23.41
N HIS A 49 18.41 -47.05 24.03
CA HIS A 49 18.74 -47.10 25.48
C HIS A 49 17.44 -47.05 26.28
N ARG A 50 16.60 -46.05 25.98
CA ARG A 50 15.31 -45.82 26.60
C ARG A 50 14.47 -47.10 26.72
N GLN A 51 14.46 -47.93 25.66
CA GLN A 51 13.67 -49.17 25.67
C GLN A 51 14.21 -50.25 26.62
N GLN A 52 15.49 -50.20 27.04
CA GLN A 52 16.01 -51.22 27.95
C GLN A 52 16.21 -50.70 29.39
N LEU A 53 15.59 -49.56 29.76
CA LEU A 53 15.66 -49.05 31.13
C LEU A 53 14.80 -49.87 32.09
N GLY A 54 15.04 -49.74 33.39
CA GLY A 54 14.25 -50.41 34.41
C GLY A 54 12.89 -49.76 34.55
N TRP A 55 11.91 -50.45 35.15
CA TRP A 55 10.56 -49.89 35.24
C TRP A 55 10.51 -48.58 36.05
N VAL A 56 11.28 -48.46 37.14
CA VAL A 56 11.33 -47.20 37.91
C VAL A 56 12.07 -46.13 37.08
N GLU A 57 13.05 -46.54 36.25
CA GLU A 57 13.78 -45.60 35.41
C GLU A 57 12.93 -45.09 34.24
N TRP A 58 11.95 -45.89 33.77
CA TRP A 58 11.02 -45.48 32.70
C TRP A 58 10.07 -44.42 33.27
N LEU A 59 9.59 -44.61 34.52
CA LEU A 59 8.71 -43.65 35.19
C LEU A 59 9.40 -42.29 35.27
N GLN A 60 10.72 -42.26 35.55
CA GLN A 60 11.49 -41.01 35.59
C GLN A 60 11.62 -40.33 34.21
N TYR A 61 11.36 -41.07 33.11
CA TYR A 61 11.38 -40.51 31.75
C TYR A 61 9.99 -40.04 31.37
N SER A 62 9.00 -40.94 31.53
CA SER A 62 7.61 -40.71 31.13
C SER A 62 6.80 -39.88 32.12
N PHE A 63 6.90 -40.18 33.43
CA PHE A 63 6.20 -39.43 34.49
C PHE A 63 7.21 -38.86 35.50
N PRO A 64 8.15 -37.99 35.07
CA PRO A 64 9.14 -37.43 36.02
C PRO A 64 8.47 -36.83 37.24
N LEU A 65 8.97 -37.18 38.45
CA LEU A 65 8.37 -36.72 39.70
C LEU A 65 8.18 -35.22 39.73
N GLN A 66 7.08 -34.79 40.34
CA GLN A 66 6.74 -33.38 40.49
C GLN A 66 6.81 -33.04 41.96
N LEU A 67 8.02 -32.63 42.39
CA LEU A 67 8.34 -32.29 43.76
C LEU A 67 8.43 -30.78 43.97
N GLU A 68 8.29 -30.34 45.22
CA GLU A 68 8.39 -28.92 45.61
C GLU A 68 9.85 -28.55 45.83
N PRO A 69 10.21 -27.25 45.84
CA PRO A 69 11.60 -26.87 46.15
C PRO A 69 11.99 -27.17 47.61
N ASN A 83 4.57 -35.37 61.66
CA ASN A 83 4.41 -33.94 61.90
C ASN A 83 2.92 -33.59 62.05
N ARG A 84 2.10 -33.96 61.06
CA ARG A 84 0.65 -33.70 61.05
C ARG A 84 -0.02 -34.64 60.04
N ALA A 85 -0.76 -35.66 60.52
CA ALA A 85 -1.41 -36.67 59.67
C ALA A 85 -2.48 -36.11 58.74
N LEU A 86 -2.96 -36.94 57.78
CA LEU A 86 -3.99 -36.52 56.83
C LEU A 86 -4.73 -37.69 56.19
N LEU A 87 -5.99 -37.46 55.77
CA LEU A 87 -6.80 -38.48 55.10
C LEU A 87 -6.30 -38.72 53.68
N VAL A 88 -6.20 -40.00 53.27
CA VAL A 88 -5.71 -40.38 51.94
C VAL A 88 -6.56 -41.53 51.39
N ASN A 89 -7.04 -41.40 50.13
CA ASN A 89 -7.82 -42.45 49.45
C ASN A 89 -6.88 -43.23 48.51
N VAL A 90 -7.05 -44.56 48.42
CA VAL A 90 -6.20 -45.42 47.58
C VAL A 90 -7.09 -46.50 46.92
N LYS A 91 -6.63 -47.09 45.82
CA LYS A 91 -7.33 -48.19 45.14
C LYS A 91 -6.33 -49.00 44.29
N PHE A 92 -6.79 -50.05 43.59
CA PHE A 92 -5.96 -50.88 42.72
C PHE A 92 -6.40 -50.69 41.28
N GLU A 93 -5.51 -51.04 40.33
CA GLU A 93 -5.72 -50.82 38.90
C GLU A 93 -7.02 -51.39 38.32
N GLY A 94 -7.28 -52.67 38.53
CA GLY A 94 -8.48 -53.33 38.01
C GLY A 94 -9.76 -52.88 38.69
N SER A 95 -9.93 -53.27 39.96
CA SER A 95 -11.11 -52.97 40.77
C SER A 95 -11.32 -51.48 41.04
N GLU A 96 -12.55 -51.16 41.48
CA GLU A 96 -12.98 -49.81 41.84
C GLU A 96 -13.10 -49.68 43.38
N GLU A 97 -12.79 -50.77 44.13
CA GLU A 97 -12.87 -50.77 45.58
C GLU A 97 -11.77 -49.94 46.20
N SER A 98 -12.13 -48.80 46.80
CA SER A 98 -11.18 -47.89 47.42
C SER A 98 -11.13 -48.04 48.94
N PHE A 99 -9.95 -47.73 49.51
CA PHE A 99 -9.70 -47.77 50.95
C PHE A 99 -9.18 -46.40 51.36
N THR A 100 -9.64 -45.88 52.50
CA THR A 100 -9.19 -44.58 53.00
C THR A 100 -8.33 -44.79 54.24
N PHE A 101 -7.18 -44.09 54.28
CA PHE A 101 -6.23 -44.12 55.39
C PHE A 101 -6.07 -42.74 55.95
N GLN A 102 -5.34 -42.66 57.05
CA GLN A 102 -4.90 -41.43 57.68
C GLN A 102 -3.44 -41.70 57.97
N VAL A 103 -2.52 -40.99 57.31
CA VAL A 103 -1.08 -41.23 57.45
C VAL A 103 -0.31 -39.91 57.54
N SER A 104 0.95 -39.99 58.00
CA SER A 104 1.79 -38.81 58.20
C SER A 104 2.22 -38.09 56.92
N THR A 105 2.48 -36.78 57.03
CA THR A 105 3.00 -35.95 55.94
C THR A 105 4.44 -36.39 55.66
N LYS A 106 5.17 -36.78 56.72
CA LYS A 106 6.54 -37.26 56.63
C LYS A 106 6.65 -38.75 56.22
N ASP A 107 5.51 -39.46 56.01
CA ASP A 107 5.56 -40.87 55.61
C ASP A 107 6.07 -41.01 54.18
N MET A 108 6.82 -42.08 53.90
CA MET A 108 7.34 -42.36 52.57
C MET A 108 6.22 -42.96 51.72
N PRO A 109 6.31 -42.95 50.38
CA PRO A 109 5.25 -43.59 49.58
C PRO A 109 5.19 -45.11 49.80
N LEU A 110 6.31 -45.75 50.17
CA LEU A 110 6.33 -47.19 50.44
C LEU A 110 5.51 -47.53 51.70
N ALA A 111 5.57 -46.67 52.74
CA ALA A 111 4.78 -46.85 53.97
C ALA A 111 3.27 -46.80 53.64
N LEU A 112 2.90 -45.91 52.70
CA LEU A 112 1.53 -45.78 52.20
C LEU A 112 1.18 -47.03 51.39
N MET A 113 2.07 -47.41 50.44
CA MET A 113 1.88 -48.59 49.61
C MET A 113 1.73 -49.85 50.47
N ALA A 114 2.55 -49.95 51.53
CA ALA A 114 2.52 -51.08 52.46
C ALA A 114 1.14 -51.23 53.09
N CYS A 115 0.51 -50.12 53.52
CA CYS A 115 -0.83 -50.13 54.11
C CYS A 115 -1.85 -50.65 53.09
N ALA A 116 -1.79 -50.10 51.85
CA ALA A 116 -2.69 -50.49 50.75
C ALA A 116 -2.67 -51.99 50.46
N LEU A 117 -1.53 -52.67 50.70
CA LEU A 117 -1.43 -54.11 50.55
C LEU A 117 -2.07 -54.77 51.78
N ARG A 118 -1.81 -54.21 52.99
CA ARG A 118 -2.39 -54.74 54.23
C ARG A 118 -3.90 -54.61 54.27
N LYS A 119 -4.49 -53.56 53.66
CA LYS A 119 -5.95 -53.43 53.62
C LYS A 119 -6.56 -54.39 52.59
N LYS A 120 -5.84 -54.68 51.50
CA LYS A 120 -6.31 -55.65 50.50
C LYS A 120 -6.14 -57.05 51.10
N ALA A 121 -5.11 -57.26 51.96
CA ALA A 121 -4.86 -58.56 52.60
C ALA A 121 -6.02 -59.03 53.49
N THR A 122 -6.81 -58.10 54.07
CA THR A 122 -7.96 -58.43 54.92
C THR A 122 -9.23 -58.66 54.06
N VAL A 123 -9.50 -57.76 53.08
CA VAL A 123 -10.69 -57.84 52.22
C VAL A 123 -10.56 -58.95 51.16
N PHE A 124 -9.42 -58.99 50.44
CA PHE A 124 -9.16 -60.01 49.41
C PHE A 124 -8.81 -61.36 50.06
N ARG A 125 -8.38 -61.34 51.35
CA ARG A 125 -8.03 -62.51 52.16
C ARG A 125 -6.72 -63.19 51.71
N GLN A 126 -5.63 -62.40 51.69
CA GLN A 126 -4.27 -62.81 51.35
C GLN A 126 -4.15 -63.39 49.92
N GLN A 131 4.58 -57.79 48.13
CA GLN A 131 5.87 -57.09 48.11
C GLN A 131 5.64 -55.61 47.71
N PRO A 132 5.78 -54.63 48.64
CA PRO A 132 5.52 -53.21 48.28
C PRO A 132 6.44 -52.57 47.23
N GLU A 133 7.71 -52.96 47.18
CA GLU A 133 8.68 -52.40 46.24
C GLU A 133 8.29 -52.60 44.77
N GLU A 134 7.46 -53.62 44.47
CA GLU A 134 7.03 -53.93 43.10
C GLU A 134 5.89 -53.05 42.54
N TYR A 135 5.38 -52.07 43.30
CA TYR A 135 4.29 -51.22 42.84
C TYR A 135 4.70 -49.75 42.82
N ALA A 136 3.86 -48.92 42.20
CA ALA A 136 4.03 -47.47 42.12
C ALA A 136 2.67 -46.81 42.34
N LEU A 137 2.65 -45.60 42.90
CA LEU A 137 1.40 -44.89 43.18
C LEU A 137 1.06 -43.87 42.10
N GLN A 138 0.04 -44.18 41.28
CA GLN A 138 -0.41 -43.33 40.17
C GLN A 138 -1.48 -42.35 40.61
N VAL A 139 -1.29 -41.03 40.38
CA VAL A 139 -2.30 -40.04 40.72
C VAL A 139 -3.46 -40.25 39.75
N ASN A 140 -4.65 -40.55 40.29
CA ASN A 140 -5.89 -40.79 39.53
C ASN A 140 -6.20 -39.71 38.50
N GLY A 141 -6.43 -40.13 37.24
CA GLY A 141 -6.74 -39.25 36.13
C GLY A 141 -5.69 -38.16 35.88
N ARG A 142 -4.41 -38.52 36.03
CA ARG A 142 -3.27 -37.63 35.83
C ARG A 142 -2.04 -38.43 35.36
N HIS A 143 -1.12 -37.79 34.63
CA HIS A 143 0.14 -38.40 34.16
C HIS A 143 1.20 -38.02 35.19
N GLU A 144 0.94 -38.42 36.44
CA GLU A 144 1.77 -38.11 37.59
C GLU A 144 1.82 -39.34 38.47
N TYR A 145 3.00 -39.64 39.02
CA TYR A 145 3.22 -40.78 39.89
C TYR A 145 3.96 -40.33 41.15
N LEU A 146 3.84 -41.13 42.20
CA LEU A 146 4.44 -40.91 43.52
C LEU A 146 5.35 -42.09 43.84
N TYR A 147 6.67 -41.86 43.89
CA TYR A 147 7.67 -42.89 44.17
C TYR A 147 8.96 -42.23 44.65
N GLY A 148 9.95 -43.05 45.01
CA GLY A 148 11.24 -42.57 45.48
C GLY A 148 11.30 -42.34 46.98
N ASN A 149 12.51 -42.04 47.49
CA ASN A 149 12.73 -41.77 48.92
C ASN A 149 12.41 -40.31 49.21
N TYR A 150 11.10 -39.99 49.36
CA TYR A 150 10.63 -38.63 49.61
C TYR A 150 9.44 -38.61 50.57
N PRO A 151 9.47 -37.80 51.66
CA PRO A 151 8.25 -37.69 52.51
C PRO A 151 7.10 -37.14 51.68
N LEU A 152 5.88 -37.64 51.90
CA LEU A 152 4.75 -37.26 51.06
C LEU A 152 4.46 -35.74 50.96
N CYS A 153 4.89 -34.92 51.93
CA CYS A 153 4.72 -33.47 51.86
C CYS A 153 5.68 -32.77 50.87
N HIS A 154 6.53 -33.53 50.13
CA HIS A 154 7.43 -32.96 49.12
C HIS A 154 6.80 -33.01 47.72
N PHE A 155 5.74 -33.82 47.50
CA PHE A 155 5.07 -33.92 46.19
C PHE A 155 4.14 -32.74 45.95
N GLN A 156 3.94 -32.34 44.67
CA GLN A 156 3.06 -31.23 44.31
C GLN A 156 1.59 -31.58 44.52
N TYR A 157 1.18 -32.80 44.13
CA TYR A 157 -0.21 -33.26 44.27
C TYR A 157 -0.63 -33.44 45.73
N ILE A 158 0.32 -33.79 46.62
CA ILE A 158 0.03 -33.96 48.05
C ILE A 158 0.08 -32.60 48.71
N CYS A 159 1.13 -31.79 48.42
CA CYS A 159 1.28 -30.44 48.97
C CYS A 159 0.08 -29.58 48.56
N SER A 160 -0.44 -29.78 47.33
CA SER A 160 -1.62 -29.09 46.82
C SER A 160 -2.80 -29.44 47.73
N CYS A 161 -3.02 -30.75 47.94
CA CYS A 161 -4.10 -31.27 48.78
C CYS A 161 -4.05 -30.78 50.24
N LEU A 162 -2.84 -30.49 50.81
CA LEU A 162 -2.71 -29.97 52.18
C LEU A 162 -3.37 -28.60 52.27
N HIS A 163 -2.85 -27.64 51.48
CA HIS A 163 -3.35 -26.26 51.45
C HIS A 163 -4.82 -26.23 51.05
N SER A 164 -5.12 -26.82 49.88
CA SER A 164 -6.48 -26.83 49.34
C SER A 164 -7.50 -27.66 50.13
N GLY A 165 -7.05 -28.58 50.97
CA GLY A 165 -7.95 -29.40 51.77
C GLY A 165 -8.67 -30.51 51.01
N LEU A 166 -8.18 -30.87 49.82
CA LEU A 166 -8.77 -31.96 49.02
C LEU A 166 -8.13 -33.26 49.49
N THR A 167 -8.65 -34.41 49.04
CA THR A 167 -8.13 -35.72 49.44
C THR A 167 -7.37 -36.42 48.30
N PRO A 168 -6.11 -36.86 48.53
CA PRO A 168 -5.41 -37.63 47.49
C PRO A 168 -6.06 -39.00 47.21
N HIS A 169 -6.35 -39.28 45.93
CA HIS A 169 -6.92 -40.52 45.44
C HIS A 169 -5.87 -41.09 44.49
N LEU A 170 -5.28 -42.24 44.82
CA LEU A 170 -4.19 -42.83 44.03
C LEU A 170 -4.47 -44.29 43.68
N THR A 171 -3.87 -44.78 42.59
CA THR A 171 -4.01 -46.17 42.13
C THR A 171 -2.69 -46.93 42.31
N MET A 172 -2.76 -48.20 42.73
CA MET A 172 -1.60 -49.10 42.92
C MET A 172 -1.34 -49.85 41.60
N VAL A 173 -0.27 -49.48 40.89
CA VAL A 173 0.10 -50.05 39.59
C VAL A 173 1.32 -50.96 39.75
N HIS A 174 1.17 -52.27 39.45
CA HIS A 174 2.27 -53.23 39.57
C HIS A 174 3.35 -52.99 38.51
N SER A 175 4.61 -53.38 38.82
CA SER A 175 5.78 -53.26 37.94
C SER A 175 5.50 -53.73 36.51
N SER A 176 4.87 -54.90 36.37
CA SER A 176 4.53 -55.48 35.06
C SER A 176 3.59 -54.59 34.24
N SER A 177 2.69 -53.84 34.91
CA SER A 177 1.77 -52.93 34.23
C SER A 177 2.49 -51.68 33.69
N ILE A 178 3.62 -51.29 34.30
CA ILE A 178 4.44 -50.17 33.82
C ILE A 178 5.26 -50.69 32.65
N LEU A 179 5.85 -51.90 32.78
CA LEU A 179 6.64 -52.53 31.72
C LEU A 179 5.79 -52.89 30.50
N ALA A 180 4.47 -53.06 30.67
CA ALA A 180 3.55 -53.31 29.55
C ALA A 180 3.46 -52.05 28.68
N MET A 181 3.65 -50.85 29.28
CA MET A 181 3.63 -49.59 28.55
C MET A 181 4.96 -49.42 27.84
N ARG A 182 6.09 -49.56 28.57
CA ARG A 182 7.43 -49.47 27.98
C ARG A 182 7.54 -50.29 26.68
N ASP A 183 6.90 -51.48 26.64
CA ASP A 183 6.87 -52.33 25.46
C ASP A 183 5.91 -51.79 24.39
N GLU A 184 4.71 -51.26 24.78
CA GLU A 184 3.74 -50.70 23.83
C GLU A 184 4.08 -49.27 23.37
N GLN A 185 5.09 -48.62 24.00
CA GLN A 185 5.56 -47.28 23.62
C GLN A 185 6.97 -47.44 23.02
N SER A 186 7.12 -48.45 22.12
CA SER A 186 8.35 -48.81 21.45
C SER A 186 8.30 -48.45 19.97
N ASN A 187 9.40 -47.93 19.43
CA ASN A 187 9.50 -47.53 18.02
C ASN A 187 9.70 -48.75 17.12
N LEU A 212 44.74 -22.00 5.42
CA LEU A 212 45.78 -22.04 6.44
C LEU A 212 46.49 -20.68 6.61
N TRP A 213 47.54 -20.62 7.46
CA TRP A 213 48.26 -19.38 7.78
C TRP A 213 48.97 -18.68 6.61
N SER A 214 49.35 -19.43 5.55
CA SER A 214 50.09 -18.90 4.39
C SER A 214 49.38 -17.76 3.62
N LEU A 215 48.06 -17.66 3.71
CA LEU A 215 47.29 -16.64 2.99
C LEU A 215 47.38 -15.28 3.70
N GLU A 216 48.45 -14.52 3.41
CA GLU A 216 48.68 -13.20 4.03
C GLU A 216 48.10 -12.01 3.25
N GLN A 217 47.50 -12.23 2.07
CA GLN A 217 46.91 -11.17 1.27
C GLN A 217 45.73 -10.50 1.98
N PRO A 218 45.38 -9.23 1.69
CA PRO A 218 44.21 -8.63 2.37
C PRO A 218 42.92 -9.28 1.91
N PHE A 219 41.93 -9.38 2.80
CA PHE A 219 40.64 -9.99 2.46
C PHE A 219 39.83 -9.05 1.58
N SER A 220 39.13 -9.61 0.59
CA SER A 220 38.32 -8.83 -0.35
C SER A 220 37.28 -9.71 -1.04
N ILE A 221 36.22 -9.08 -1.60
CA ILE A 221 35.15 -9.74 -2.35
C ILE A 221 34.70 -8.80 -3.46
N GLU A 222 33.98 -9.31 -4.48
CA GLU A 222 33.48 -8.47 -5.56
C GLU A 222 31.95 -8.39 -5.58
N LEU A 223 31.41 -7.17 -5.41
CA LEU A 223 29.97 -6.91 -5.42
C LEU A 223 29.48 -6.80 -6.86
N ILE A 224 28.85 -7.86 -7.41
CA ILE A 224 28.42 -7.90 -8.81
C ILE A 224 27.08 -7.14 -9.10
N GLU A 225 25.91 -7.77 -8.87
CA GLU A 225 24.59 -7.22 -9.22
C GLU A 225 23.44 -7.76 -8.33
N GLY A 226 22.27 -7.10 -8.39
CA GLY A 226 21.08 -7.48 -7.62
C GLY A 226 19.75 -7.21 -8.32
N ARG A 227 18.67 -6.93 -7.53
CA ARG A 227 17.31 -6.64 -8.05
C ARG A 227 16.32 -6.27 -6.93
N LYS A 228 15.80 -5.02 -6.93
CA LYS A 228 14.91 -4.54 -5.86
C LYS A 228 13.89 -3.47 -6.30
N VAL A 229 13.06 -2.96 -5.32
CA VAL A 229 12.06 -1.92 -5.56
C VAL A 229 12.09 -0.80 -4.49
N ASN A 230 12.42 0.47 -4.89
CA ASN A 230 12.35 1.64 -4.00
C ASN A 230 12.50 2.97 -4.77
N ALA A 231 12.03 4.09 -4.17
CA ALA A 231 12.05 5.42 -4.79
C ALA A 231 13.39 6.11 -4.61
N MET A 235 17.13 9.88 -5.51
CA MET A 235 18.05 9.27 -4.57
C MET A 235 18.97 8.25 -5.27
N LYS A 236 19.94 7.70 -4.53
CA LYS A 236 20.89 6.69 -5.03
C LYS A 236 21.03 5.57 -4.00
N LEU A 237 21.52 4.40 -4.44
CA LEU A 237 21.72 3.23 -3.59
C LEU A 237 23.18 3.12 -3.15
N VAL A 238 23.40 2.50 -1.98
CA VAL A 238 24.72 2.25 -1.39
C VAL A 238 24.69 0.84 -0.79
N VAL A 239 25.85 0.14 -0.75
CA VAL A 239 25.94 -1.21 -0.17
C VAL A 239 27.06 -1.22 0.86
N GLN A 240 26.72 -1.00 2.13
CA GLN A 240 27.69 -1.03 3.22
C GLN A 240 27.87 -2.45 3.70
N ALA A 241 29.10 -2.98 3.60
CA ALA A 241 29.45 -4.30 4.09
C ALA A 241 30.22 -4.11 5.41
N GLY A 242 30.66 -5.21 6.02
CA GLY A 242 31.40 -5.15 7.28
C GLY A 242 31.54 -6.51 7.91
N LEU A 243 32.76 -6.86 8.37
CA LEU A 243 33.01 -8.16 9.00
C LEU A 243 32.73 -8.11 10.49
N PHE A 244 32.36 -9.27 11.07
CA PHE A 244 32.10 -9.40 12.50
C PHE A 244 32.43 -10.79 13.06
N HIS A 245 32.65 -10.86 14.38
CA HIS A 245 32.88 -12.10 15.15
C HIS A 245 32.21 -11.89 16.53
N GLY A 246 30.88 -11.84 16.49
CA GLY A 246 30.02 -11.57 17.63
C GLY A 246 29.42 -10.20 17.40
N ASN A 247 29.33 -9.36 18.44
CA ASN A 247 28.84 -7.99 18.29
C ASN A 247 29.96 -7.10 17.70
N GLU A 248 31.24 -7.47 17.96
CA GLU A 248 32.41 -6.70 17.56
C GLU A 248 32.81 -6.92 16.10
N MET A 249 33.38 -5.87 15.48
CA MET A 249 33.80 -5.92 14.07
C MET A 249 35.21 -6.48 13.95
N LEU A 250 35.46 -7.37 12.96
CA LEU A 250 36.81 -7.87 12.72
C LEU A 250 37.70 -6.81 12.04
N CYS A 251 37.10 -5.79 11.41
CA CYS A 251 37.83 -4.67 10.81
C CYS A 251 36.85 -3.51 10.58
N LYS A 252 37.21 -2.48 9.80
CA LYS A 252 36.29 -1.35 9.58
C LYS A 252 35.22 -1.68 8.53
N THR A 253 34.21 -0.81 8.42
CA THR A 253 33.12 -0.95 7.44
C THR A 253 33.61 -0.45 6.08
N VAL A 254 33.11 -1.04 4.98
CA VAL A 254 33.50 -0.66 3.61
C VAL A 254 32.26 -0.42 2.73
N SER A 255 31.82 0.86 2.60
CA SER A 255 30.66 1.22 1.77
C SER A 255 31.03 1.27 0.29
N SER A 256 30.06 1.03 -0.60
CA SER A 256 30.27 1.07 -2.05
C SER A 256 29.92 2.45 -2.63
N SER A 257 29.99 2.60 -3.96
CA SER A 257 29.69 3.84 -4.67
C SER A 257 28.18 4.09 -4.76
N GLU A 258 27.79 5.25 -5.30
CA GLU A 258 26.39 5.62 -5.45
C GLU A 258 25.80 5.27 -6.83
N VAL A 259 25.05 4.14 -6.95
CA VAL A 259 24.34 3.74 -8.18
C VAL A 259 22.92 4.35 -8.06
N ASN A 260 22.26 4.67 -9.19
CA ASN A 260 20.95 5.32 -9.19
C ASN A 260 19.78 4.47 -8.68
N VAL A 261 18.67 5.17 -8.33
CA VAL A 261 17.43 4.60 -7.76
C VAL A 261 16.75 3.59 -8.70
N CYS A 262 16.53 3.93 -9.99
CA CYS A 262 15.87 2.98 -10.89
C CYS A 262 16.80 1.78 -11.01
N SER A 263 16.53 0.71 -10.24
CA SER A 263 17.49 -0.37 -10.31
C SER A 263 17.03 -1.82 -10.10
N GLU A 264 17.74 -2.59 -10.91
CA GLU A 264 18.10 -3.97 -11.05
C GLU A 264 19.59 -3.63 -11.21
N PRO A 265 20.33 -3.39 -10.10
CA PRO A 265 21.65 -2.77 -10.23
C PRO A 265 22.81 -3.70 -10.51
N VAL A 266 23.95 -3.09 -10.92
CA VAL A 266 25.23 -3.74 -11.20
C VAL A 266 26.30 -2.82 -10.57
N TRP A 267 27.32 -3.41 -9.95
CA TRP A 267 28.40 -2.67 -9.28
C TRP A 267 29.76 -3.12 -9.79
N LYS A 268 30.05 -4.41 -9.62
CA LYS A 268 31.30 -5.07 -9.99
C LYS A 268 32.55 -4.34 -9.45
N GLN A 269 32.53 -4.03 -8.14
CA GLN A 269 33.62 -3.37 -7.43
C GLN A 269 34.28 -4.33 -6.45
N ARG A 270 35.61 -4.48 -6.51
CA ARG A 270 36.34 -5.34 -5.58
C ARG A 270 36.44 -4.64 -4.22
N LEU A 271 35.52 -4.95 -3.29
CA LEU A 271 35.55 -4.34 -1.96
C LEU A 271 36.63 -5.05 -1.13
N GLU A 272 37.69 -4.32 -0.76
CA GLU A 272 38.81 -4.85 0.02
C GLU A 272 38.70 -4.47 1.49
N PHE A 273 38.76 -5.47 2.35
CA PHE A 273 38.69 -5.33 3.80
C PHE A 273 40.09 -5.23 4.40
N ASP A 274 40.17 -4.57 5.56
CA ASP A 274 41.40 -4.34 6.31
C ASP A 274 41.68 -5.51 7.28
N ILE A 275 41.92 -6.71 6.72
CA ILE A 275 42.23 -7.92 7.49
C ILE A 275 42.84 -8.98 6.57
N SER A 276 43.83 -9.73 7.05
CA SER A 276 44.50 -10.78 6.28
C SER A 276 43.59 -12.01 6.11
N VAL A 277 43.80 -12.79 5.05
CA VAL A 277 43.01 -13.98 4.75
C VAL A 277 43.26 -15.13 5.77
N CYS A 278 44.42 -15.14 6.44
CA CYS A 278 44.73 -16.13 7.49
C CYS A 278 44.21 -15.66 8.86
N ASP A 279 44.14 -14.33 9.09
CA ASP A 279 43.64 -13.74 10.34
C ASP A 279 42.16 -14.04 10.64
N LEU A 280 41.38 -14.47 9.63
CA LEU A 280 39.94 -14.76 9.77
C LEU A 280 39.63 -15.88 10.80
N PRO A 281 38.77 -15.61 11.81
CA PRO A 281 38.40 -16.67 12.77
C PRO A 281 37.31 -17.57 12.21
N ARG A 282 37.40 -18.89 12.48
CA ARG A 282 36.48 -19.95 12.03
C ARG A 282 34.99 -19.54 11.94
N MET A 283 34.50 -18.68 12.84
CA MET A 283 33.11 -18.20 12.84
C MET A 283 33.08 -16.73 12.37
N ALA A 284 33.75 -16.44 11.25
CA ALA A 284 33.79 -15.08 10.69
C ALA A 284 32.46 -14.82 10.02
N ARG A 285 31.88 -13.65 10.26
CA ARG A 285 30.57 -13.29 9.74
C ARG A 285 30.65 -12.02 8.91
N LEU A 286 30.24 -12.09 7.62
CA LEU A 286 30.23 -10.93 6.73
C LEU A 286 28.80 -10.49 6.52
N CYS A 287 28.50 -9.23 6.87
CA CYS A 287 27.18 -8.61 6.76
C CYS A 287 27.14 -7.64 5.61
N PHE A 288 25.91 -7.26 5.22
CA PHE A 288 25.65 -6.34 4.13
C PHE A 288 24.38 -5.56 4.44
N ALA A 289 24.27 -4.34 3.91
CA ALA A 289 23.07 -3.53 4.09
C ALA A 289 22.83 -2.63 2.90
N LEU A 290 21.68 -2.81 2.23
CA LEU A 290 21.29 -2.01 1.08
C LEU A 290 20.38 -0.90 1.58
N TYR A 291 20.58 0.32 1.10
CA TYR A 291 19.79 1.47 1.52
C TYR A 291 19.92 2.64 0.55
N ALA A 292 18.85 3.44 0.39
CA ALA A 292 18.87 4.61 -0.48
C ALA A 292 19.39 5.82 0.31
N VAL A 293 19.99 6.81 -0.40
CA VAL A 293 20.55 8.02 0.22
C VAL A 293 20.37 9.24 -0.70
N VAL A 294 20.22 10.44 -0.10
CA VAL A 294 20.05 11.69 -0.85
C VAL A 294 21.45 12.20 -1.23
N ASP A 311 18.60 9.50 5.10
CA ASP A 311 18.76 8.06 4.86
C ASP A 311 17.42 7.37 4.59
N CYS A 312 17.49 6.10 4.16
CA CYS A 312 16.33 5.28 3.84
C CYS A 312 16.75 3.79 3.87
N PRO A 313 16.46 3.05 4.96
CA PRO A 313 16.84 1.62 4.99
C PRO A 313 16.00 0.81 4.02
N ILE A 314 16.60 -0.23 3.40
CA ILE A 314 15.89 -1.06 2.43
C ILE A 314 15.97 -2.51 2.86
N ALA A 315 17.18 -3.13 2.85
CA ALA A 315 17.31 -4.53 3.22
C ALA A 315 18.66 -4.90 3.83
N TRP A 316 18.79 -6.15 4.32
CA TRP A 316 20.02 -6.66 4.92
C TRP A 316 20.24 -8.12 4.55
N ALA A 317 21.49 -8.61 4.67
CA ALA A 317 21.84 -10.00 4.42
C ALA A 317 23.20 -10.30 5.05
N ASN A 318 23.41 -11.57 5.52
CA ASN A 318 24.66 -12.00 6.16
C ASN A 318 25.03 -13.43 5.77
N LEU A 319 26.30 -13.81 6.00
CA LEU A 319 26.74 -15.20 5.80
C LEU A 319 28.10 -15.50 6.44
N MET A 320 28.33 -16.79 6.72
CA MET A 320 29.57 -17.28 7.28
C MET A 320 30.57 -17.48 6.15
N LEU A 321 31.76 -16.85 6.24
CA LEU A 321 32.82 -16.99 5.22
C LEU A 321 33.32 -18.42 5.17
N PHE A 322 33.27 -19.13 6.30
CA PHE A 322 33.61 -20.54 6.36
C PHE A 322 32.32 -21.31 6.14
N ASP A 323 32.42 -22.53 5.62
CA ASP A 323 31.26 -23.39 5.40
C ASP A 323 31.02 -24.20 6.67
N TYR A 324 30.09 -25.17 6.63
CA TYR A 324 29.82 -26.01 7.79
C TYR A 324 30.95 -27.05 7.99
N LYS A 325 31.55 -27.55 6.89
CA LYS A 325 32.65 -28.52 6.94
C LYS A 325 34.06 -27.91 7.24
N ASP A 326 34.13 -26.62 7.67
CA ASP A 326 35.35 -25.89 8.05
C ASP A 326 36.17 -25.31 6.88
N GLN A 327 35.72 -25.48 5.63
CA GLN A 327 36.41 -25.00 4.43
C GLN A 327 35.95 -23.58 4.06
N LEU A 328 36.87 -22.77 3.49
CA LEU A 328 36.50 -21.40 3.10
C LEU A 328 35.52 -21.45 1.92
N LYS A 329 34.59 -20.47 1.87
CA LYS A 329 33.58 -20.41 0.82
C LYS A 329 34.13 -19.76 -0.45
N THR A 330 33.97 -20.49 -1.57
CA THR A 330 34.49 -20.28 -2.92
C THR A 330 34.07 -19.01 -3.65
N GLY A 331 33.75 -19.13 -4.94
CA GLY A 331 33.49 -18.07 -5.86
C GLY A 331 32.19 -17.32 -5.78
N GLU A 332 31.11 -17.75 -6.45
CA GLU A 332 29.96 -16.87 -6.49
C GLU A 332 28.83 -17.31 -5.60
N ARG A 333 28.20 -16.36 -4.88
CA ARG A 333 27.12 -16.65 -3.94
C ARG A 333 25.93 -15.72 -4.14
N CYS A 334 24.71 -16.28 -4.24
CA CYS A 334 23.47 -15.52 -4.35
C CYS A 334 22.87 -15.42 -2.95
N LEU A 335 22.60 -14.19 -2.48
CA LEU A 335 22.12 -13.93 -1.13
C LEU A 335 20.81 -13.12 -1.14
N TYR A 336 19.69 -13.79 -0.82
CA TYR A 336 18.35 -13.18 -0.80
C TYR A 336 18.15 -12.39 0.50
N MET A 337 17.93 -11.08 0.37
CA MET A 337 17.84 -10.14 1.49
C MET A 337 16.49 -10.01 2.23
N TRP A 338 16.59 -9.74 3.55
CA TRP A 338 15.44 -9.54 4.44
C TRP A 338 15.23 -8.02 4.62
N PRO A 339 14.00 -7.51 4.77
CA PRO A 339 13.81 -6.04 4.87
C PRO A 339 14.13 -5.41 6.23
N SER A 340 14.55 -4.13 6.19
CA SER A 340 14.95 -3.34 7.37
C SER A 340 13.86 -2.36 7.86
N VAL A 341 13.46 -2.52 9.15
CA VAL A 341 12.44 -1.76 9.91
C VAL A 341 11.25 -1.34 9.04
N LEU A 348 21.47 0.47 11.54
CA LEU A 348 21.86 0.54 10.14
C LEU A 348 22.39 -0.80 9.61
N LEU A 349 23.21 -1.50 10.42
CA LEU A 349 23.80 -2.81 10.08
C LEU A 349 23.30 -3.82 11.14
N ASN A 350 23.26 -5.13 10.81
CA ASN A 350 22.71 -6.15 11.70
C ASN A 350 23.51 -7.48 11.74
N PRO A 351 24.51 -7.61 12.66
CA PRO A 351 25.28 -8.88 12.71
C PRO A 351 24.57 -10.08 13.33
N ALA A 352 23.61 -9.83 14.24
CA ALA A 352 22.85 -10.89 14.91
C ALA A 352 21.94 -11.69 13.97
N GLY A 353 21.39 -11.03 12.96
CA GLY A 353 20.52 -11.62 11.95
C GLY A 353 21.04 -12.93 11.37
N THR A 354 20.12 -13.85 11.00
CA THR A 354 20.50 -15.18 10.54
C THR A 354 21.42 -15.21 9.30
N VAL A 355 22.19 -16.31 9.22
CA VAL A 355 23.16 -16.60 8.17
C VAL A 355 22.58 -17.63 7.19
N ARG A 356 21.37 -17.36 6.71
CA ARG A 356 20.66 -18.17 5.72
C ARG A 356 19.79 -17.23 4.90
N GLY A 357 19.74 -17.47 3.58
CA GLY A 357 19.01 -16.63 2.66
C GLY A 357 17.52 -16.62 2.88
N ASN A 358 16.86 -15.51 2.49
CA ASN A 358 15.41 -15.36 2.60
C ASN A 358 14.70 -16.48 1.82
N PRO A 359 13.82 -17.29 2.46
CA PRO A 359 13.14 -18.37 1.72
C PRO A 359 12.13 -17.94 0.66
N ASN A 360 11.70 -16.66 0.66
CA ASN A 360 10.80 -16.11 -0.35
C ASN A 360 11.65 -15.76 -1.59
N THR A 361 12.24 -16.79 -2.25
CA THR A 361 13.11 -16.60 -3.42
C THR A 361 12.49 -15.69 -4.50
N GLU A 362 11.15 -15.61 -4.54
CA GLU A 362 10.42 -14.77 -5.49
C GLU A 362 10.53 -13.29 -5.15
N SER A 363 9.70 -12.77 -4.22
CA SER A 363 9.70 -11.33 -3.90
C SER A 363 10.98 -10.80 -3.24
N ALA A 364 11.80 -11.67 -2.60
CA ALA A 364 13.03 -11.22 -1.93
C ALA A 364 14.10 -10.69 -2.88
N ALA A 365 14.61 -9.47 -2.59
CA ALA A 365 15.68 -8.83 -3.37
C ALA A 365 16.99 -9.60 -3.15
N ALA A 366 17.62 -10.07 -4.24
CA ALA A 366 18.85 -10.88 -4.18
C ALA A 366 20.14 -10.08 -4.35
N LEU A 367 21.29 -10.76 -4.13
CA LEU A 367 22.61 -10.19 -4.29
C LEU A 367 23.63 -11.28 -4.62
N VAL A 368 24.24 -11.23 -5.83
CA VAL A 368 25.30 -12.18 -6.22
C VAL A 368 26.63 -11.50 -5.95
N ILE A 369 27.56 -12.20 -5.27
CA ILE A 369 28.87 -11.66 -4.93
C ILE A 369 29.92 -12.69 -5.23
N TYR A 370 31.18 -12.27 -5.51
CA TYR A 370 32.27 -13.21 -5.75
C TYR A 370 33.26 -13.23 -4.57
N LEU A 371 33.51 -14.42 -4.03
CA LEU A 371 34.46 -14.73 -2.96
C LEU A 371 35.74 -15.30 -3.64
N PRO A 372 36.81 -14.51 -3.73
CA PRO A 372 38.01 -14.94 -4.46
C PRO A 372 38.56 -16.35 -4.18
N GLU A 373 39.20 -16.92 -5.23
CA GLU A 373 39.83 -18.23 -5.17
C GLU A 373 41.24 -17.94 -4.64
N VAL A 374 41.52 -18.40 -3.41
CA VAL A 374 42.78 -18.12 -2.72
C VAL A 374 43.94 -19.07 -3.12
N ALA A 375 43.65 -20.24 -3.74
CA ALA A 375 44.69 -21.17 -4.16
C ALA A 375 44.23 -22.09 -5.28
N PRO A 378 42.05 -26.47 -2.02
CA PRO A 378 41.15 -26.64 -0.87
C PRO A 378 41.78 -26.18 0.45
N VAL A 379 41.10 -25.25 1.17
CA VAL A 379 41.59 -24.70 2.45
C VAL A 379 40.57 -24.88 3.60
N TYR A 380 40.80 -25.90 4.45
CA TYR A 380 39.98 -26.16 5.63
C TYR A 380 40.51 -25.29 6.79
N PHE A 381 39.77 -25.19 7.89
CA PHE A 381 40.25 -24.45 9.07
C PHE A 381 41.20 -25.42 9.79
N PRO A 382 42.28 -24.95 10.44
CA PRO A 382 43.20 -25.93 11.05
C PRO A 382 42.57 -26.74 12.17
N ALA A 383 42.99 -28.01 12.29
CA ALA A 383 42.51 -28.90 13.36
C ALA A 383 43.00 -28.37 14.71
N LEU A 384 42.51 -28.96 15.80
CA LEU A 384 42.88 -28.50 17.14
C LEU A 384 44.37 -28.67 17.39
N GLU A 385 44.96 -29.82 17.00
CA GLU A 385 46.41 -30.09 17.14
C GLU A 385 47.28 -28.93 16.64
N LYS A 386 46.93 -28.34 15.48
CA LYS A 386 47.67 -27.20 14.92
C LYS A 386 47.47 -25.95 15.78
N ILE A 387 46.23 -25.72 16.25
CA ILE A 387 45.87 -24.59 17.11
C ILE A 387 46.54 -24.75 18.50
N LEU A 388 46.74 -26.02 18.96
CA LEU A 388 47.36 -26.33 20.25
C LEU A 388 48.88 -26.06 20.23
N GLU A 389 49.55 -26.29 19.08
CA GLU A 389 50.98 -26.02 18.97
C GLU A 389 51.26 -24.53 19.14
N LEU A 390 50.57 -23.66 18.37
CA LEU A 390 50.72 -22.20 18.51
C LEU A 390 49.98 -21.76 19.78
N GLN A 404 52.59 -7.71 39.78
CA GLN A 404 51.86 -7.68 38.51
C GLN A 404 50.36 -8.04 38.72
N LEU A 405 50.07 -9.20 39.40
CA LEU A 405 48.69 -9.64 39.75
C LEU A 405 47.98 -8.67 40.72
N GLN A 406 48.69 -7.61 41.09
CA GLN A 406 48.30 -6.56 42.01
C GLN A 406 47.08 -5.73 41.53
N LEU A 407 47.27 -4.56 40.85
CA LEU A 407 46.16 -3.72 40.35
C LEU A 407 45.23 -4.50 39.38
N ARG A 408 45.46 -5.81 39.25
CA ARG A 408 44.71 -6.70 38.38
C ARG A 408 43.27 -6.84 38.83
N GLU A 409 43.05 -7.15 40.12
CA GLU A 409 41.71 -7.34 40.67
C GLU A 409 40.91 -6.04 40.74
N ILE A 410 41.55 -4.89 41.06
CA ILE A 410 40.88 -3.58 41.21
C ILE A 410 39.85 -3.27 40.10
N LEU A 411 40.15 -3.64 38.85
CA LEU A 411 39.26 -3.42 37.71
C LEU A 411 38.28 -4.58 37.54
N GLU A 412 38.75 -5.81 37.82
CA GLU A 412 37.99 -7.05 37.63
C GLU A 412 36.85 -7.24 38.65
N ARG A 413 35.75 -6.46 38.48
CA ARG A 413 34.53 -6.56 39.28
C ARG A 413 33.43 -5.65 38.72
N GLU A 418 32.78 -3.63 30.69
CA GLU A 418 33.53 -2.64 29.93
C GLU A 418 34.79 -2.21 30.67
N LEU A 419 35.83 -1.83 29.91
CA LEU A 419 37.15 -1.44 30.46
C LEU A 419 38.01 -0.73 29.39
N TYR A 420 38.99 0.09 29.81
CA TYR A 420 39.85 0.85 28.89
C TYR A 420 40.86 0.00 28.15
N GLU A 421 41.49 0.57 27.09
CA GLU A 421 42.47 -0.17 26.29
C GLU A 421 43.71 -0.51 27.12
N HIS A 422 44.20 0.40 27.98
CA HIS A 422 45.34 0.10 28.85
C HIS A 422 44.96 -1.07 29.80
N GLU A 423 43.69 -1.11 30.25
CA GLU A 423 43.18 -2.20 31.08
C GLU A 423 43.00 -3.49 30.26
N LYS A 424 42.47 -3.38 29.02
CA LYS A 424 42.29 -4.55 28.14
C LYS A 424 43.62 -5.28 27.88
N ASP A 425 44.69 -4.50 27.65
CA ASP A 425 46.05 -4.99 27.41
C ASP A 425 46.55 -5.74 28.65
N LEU A 426 46.30 -5.14 29.84
CA LEU A 426 46.64 -5.70 31.16
C LEU A 426 46.05 -7.11 31.28
N VAL A 427 44.74 -7.24 30.99
CA VAL A 427 43.99 -8.50 31.10
C VAL A 427 44.52 -9.57 30.13
N TRP A 428 44.82 -9.18 28.89
CA TRP A 428 45.33 -10.11 27.88
C TRP A 428 46.72 -10.64 28.28
N LYS A 429 47.60 -9.71 28.72
CA LYS A 429 48.97 -10.01 29.16
C LYS A 429 49.02 -11.07 30.28
N MET A 430 48.10 -10.97 31.26
CA MET A 430 48.07 -11.86 32.43
C MET A 430 47.14 -13.08 32.30
N ARG A 431 46.73 -13.42 31.08
CA ARG A 431 45.80 -14.52 30.79
C ARG A 431 46.09 -15.89 31.48
N HIS A 432 47.36 -16.24 31.78
CA HIS A 432 47.64 -17.52 32.43
C HIS A 432 47.12 -17.55 33.86
N GLU A 433 47.40 -16.48 34.63
CA GLU A 433 46.95 -16.38 36.02
C GLU A 433 45.44 -16.24 36.13
N VAL A 434 44.76 -15.79 35.06
CA VAL A 434 43.30 -15.73 35.01
C VAL A 434 42.82 -17.18 35.02
N GLN A 435 43.40 -18.08 34.19
CA GLN A 435 43.01 -19.50 34.22
C GLN A 435 43.29 -20.10 35.58
N GLU A 436 44.52 -19.91 36.07
CA GLU A 436 44.98 -20.51 37.31
C GLU A 436 44.36 -19.93 38.59
N HIS A 437 43.90 -18.65 38.61
CA HIS A 437 43.32 -18.08 39.85
C HIS A 437 42.03 -17.24 39.69
N PHE A 438 41.44 -17.13 38.49
CA PHE A 438 40.17 -16.42 38.26
C PHE A 438 39.41 -17.09 37.09
N PRO A 439 39.20 -18.43 37.13
CA PRO A 439 38.54 -19.09 35.98
C PRO A 439 37.16 -18.54 35.60
N GLU A 440 36.40 -18.08 36.59
CA GLU A 440 35.08 -17.52 36.36
C GLU A 440 35.11 -16.18 35.59
N ALA A 441 36.29 -15.54 35.45
CA ALA A 441 36.45 -14.30 34.67
C ALA A 441 36.66 -14.56 33.16
N LEU A 442 36.70 -15.85 32.73
CA LEU A 442 36.87 -16.28 31.33
C LEU A 442 36.17 -15.40 30.28
N ALA A 443 34.93 -14.98 30.57
CA ALA A 443 34.14 -14.16 29.67
C ALA A 443 34.72 -12.77 29.48
N ARG A 444 35.19 -12.14 30.56
CA ARG A 444 35.79 -10.80 30.45
C ARG A 444 37.14 -10.92 29.72
N LEU A 445 37.82 -12.07 29.86
CA LEU A 445 39.08 -12.34 29.18
C LEU A 445 38.84 -12.58 27.70
N LEU A 446 37.78 -13.31 27.34
CA LEU A 446 37.49 -13.58 25.93
C LEU A 446 37.19 -12.31 25.14
N LEU A 447 36.53 -11.34 25.78
CA LEU A 447 36.17 -10.08 25.15
C LEU A 447 37.40 -9.19 24.87
N VAL A 448 38.49 -9.31 25.67
CA VAL A 448 39.70 -8.51 25.45
C VAL A 448 40.55 -9.06 24.29
N THR A 449 40.48 -10.38 24.01
CA THR A 449 41.35 -10.96 22.95
C THR A 449 40.96 -10.40 21.55
N LYS A 450 41.97 -10.29 20.68
CA LYS A 450 41.83 -9.77 19.33
C LYS A 450 41.47 -10.94 18.41
N TRP A 451 40.20 -11.02 17.98
CA TRP A 451 39.75 -12.10 17.10
C TRP A 451 40.18 -11.86 15.64
N ASN A 452 40.54 -10.61 15.31
CA ASN A 452 41.05 -10.18 14.01
C ASN A 452 42.58 -10.34 13.85
N LYS A 453 43.23 -11.05 14.80
CA LYS A 453 44.66 -11.35 14.80
C LYS A 453 44.74 -12.81 15.26
N HIS A 454 44.91 -13.75 14.32
CA HIS A 454 44.87 -15.19 14.62
C HIS A 454 45.94 -15.72 15.62
N GLU A 455 46.89 -14.90 16.11
CA GLU A 455 47.85 -15.33 17.15
C GLU A 455 47.17 -15.30 18.51
N ASP A 456 46.53 -14.16 18.86
CA ASP A 456 45.78 -13.94 20.11
C ASP A 456 44.68 -15.00 20.25
N VAL A 457 44.05 -15.36 19.12
CA VAL A 457 42.98 -16.37 19.08
C VAL A 457 43.59 -17.74 19.40
N ALA A 458 44.67 -18.13 18.71
CA ALA A 458 45.33 -19.42 18.93
C ALA A 458 45.83 -19.58 20.38
N GLN A 459 46.28 -18.48 21.00
CA GLN A 459 46.76 -18.45 22.37
C GLN A 459 45.61 -18.56 23.37
N MET A 460 44.46 -17.99 23.02
CA MET A 460 43.25 -18.06 23.85
C MET A 460 42.74 -19.50 23.85
N LEU A 461 42.56 -20.09 22.65
CA LEU A 461 42.07 -21.46 22.50
C LEU A 461 42.97 -22.49 23.22
N TYR A 462 44.27 -22.18 23.40
CA TYR A 462 45.21 -23.05 24.11
C TYR A 462 44.83 -23.13 25.60
N LEU A 463 44.49 -21.98 26.20
CA LEU A 463 44.05 -21.89 27.60
C LEU A 463 42.72 -22.58 27.81
N LEU A 464 41.76 -22.32 26.91
CA LEU A 464 40.42 -22.88 27.01
C LEU A 464 40.37 -24.42 27.03
N CYS A 465 41.34 -25.10 26.40
CA CYS A 465 41.37 -26.55 26.36
C CYS A 465 41.67 -27.21 27.71
N SER A 466 42.33 -26.47 28.64
CA SER A 466 42.63 -26.96 30.00
C SER A 466 42.07 -25.99 31.06
N TRP A 467 40.95 -25.29 30.74
CA TRP A 467 40.28 -24.36 31.66
C TRP A 467 39.34 -25.18 32.53
N PRO A 468 39.18 -24.89 33.84
CA PRO A 468 38.28 -25.72 34.66
C PRO A 468 36.80 -25.48 34.42
N GLU A 469 35.96 -26.52 34.67
CA GLU A 469 34.50 -26.44 34.55
C GLU A 469 33.96 -25.27 35.35
N LEU A 470 33.30 -24.31 34.72
CA LEU A 470 32.72 -23.19 35.48
C LEU A 470 31.31 -23.56 35.91
N PRO A 471 30.74 -22.94 36.96
CA PRO A 471 29.34 -23.25 37.32
C PRO A 471 28.31 -22.89 36.25
N VAL A 472 27.05 -23.29 36.47
CA VAL A 472 25.94 -23.09 35.53
C VAL A 472 25.72 -21.61 35.15
N LEU A 473 25.70 -20.70 36.14
CA LEU A 473 25.49 -19.27 35.87
C LEU A 473 26.61 -18.72 34.96
N SER A 474 27.84 -19.22 35.12
CA SER A 474 28.96 -18.80 34.28
C SER A 474 28.69 -19.24 32.84
N ALA A 475 28.38 -20.53 32.65
CA ALA A 475 28.09 -21.09 31.33
C ALA A 475 26.95 -20.34 30.62
N LEU A 476 25.89 -19.93 31.37
CA LEU A 476 24.76 -19.17 30.78
C LEU A 476 25.22 -17.86 30.16
N GLU A 477 26.23 -17.20 30.77
CA GLU A 477 26.82 -15.96 30.26
C GLU A 477 27.52 -16.25 28.92
N LEU A 478 28.22 -17.41 28.83
CA LEU A 478 28.96 -17.79 27.61
C LEU A 478 28.09 -18.17 26.40
N LEU A 479 26.78 -18.37 26.57
CA LEU A 479 25.90 -18.71 25.44
C LEU A 479 25.33 -17.49 24.72
N ASP A 480 25.68 -16.27 25.16
CA ASP A 480 25.22 -15.06 24.49
C ASP A 480 25.88 -14.94 23.12
N PHE A 481 25.32 -14.07 22.26
CA PHE A 481 25.81 -13.77 20.93
C PHE A 481 27.26 -13.24 20.94
N SER A 482 27.74 -12.66 22.06
CA SER A 482 29.11 -12.14 22.14
C SER A 482 30.22 -13.19 22.12
N PHE A 483 29.91 -14.50 22.31
CA PHE A 483 30.94 -15.55 22.27
C PHE A 483 30.61 -16.55 21.17
N PRO A 484 30.71 -16.13 19.89
CA PRO A 484 30.36 -17.05 18.79
C PRO A 484 31.30 -18.21 18.58
N ASP A 485 32.59 -18.08 18.93
CA ASP A 485 33.55 -19.17 18.75
C ASP A 485 32.98 -20.54 19.21
N CYS A 486 33.17 -21.60 18.42
CA CYS A 486 32.59 -22.92 18.73
C CYS A 486 33.26 -23.65 19.89
N TYR A 487 34.55 -23.41 20.14
CA TYR A 487 35.24 -24.07 21.25
C TYR A 487 34.73 -23.53 22.58
N VAL A 488 34.28 -22.26 22.60
CA VAL A 488 33.66 -21.63 23.78
C VAL A 488 32.31 -22.31 23.98
N GLY A 489 31.49 -22.35 22.93
CA GLY A 489 30.17 -22.98 22.96
C GLY A 489 30.23 -24.40 23.44
N SER A 490 31.18 -25.18 22.88
CA SER A 490 31.42 -26.57 23.25
C SER A 490 31.80 -26.71 24.74
N PHE A 491 32.52 -25.71 25.27
CA PHE A 491 32.92 -25.65 26.67
C PHE A 491 31.69 -25.37 27.53
N ALA A 492 30.93 -24.31 27.21
CA ALA A 492 29.70 -23.96 27.91
C ALA A 492 28.76 -25.17 28.03
N ILE A 493 28.69 -26.03 27.00
CA ILE A 493 27.85 -27.23 27.04
C ILE A 493 28.43 -28.28 28.01
N LYS A 494 29.77 -28.40 28.10
CA LYS A 494 30.43 -29.31 29.04
C LYS A 494 30.05 -28.90 30.48
N SER A 495 29.95 -27.57 30.71
CA SER A 495 29.54 -27.01 32.00
C SER A 495 28.04 -27.20 32.21
N LEU A 496 27.22 -26.95 31.17
CA LEU A 496 25.77 -27.11 31.29
C LEU A 496 25.28 -28.54 31.42
N ARG A 497 26.08 -29.55 31.02
CA ARG A 497 25.71 -30.97 31.16
C ARG A 497 25.29 -31.33 32.59
N LYS A 498 25.84 -30.63 33.62
CA LYS A 498 25.53 -30.88 35.03
C LYS A 498 24.21 -30.25 35.51
N LEU A 499 23.41 -29.64 34.61
CA LEU A 499 22.10 -29.08 34.94
C LEU A 499 21.15 -30.19 35.37
N THR A 500 20.29 -29.89 36.33
CA THR A 500 19.26 -30.83 36.79
C THR A 500 18.16 -30.78 35.74
N ASP A 501 17.37 -31.85 35.60
CA ASP A 501 16.26 -31.86 34.64
C ASP A 501 15.28 -30.70 34.94
N ASP A 502 15.20 -30.25 36.21
CA ASP A 502 14.33 -29.14 36.60
C ASP A 502 14.95 -27.77 36.30
N GLU A 503 16.28 -27.62 36.47
CA GLU A 503 16.96 -26.36 36.13
C GLU A 503 16.92 -26.17 34.62
N LEU A 504 17.08 -27.27 33.88
CA LEU A 504 17.04 -27.23 32.42
C LEU A 504 15.67 -26.73 31.99
N PHE A 505 14.61 -27.23 32.62
CA PHE A 505 13.23 -26.81 32.33
C PHE A 505 13.00 -25.31 32.70
N GLN A 506 13.67 -24.84 33.77
CA GLN A 506 13.59 -23.44 34.21
C GLN A 506 14.34 -22.50 33.23
N TYR A 507 15.33 -23.01 32.49
CA TYR A 507 16.10 -22.23 31.51
C TYR A 507 15.77 -22.51 30.04
N LEU A 508 15.12 -23.65 29.74
CA LEU A 508 14.82 -24.10 28.37
C LEU A 508 14.31 -23.02 27.39
N LEU A 509 13.48 -22.07 27.83
CA LEU A 509 12.99 -21.02 26.93
C LEU A 509 14.15 -20.27 26.27
N GLN A 510 15.07 -19.77 27.10
CA GLN A 510 16.29 -19.06 26.68
C GLN A 510 17.16 -19.93 25.79
N LEU A 511 17.36 -21.21 26.20
CA LEU A 511 18.18 -22.15 25.41
C LEU A 511 17.66 -22.28 23.98
N VAL A 512 16.33 -22.15 23.77
CA VAL A 512 15.74 -22.21 22.43
C VAL A 512 16.04 -20.93 21.64
N GLN A 513 15.91 -19.74 22.29
CA GLN A 513 16.19 -18.47 21.59
C GLN A 513 17.66 -18.39 21.16
N VAL A 514 18.57 -19.01 21.93
CA VAL A 514 20.00 -19.08 21.58
C VAL A 514 20.21 -19.94 20.32
N LEU A 515 19.29 -20.87 20.01
CA LEU A 515 19.40 -21.64 18.77
C LEU A 515 19.26 -20.73 17.54
N LYS A 516 18.65 -19.55 17.69
CA LYS A 516 18.54 -18.60 16.59
C LYS A 516 19.92 -18.01 16.25
N TYR A 517 20.76 -17.78 17.27
CA TYR A 517 22.11 -17.23 17.11
C TYR A 517 23.05 -18.17 16.35
N GLU A 518 22.83 -19.51 16.45
CA GLU A 518 23.68 -20.51 15.81
C GLU A 518 23.98 -20.21 14.34
N SER A 519 25.13 -20.70 13.88
CA SER A 519 25.62 -20.52 12.53
C SER A 519 25.38 -21.75 11.66
N TYR A 520 25.53 -22.96 12.23
CA TYR A 520 25.36 -24.23 11.49
C TYR A 520 24.31 -25.11 12.15
N LEU A 521 23.66 -25.95 11.34
CA LEU A 521 22.56 -26.80 11.78
C LEU A 521 22.95 -27.77 12.88
N ASP A 522 23.90 -28.70 12.64
CA ASP A 522 24.32 -29.59 13.73
C ASP A 522 25.25 -28.76 14.61
N CYS A 523 25.05 -28.83 15.92
CA CYS A 523 25.88 -28.14 16.91
C CYS A 523 25.74 -28.85 18.25
N GLU A 524 26.44 -28.37 19.28
CA GLU A 524 26.40 -28.97 20.60
C GLU A 524 25.06 -28.69 21.26
N LEU A 525 24.68 -27.41 21.36
CA LEU A 525 23.42 -27.00 21.98
C LEU A 525 22.25 -27.85 21.48
N THR A 526 22.09 -27.93 20.15
CA THR A 526 21.05 -28.72 19.50
C THR A 526 21.18 -30.17 19.98
N LYS A 527 22.35 -30.80 19.75
CA LYS A 527 22.63 -32.19 20.15
C LYS A 527 22.30 -32.42 21.65
N PHE A 528 22.65 -31.44 22.51
CA PHE A 528 22.41 -31.47 23.96
C PHE A 528 20.91 -31.44 24.24
N LEU A 529 20.22 -30.35 23.79
CA LEU A 529 18.77 -30.19 23.98
C LEU A 529 18.04 -31.45 23.54
N LEU A 530 18.37 -31.93 22.34
CA LEU A 530 17.78 -33.12 21.74
C LEU A 530 17.99 -34.40 22.56
N GLY A 531 19.16 -34.54 23.18
CA GLY A 531 19.47 -35.70 24.02
C GLY A 531 18.74 -35.67 25.35
N ARG A 532 18.64 -34.45 25.96
CA ARG A 532 17.93 -34.22 27.22
C ARG A 532 16.44 -34.41 27.01
N ALA A 533 15.94 -33.94 25.85
CA ALA A 533 14.54 -34.09 25.43
C ALA A 533 14.15 -35.55 25.32
N LEU A 534 15.05 -36.40 24.84
CA LEU A 534 14.77 -37.82 24.65
C LEU A 534 14.96 -38.64 25.93
N ALA A 535 15.53 -38.04 26.99
CA ALA A 535 15.70 -38.68 28.30
C ALA A 535 14.62 -38.23 29.29
N ASN A 536 13.84 -37.20 28.94
CA ASN A 536 12.79 -36.65 29.78
C ASN A 536 11.62 -36.22 28.89
N ARG A 537 10.47 -36.95 28.98
CA ARG A 537 9.30 -36.64 28.15
C ARG A 537 8.71 -35.24 28.45
N LYS A 538 8.89 -34.72 29.68
CA LYS A 538 8.43 -33.37 30.03
C LYS A 538 9.28 -32.30 29.32
N ILE A 539 10.61 -32.55 29.16
CA ILE A 539 11.50 -31.65 28.41
C ILE A 539 11.13 -31.80 26.93
N GLY A 540 10.97 -33.05 26.49
CA GLY A 540 10.57 -33.40 25.13
C GLY A 540 9.32 -32.66 24.72
N HIS A 541 8.27 -32.69 25.58
CA HIS A 541 7.00 -31.97 25.40
C HIS A 541 7.26 -30.49 25.24
N PHE A 542 7.90 -29.87 26.24
CA PHE A 542 8.07 -28.41 26.24
C PHE A 542 8.96 -27.90 25.13
N LEU A 543 10.09 -28.59 24.85
CA LEU A 543 10.98 -28.24 23.73
C LEU A 543 10.16 -28.28 22.44
N PHE A 544 9.41 -29.37 22.19
CA PHE A 544 8.54 -29.48 21.01
C PHE A 544 7.62 -28.24 20.81
N TRP A 545 6.82 -27.81 21.83
CA TRP A 545 5.95 -26.63 21.67
C TRP A 545 6.73 -25.35 21.51
N HIS A 546 7.94 -25.26 22.10
CA HIS A 546 8.79 -24.07 21.97
C HIS A 546 9.27 -23.89 20.54
N LEU A 547 9.45 -25.00 19.79
CA LEU A 547 9.87 -24.99 18.40
C LEU A 547 8.61 -24.71 17.53
N ARG A 548 7.60 -25.61 17.61
CA ARG A 548 6.33 -25.55 16.87
C ARG A 548 5.66 -24.17 16.90
N SER A 549 5.74 -23.47 18.03
CA SER A 549 5.13 -22.14 18.16
C SER A 549 5.80 -21.06 17.28
N GLU A 550 7.01 -21.32 16.75
CA GLU A 550 7.77 -20.38 15.93
C GLU A 550 7.87 -20.82 14.46
N MET A 551 7.16 -21.88 14.04
CA MET A 551 7.22 -22.35 12.64
C MET A 551 6.72 -21.32 11.64
N HIS A 552 5.77 -20.46 12.04
CA HIS A 552 5.27 -19.39 11.16
C HIS A 552 6.37 -18.34 10.77
N VAL A 553 7.54 -18.36 11.46
CA VAL A 553 8.67 -17.44 11.19
C VAL A 553 9.65 -18.10 10.17
N PRO A 554 9.93 -17.44 9.03
CA PRO A 554 10.85 -18.04 8.03
C PRO A 554 12.31 -18.16 8.46
N SER A 555 12.80 -17.22 9.30
CA SER A 555 14.18 -17.22 9.80
C SER A 555 14.60 -18.55 10.45
N VAL A 556 13.63 -19.25 11.09
CA VAL A 556 13.86 -20.49 11.83
C VAL A 556 13.04 -21.71 11.40
N ALA A 557 12.10 -21.57 10.44
CA ALA A 557 11.25 -22.68 10.01
C ALA A 557 12.03 -23.97 9.73
N LEU A 558 13.11 -23.86 8.95
CA LEU A 558 13.95 -25.00 8.59
C LEU A 558 14.66 -25.61 9.81
N ARG A 559 15.34 -24.74 10.59
CA ARG A 559 16.09 -25.10 11.79
C ARG A 559 15.24 -25.90 12.76
N PHE A 560 14.11 -25.32 13.17
CA PHE A 560 13.17 -25.91 14.12
C PHE A 560 12.46 -27.14 13.54
N GLY A 561 11.92 -27.01 12.32
CA GLY A 561 11.30 -28.11 11.60
C GLY A 561 12.19 -29.33 11.58
N LEU A 562 13.48 -29.12 11.30
CA LEU A 562 14.46 -30.21 11.30
C LEU A 562 14.67 -30.78 12.70
N ILE A 563 14.78 -29.92 13.73
CA ILE A 563 14.95 -30.38 15.13
C ILE A 563 13.74 -31.22 15.56
N MET A 564 12.51 -30.69 15.37
CA MET A 564 11.28 -31.41 15.71
C MET A 564 11.24 -32.77 15.01
N GLU A 565 11.71 -32.83 13.76
CA GLU A 565 11.74 -34.07 12.98
C GLU A 565 12.60 -35.11 13.68
N ALA A 566 13.81 -34.72 14.12
CA ALA A 566 14.72 -35.63 14.82
C ALA A 566 14.09 -36.07 16.15
N TYR A 567 13.34 -35.16 16.83
CA TYR A 567 12.66 -35.54 18.06
C TYR A 567 11.63 -36.62 17.78
N CYS A 568 10.84 -36.45 16.71
CA CYS A 568 9.82 -37.43 16.30
C CYS A 568 10.43 -38.77 15.88
N ARG A 569 11.66 -38.76 15.29
CA ARG A 569 12.37 -40.02 14.96
C ARG A 569 12.75 -40.69 16.29
N GLY A 570 13.13 -39.86 17.26
CA GLY A 570 13.51 -40.27 18.61
C GLY A 570 12.38 -40.75 19.48
N SER A 571 11.19 -40.11 19.42
CA SER A 571 10.04 -40.53 20.21
C SER A 571 8.79 -40.71 19.32
N THR A 572 8.69 -41.90 18.72
CA THR A 572 7.59 -42.27 17.84
C THR A 572 6.26 -42.40 18.59
N HIS A 573 6.29 -42.73 19.89
CA HIS A 573 5.05 -42.84 20.64
C HIS A 573 4.53 -41.48 21.09
N HIS A 574 5.42 -40.64 21.61
CA HIS A 574 5.06 -39.29 22.08
C HIS A 574 4.57 -38.43 20.91
N MET A 575 5.11 -38.66 19.71
CA MET A 575 4.70 -37.98 18.49
C MET A 575 3.17 -38.07 18.34
N LYS A 576 2.62 -39.29 18.46
CA LYS A 576 1.17 -39.54 18.36
C LYS A 576 0.42 -38.77 19.46
N VAL A 577 0.93 -38.81 20.70
CA VAL A 577 0.39 -38.07 21.85
C VAL A 577 0.32 -36.57 21.51
N LEU A 578 1.38 -36.05 20.90
CA LEU A 578 1.44 -34.65 20.49
C LEU A 578 0.49 -34.34 19.32
N MET A 579 0.22 -35.30 18.40
CA MET A 579 -0.70 -35.06 17.28
C MET A 579 -2.12 -34.84 17.75
N LYS A 580 -2.52 -35.54 18.79
CA LYS A 580 -3.84 -35.35 19.38
C LYS A 580 -4.00 -33.90 19.90
N GLN A 581 -2.91 -33.30 20.42
CA GLN A 581 -2.90 -31.92 20.93
C GLN A 581 -2.99 -30.91 19.80
N GLY A 582 -2.24 -31.14 18.71
CA GLY A 582 -2.26 -30.27 17.55
C GLY A 582 -3.64 -30.24 16.92
N GLU A 583 -4.26 -31.41 16.74
CA GLU A 583 -5.62 -31.54 16.20
C GLU A 583 -6.66 -30.87 17.12
N ALA A 584 -6.45 -30.90 18.44
CA ALA A 584 -7.33 -30.19 19.37
C ALA A 584 -7.23 -28.69 19.08
N LEU A 585 -5.98 -28.21 18.95
CA LEU A 585 -5.63 -26.82 18.65
C LEU A 585 -6.09 -26.40 17.27
N SER A 586 -6.10 -27.36 16.35
CA SER A 586 -6.55 -27.22 14.97
C SER A 586 -8.03 -26.86 14.97
N LYS A 587 -8.83 -27.60 15.76
CA LYS A 587 -10.28 -27.37 15.90
C LYS A 587 -10.56 -26.09 16.66
N LEU A 588 -9.87 -25.90 17.82
CA LEU A 588 -9.98 -24.69 18.66
C LEU A 588 -9.82 -23.38 17.88
N LYS A 589 -9.03 -23.41 16.80
CA LYS A 589 -8.79 -22.26 15.92
C LYS A 589 -10.08 -21.97 15.16
N ALA A 590 -10.60 -23.01 14.47
CA ALA A 590 -11.82 -22.91 13.67
C ALA A 590 -13.00 -22.53 14.54
N LEU A 591 -13.07 -23.10 15.76
CA LEU A 591 -14.14 -22.74 16.68
C LEU A 591 -14.02 -21.25 17.03
N ASN A 592 -12.80 -20.76 17.33
CA ASN A 592 -12.63 -19.33 17.68
C ASN A 592 -12.92 -18.38 16.52
N ASP A 593 -12.75 -18.78 15.25
CA ASP A 593 -13.12 -17.90 14.15
C ASP A 593 -14.64 -17.83 14.08
N PHE A 594 -15.32 -19.00 14.17
CA PHE A 594 -16.79 -19.10 14.22
C PHE A 594 -17.35 -18.25 15.39
N VAL A 595 -16.62 -18.18 16.52
CA VAL A 595 -16.99 -17.38 17.70
C VAL A 595 -16.77 -15.89 17.42
N LYS A 596 -15.71 -15.53 16.68
CA LYS A 596 -15.40 -14.14 16.37
C LYS A 596 -16.43 -13.48 15.46
N VAL A 597 -16.90 -14.19 14.43
CA VAL A 597 -17.90 -13.65 13.50
C VAL A 597 -19.22 -13.45 14.25
N SER A 598 -19.86 -14.56 14.64
CA SER A 598 -21.13 -14.61 15.36
C SER A 598 -21.30 -13.52 16.44
N SER A 599 -20.29 -13.33 17.31
CA SER A 599 -20.31 -12.33 18.38
C SER A 599 -20.50 -10.88 17.89
N GLN A 600 -20.10 -10.59 16.63
CA GLN A 600 -20.30 -9.28 16.02
C GLN A 600 -21.78 -9.14 15.64
N LYS A 601 -22.29 -10.14 14.88
CA LYS A 601 -23.67 -10.18 14.40
C LYS A 601 -24.68 -10.40 15.53
N THR A 602 -24.84 -11.65 16.00
CA THR A 602 -25.82 -11.96 17.04
C THR A 602 -25.32 -11.62 18.44
N THR A 603 -26.22 -11.71 19.43
CA THR A 603 -25.89 -11.40 20.83
C THR A 603 -24.96 -12.47 21.45
N LYS A 604 -24.47 -12.21 22.65
CA LYS A 604 -23.56 -13.11 23.38
C LYS A 604 -24.25 -14.48 23.63
N PRO A 605 -25.42 -14.55 24.30
CA PRO A 605 -26.05 -15.87 24.53
C PRO A 605 -26.42 -16.64 23.26
N GLN A 606 -26.73 -15.96 22.16
CA GLN A 606 -27.03 -16.63 20.89
C GLN A 606 -25.73 -17.20 20.31
N THR A 607 -24.61 -16.46 20.41
CA THR A 607 -23.28 -16.92 19.98
C THR A 607 -22.84 -18.12 20.82
N LYS A 608 -23.17 -18.09 22.13
CA LYS A 608 -22.83 -19.13 23.09
C LYS A 608 -23.52 -20.44 22.72
N GLU A 609 -24.87 -20.44 22.60
CA GLU A 609 -25.56 -21.69 22.22
C GLU A 609 -25.14 -22.20 20.83
N MET A 610 -24.68 -21.32 19.93
CA MET A 610 -24.18 -21.72 18.61
C MET A 610 -22.77 -22.31 18.75
N MET A 611 -21.97 -21.83 19.74
CA MET A 611 -20.63 -22.36 20.00
C MET A 611 -20.80 -23.76 20.54
N HIS A 612 -21.69 -23.92 21.52
CA HIS A 612 -21.99 -25.21 22.12
C HIS A 612 -22.44 -26.22 21.05
N MET A 613 -23.24 -25.80 20.06
CA MET A 613 -23.72 -26.70 19.01
C MET A 613 -22.62 -27.10 18.04
N CYS A 614 -21.72 -26.16 17.71
CA CYS A 614 -20.54 -26.40 16.88
C CYS A 614 -19.64 -27.45 17.58
N MET A 615 -19.57 -27.38 18.94
CA MET A 615 -18.78 -28.28 19.78
C MET A 615 -19.38 -29.68 19.89
N ARG A 616 -20.72 -29.80 20.01
CA ARG A 616 -21.39 -31.10 20.21
C ARG A 616 -21.15 -32.11 19.07
N GLN A 617 -20.70 -31.65 17.89
CA GLN A 617 -20.41 -32.54 16.76
C GLN A 617 -19.35 -33.60 17.05
N GLU A 618 -19.41 -34.74 16.32
CA GLU A 618 -18.46 -35.83 16.50
C GLU A 618 -17.00 -35.40 16.38
N THR A 619 -16.63 -34.62 15.34
CA THR A 619 -15.24 -34.18 15.15
C THR A 619 -14.73 -33.37 16.34
N TYR A 620 -15.56 -32.46 16.87
CA TYR A 620 -15.17 -31.62 18.00
C TYR A 620 -15.11 -32.41 19.29
N MET A 621 -16.09 -33.29 19.53
CA MET A 621 -16.09 -34.12 20.74
C MET A 621 -14.92 -35.09 20.73
N GLU A 622 -14.55 -35.63 19.56
CA GLU A 622 -13.44 -36.56 19.45
C GLU A 622 -12.09 -35.83 19.55
N ALA A 623 -11.98 -34.64 18.91
CA ALA A 623 -10.74 -33.86 18.89
C ALA A 623 -10.43 -33.12 20.18
N LEU A 624 -11.44 -32.48 20.79
CA LEU A 624 -11.23 -31.73 22.02
C LEU A 624 -11.29 -32.59 23.27
N SER A 625 -11.43 -33.93 23.19
CA SER A 625 -11.49 -34.74 24.41
C SER A 625 -10.36 -35.74 24.47
N HIS A 626 -9.95 -36.10 25.70
CA HIS A 626 -8.94 -37.12 26.00
C HIS A 626 -7.55 -36.78 25.46
N LEU A 627 -6.89 -35.81 26.09
CA LEU A 627 -5.56 -35.40 25.69
C LEU A 627 -4.74 -34.82 26.86
N GLN A 628 -3.40 -34.97 26.81
CA GLN A 628 -2.52 -34.37 27.83
C GLN A 628 -2.56 -32.85 27.57
N SER A 629 -2.56 -32.02 28.62
CA SER A 629 -2.64 -30.57 28.42
C SER A 629 -1.35 -30.03 27.83
N PRO A 630 -1.36 -29.23 26.74
CA PRO A 630 -0.10 -28.62 26.27
C PRO A 630 0.54 -27.75 27.35
N LEU A 631 -0.24 -27.13 28.23
CA LEU A 631 0.30 -26.33 29.34
C LEU A 631 1.01 -27.18 30.42
N ASP A 632 0.67 -28.48 30.53
CA ASP A 632 1.26 -29.38 31.52
C ASP A 632 1.02 -30.85 31.16
N PRO A 633 2.05 -31.57 30.67
CA PRO A 633 1.85 -32.97 30.26
C PRO A 633 1.24 -33.92 31.31
N SER A 634 1.34 -33.61 32.61
CA SER A 634 0.79 -34.45 33.68
C SER A 634 -0.72 -34.21 33.92
N THR A 635 -1.29 -33.12 33.38
CA THR A 635 -2.72 -32.83 33.50
C THR A 635 -3.38 -33.49 32.30
N LEU A 636 -4.54 -34.17 32.49
CA LEU A 636 -5.28 -34.80 31.39
C LEU A 636 -6.61 -34.08 31.19
N LEU A 637 -6.79 -33.55 29.99
CA LEU A 637 -8.00 -32.85 29.61
C LEU A 637 -8.84 -33.94 28.99
N GLU A 638 -9.68 -34.59 29.83
CA GLU A 638 -10.47 -35.76 29.43
C GLU A 638 -11.79 -35.40 28.77
N GLU A 639 -12.89 -35.26 29.51
CA GLU A 639 -14.20 -34.98 28.91
C GLU A 639 -14.46 -33.49 28.93
N VAL A 640 -14.78 -32.89 27.77
CA VAL A 640 -15.08 -31.46 27.70
C VAL A 640 -16.53 -31.21 28.17
N CYS A 641 -16.67 -30.36 29.19
CA CYS A 641 -17.97 -29.99 29.77
C CYS A 641 -18.55 -28.86 28.90
N VAL A 642 -19.25 -29.22 27.79
CA VAL A 642 -19.74 -28.24 26.81
C VAL A 642 -20.60 -27.15 27.46
N GLU A 643 -21.52 -27.50 28.38
CA GLU A 643 -22.34 -26.50 29.08
C GLU A 643 -21.49 -25.35 29.67
N GLN A 644 -20.33 -25.68 30.29
CA GLN A 644 -19.45 -24.67 30.91
C GLN A 644 -18.54 -23.90 29.93
N CYS A 645 -18.26 -24.44 28.74
CA CYS A 645 -17.37 -23.76 27.78
C CYS A 645 -18.04 -22.46 27.26
N THR A 646 -17.27 -21.38 27.10
CA THR A 646 -17.80 -20.08 26.64
C THR A 646 -16.69 -19.27 25.93
N PHE A 647 -16.63 -17.94 26.12
CA PHE A 647 -15.58 -17.09 25.56
C PHE A 647 -15.60 -15.74 26.30
N MET A 648 -14.44 -15.20 26.74
CA MET A 648 -14.45 -13.93 27.47
C MET A 648 -14.84 -12.81 26.54
N ASP A 649 -15.60 -11.84 27.04
CA ASP A 649 -16.12 -10.72 26.26
C ASP A 649 -15.02 -9.65 26.20
N SER A 650 -13.98 -9.83 25.35
CA SER A 650 -12.91 -8.85 25.28
C SER A 650 -12.68 -8.29 23.86
N LYS A 651 -11.76 -8.86 23.07
CA LYS A 651 -11.46 -8.37 21.73
C LYS A 651 -11.22 -9.51 20.77
N MET A 652 -10.31 -10.44 21.13
CA MET A 652 -10.00 -11.61 20.35
C MET A 652 -10.92 -12.77 20.74
N LYS A 653 -11.92 -12.49 21.60
CA LYS A 653 -12.90 -13.47 22.02
C LYS A 653 -12.22 -14.78 22.46
N PRO A 654 -11.37 -14.72 23.50
CA PRO A 654 -10.67 -15.94 23.92
C PRO A 654 -11.62 -17.00 24.45
N LEU A 655 -11.46 -18.26 24.00
CA LEU A 655 -12.35 -19.33 24.39
C LEU A 655 -12.03 -19.89 25.75
N TRP A 656 -13.03 -19.96 26.63
CA TRP A 656 -12.97 -20.59 27.95
C TRP A 656 -13.41 -22.05 27.75
N ILE A 657 -12.47 -23.03 27.89
CA ILE A 657 -12.82 -24.45 27.69
C ILE A 657 -12.61 -25.26 28.95
N MET A 658 -13.71 -25.72 29.58
CA MET A 658 -13.69 -26.52 30.80
C MET A 658 -13.70 -28.04 30.57
N TYR A 659 -13.05 -28.81 31.48
CA TYR A 659 -12.96 -30.27 31.43
C TYR A 659 -13.34 -30.85 32.76
N SER A 660 -13.52 -32.17 32.78
CA SER A 660 -13.79 -32.92 33.99
C SER A 660 -13.38 -34.38 33.76
N SER A 661 -12.93 -35.05 34.83
CA SER A 661 -12.54 -36.45 34.76
C SER A 661 -13.32 -37.21 35.82
N GLU A 662 -13.68 -38.47 35.52
CA GLU A 662 -14.40 -39.34 36.46
C GLU A 662 -13.38 -39.83 37.48
N GLU A 663 -12.24 -40.31 36.96
CA GLU A 663 -11.14 -40.87 37.75
C GLU A 663 -10.56 -39.84 38.71
N ALA A 664 -10.06 -38.70 38.20
CA ALA A 664 -9.44 -37.67 39.05
C ALA A 664 -10.39 -36.98 40.03
N GLY A 665 -11.68 -36.96 39.73
CA GLY A 665 -12.65 -36.30 40.59
C GLY A 665 -12.52 -34.80 40.46
N SER A 666 -12.24 -34.09 41.57
CA SER A 666 -12.07 -32.63 41.53
C SER A 666 -10.74 -32.20 40.92
N ALA A 667 -9.71 -33.05 40.98
CA ALA A 667 -8.41 -32.74 40.37
C ALA A 667 -8.45 -32.82 38.84
N GLY A 668 -9.52 -33.37 38.28
CA GLY A 668 -9.73 -33.44 36.85
C GLY A 668 -10.50 -32.25 36.31
N ASN A 669 -11.23 -31.52 37.19
CA ASN A 669 -12.00 -30.35 36.79
C ASN A 669 -11.06 -29.17 36.61
N VAL A 670 -10.58 -28.99 35.37
CA VAL A 670 -9.60 -27.96 35.00
C VAL A 670 -10.00 -27.26 33.70
N GLY A 671 -9.70 -25.97 33.59
CA GLY A 671 -10.00 -25.21 32.38
C GLY A 671 -8.78 -24.63 31.70
N ILE A 672 -8.93 -24.29 30.41
CA ILE A 672 -7.92 -23.62 29.58
C ILE A 672 -8.60 -22.44 28.86
N ILE A 673 -7.79 -21.46 28.45
CA ILE A 673 -8.20 -20.27 27.71
C ILE A 673 -7.36 -20.30 26.42
N PHE A 674 -8.02 -20.28 25.26
CA PHE A 674 -7.37 -20.29 23.96
C PHE A 674 -7.42 -18.84 23.42
N LYS A 675 -6.27 -18.15 23.28
CA LYS A 675 -6.23 -16.79 22.72
C LYS A 675 -5.75 -16.87 21.27
N ASN A 676 -6.21 -15.93 20.43
CA ASN A 676 -5.86 -15.91 19.01
C ASN A 676 -5.75 -14.45 18.53
N GLY A 677 -4.59 -14.05 17.99
CA GLY A 677 -4.35 -12.70 17.48
C GLY A 677 -3.45 -11.78 18.28
N ASP A 678 -2.93 -12.25 19.43
CA ASP A 678 -1.98 -11.56 20.31
C ASP A 678 -0.85 -12.54 20.57
N ASP A 679 0.40 -12.05 20.61
CA ASP A 679 1.56 -12.90 20.87
C ASP A 679 1.71 -13.06 22.38
N LEU A 680 1.75 -14.31 22.87
CA LEU A 680 1.86 -14.60 24.30
C LEU A 680 3.28 -14.93 24.74
N ARG A 681 4.31 -14.64 23.92
CA ARG A 681 5.69 -14.95 24.31
C ARG A 681 6.15 -14.04 25.45
N GLN A 682 5.70 -12.77 25.48
CA GLN A 682 6.05 -11.85 26.57
C GLN A 682 5.39 -12.30 27.86
N ASP A 683 4.11 -12.70 27.79
CA ASP A 683 3.41 -13.19 28.97
C ASP A 683 4.12 -14.43 29.51
N MET A 684 4.57 -15.34 28.60
CA MET A 684 5.30 -16.56 29.01
C MET A 684 6.59 -16.20 29.72
N LEU A 685 7.34 -15.19 29.24
CA LEU A 685 8.59 -14.81 29.89
C LEU A 685 8.34 -14.23 31.26
N THR A 686 7.36 -13.32 31.39
CA THR A 686 7.01 -12.73 32.68
C THR A 686 6.59 -13.80 33.68
N LEU A 687 5.78 -14.77 33.25
CA LEU A 687 5.38 -15.87 34.11
C LEU A 687 6.56 -16.76 34.48
N GLN A 688 7.55 -16.92 33.56
CA GLN A 688 8.76 -17.70 33.84
C GLN A 688 9.54 -16.99 34.94
N MET A 689 9.68 -15.66 34.81
CA MET A 689 10.39 -14.84 35.78
C MET A 689 9.70 -14.89 37.14
N ILE A 690 8.36 -14.84 37.21
CA ILE A 690 7.66 -14.96 38.50
C ILE A 690 7.90 -16.37 39.06
N GLN A 691 7.76 -17.43 38.23
CA GLN A 691 8.02 -18.82 38.66
C GLN A 691 9.49 -18.98 39.17
N LEU A 692 10.48 -18.27 38.58
CA LEU A 692 11.86 -18.34 39.07
C LEU A 692 11.95 -17.67 40.44
N MET A 693 11.42 -16.42 40.56
CA MET A 693 11.37 -15.66 41.83
C MET A 693 10.75 -16.51 42.94
N ASP A 694 9.63 -17.19 42.66
CA ASP A 694 8.99 -18.08 43.65
C ASP A 694 10.04 -19.12 44.09
N VAL A 695 10.69 -19.80 43.10
CA VAL A 695 11.71 -20.84 43.36
C VAL A 695 12.91 -20.29 44.15
N LEU A 696 13.46 -19.11 43.80
CA LEU A 696 14.58 -18.51 44.54
C LEU A 696 14.22 -18.25 46.00
N TRP A 697 13.03 -17.64 46.22
CA TRP A 697 12.55 -17.34 47.57
C TRP A 697 12.32 -18.61 48.35
N LYS A 698 11.64 -19.60 47.75
CA LYS A 698 11.38 -20.87 48.45
C LYS A 698 12.69 -21.53 48.86
N GLN A 699 13.70 -21.51 47.96
CA GLN A 699 15.04 -22.06 48.22
C GLN A 699 15.78 -21.36 49.39
N GLU A 700 15.32 -20.16 49.80
CA GLU A 700 15.85 -19.42 50.95
C GLU A 700 14.75 -19.33 52.04
N GLY A 701 13.97 -20.42 52.20
CA GLY A 701 12.89 -20.53 53.18
C GLY A 701 11.96 -19.33 53.29
N LEU A 702 11.12 -19.12 52.27
CA LEU A 702 10.16 -18.02 52.21
C LEU A 702 9.20 -18.33 51.08
N ASP A 703 7.97 -18.75 51.40
CA ASP A 703 6.97 -19.08 50.39
C ASP A 703 5.99 -17.91 50.36
N LEU A 704 5.95 -17.14 49.26
CA LEU A 704 5.03 -16.01 49.18
C LEU A 704 3.70 -16.37 48.52
N ARG A 705 3.40 -17.67 48.38
CA ARG A 705 2.11 -18.12 47.87
C ARG A 705 1.79 -17.53 46.49
N MET A 706 2.81 -17.55 45.62
CA MET A 706 2.71 -17.02 44.26
C MET A 706 1.89 -17.96 43.38
N THR A 707 1.31 -17.41 42.30
CA THR A 707 0.47 -18.14 41.36
C THR A 707 1.01 -17.99 39.93
N PRO A 708 2.09 -18.72 39.56
CA PRO A 708 2.59 -18.63 38.18
C PRO A 708 1.87 -19.65 37.31
N TYR A 709 0.60 -19.34 37.01
CA TYR A 709 -0.30 -20.13 36.17
C TYR A 709 0.31 -20.32 34.78
N GLY A 710 -0.11 -21.37 34.11
CA GLY A 710 0.38 -21.71 32.79
C GLY A 710 0.02 -20.72 31.69
N CYS A 711 0.93 -20.56 30.74
CA CYS A 711 0.77 -19.71 29.56
C CYS A 711 1.70 -20.36 28.54
N LEU A 712 1.21 -20.68 27.33
CA LEU A 712 2.01 -21.37 26.34
C LEU A 712 1.72 -21.00 24.90
N PRO A 713 2.60 -20.21 24.23
CA PRO A 713 2.44 -20.00 22.79
C PRO A 713 2.63 -21.34 22.07
N THR A 714 1.68 -21.68 21.19
CA THR A 714 1.63 -22.91 20.41
C THR A 714 1.57 -22.64 18.89
N GLY A 715 1.46 -21.37 18.48
CA GLY A 715 1.38 -21.02 17.06
C GLY A 715 1.39 -19.52 16.77
N ASP A 716 1.13 -19.10 15.50
CA ASP A 716 1.12 -17.68 15.12
C ASP A 716 0.08 -16.91 15.94
N ARG A 717 0.53 -16.03 16.89
CA ARG A 717 -0.38 -15.27 17.75
C ARG A 717 -1.46 -16.21 18.30
N THR A 718 -1.06 -17.39 18.80
CA THR A 718 -2.00 -18.43 19.26
C THR A 718 -1.37 -19.32 20.32
N GLY A 719 -1.93 -19.29 21.52
CA GLY A 719 -1.46 -20.13 22.60
C GLY A 719 -2.57 -20.50 23.57
N LEU A 720 -2.17 -21.07 24.69
CA LEU A 720 -3.07 -21.50 25.74
C LEU A 720 -2.66 -20.84 27.03
N ILE A 721 -3.65 -20.50 27.87
CA ILE A 721 -3.42 -19.95 29.21
C ILE A 721 -4.19 -20.89 30.12
N GLU A 722 -3.71 -21.10 31.34
CA GLU A 722 -4.37 -22.01 32.27
C GLU A 722 -5.43 -21.27 33.06
N VAL A 723 -6.66 -21.80 33.13
CA VAL A 723 -7.72 -21.18 33.93
C VAL A 723 -7.35 -21.35 35.41
N VAL A 724 -7.17 -20.26 36.16
CA VAL A 724 -6.97 -20.32 37.61
C VAL A 724 -8.39 -20.35 38.19
N LEU A 725 -8.79 -21.50 38.73
CA LEU A 725 -10.13 -21.70 39.27
C LEU A 725 -10.26 -21.13 40.67
N HIS A 726 -11.51 -20.87 41.10
CA HIS A 726 -11.84 -20.36 42.43
C HIS A 726 -11.18 -19.03 42.72
N SER A 727 -11.29 -18.13 41.75
CA SER A 727 -10.71 -16.79 41.82
C SER A 727 -11.58 -15.82 41.04
N ASP A 728 -11.50 -14.52 41.38
CA ASP A 728 -12.24 -13.47 40.68
C ASP A 728 -11.40 -12.21 40.64
N THR A 729 -11.74 -11.27 39.76
CA THR A 729 -11.02 -10.01 39.64
C THR A 729 -11.43 -9.09 40.79
N ILE A 730 -10.52 -8.18 41.20
CA ILE A 730 -10.85 -7.24 42.27
C ILE A 730 -11.89 -6.20 41.73
N ALA A 731 -12.17 -6.19 40.41
CA ALA A 731 -13.20 -5.34 39.79
C ALA A 731 -14.55 -6.00 40.09
N ASN A 732 -14.68 -7.31 39.74
CA ASN A 732 -15.90 -8.08 39.99
C ASN A 732 -16.22 -8.19 41.49
N ILE A 733 -15.19 -8.24 42.35
CA ILE A 733 -15.39 -8.27 43.81
C ILE A 733 -15.84 -6.88 44.27
N GLN A 734 -15.24 -5.81 43.70
CA GLN A 734 -15.62 -4.43 44.03
C GLN A 734 -16.96 -4.00 43.45
N LEU A 735 -17.60 -4.83 42.60
CA LEU A 735 -18.95 -4.52 42.14
C LEU A 735 -19.89 -4.53 43.33
N ASN A 736 -19.54 -5.21 44.47
CA ASN A 736 -20.34 -5.19 45.70
C ASN A 736 -21.77 -5.61 45.33
N LYS A 737 -21.87 -6.71 44.54
CA LYS A 737 -23.11 -7.15 43.93
C LYS A 737 -24.26 -7.34 44.95
N SER A 738 -25.49 -6.97 44.50
CA SER A 738 -26.73 -6.92 45.30
C SER A 738 -27.11 -8.24 46.01
N ASN A 739 -27.26 -8.17 47.35
CA ASN A 739 -27.63 -9.29 48.26
C ASN A 739 -26.70 -10.53 48.10
N MET A 740 -25.37 -10.29 48.12
CA MET A 740 -24.35 -11.35 48.05
C MET A 740 -23.89 -11.66 49.46
N ALA A 741 -22.98 -12.63 49.62
CA ALA A 741 -22.44 -12.97 50.94
C ALA A 741 -21.46 -11.89 51.48
N ALA A 742 -21.06 -10.89 50.66
CA ALA A 742 -20.13 -9.82 51.06
C ALA A 742 -20.68 -8.41 50.74
N THR A 743 -21.84 -8.03 51.32
CA THR A 743 -22.42 -6.69 51.10
C THR A 743 -21.67 -5.67 51.96
N ALA A 744 -20.88 -4.79 51.33
CA ALA A 744 -20.08 -3.77 52.03
C ALA A 744 -20.56 -2.36 51.72
N ALA A 745 -20.39 -1.45 52.69
CA ALA A 745 -20.80 -0.05 52.59
C ALA A 745 -19.83 0.80 51.80
N PHE A 746 -18.53 0.55 51.98
CA PHE A 746 -17.46 1.26 51.29
C PHE A 746 -16.59 0.27 50.52
N ASN A 747 -16.03 0.70 49.38
CA ASN A 747 -15.13 -0.10 48.55
C ASN A 747 -13.99 -0.72 49.36
N LYS A 748 -13.37 0.08 50.27
CA LYS A 748 -12.28 -0.37 51.14
C LYS A 748 -12.59 -1.67 51.92
N ASP A 749 -13.87 -1.87 52.32
CA ASP A 749 -14.29 -3.06 53.05
C ASP A 749 -14.67 -4.24 52.13
N ALA A 750 -15.02 -3.98 50.85
CA ALA A 750 -15.47 -5.01 49.90
C ALA A 750 -14.53 -6.22 49.82
N LEU A 751 -13.26 -5.95 49.51
CA LEU A 751 -12.18 -6.94 49.40
C LEU A 751 -12.23 -7.90 50.60
N LEU A 752 -12.09 -7.33 51.80
CA LEU A 752 -12.12 -8.06 53.07
C LEU A 752 -13.43 -8.83 53.30
N ASN A 753 -14.58 -8.24 52.92
CA ASN A 753 -15.88 -8.92 53.09
C ASN A 753 -15.98 -10.15 52.20
N TRP A 754 -15.45 -10.08 50.97
CA TRP A 754 -15.40 -11.23 50.05
C TRP A 754 -14.58 -12.34 50.69
N LEU A 755 -13.46 -11.97 51.34
CA LEU A 755 -12.61 -12.96 52.02
C LEU A 755 -13.33 -13.59 53.20
N LYS A 756 -14.03 -12.78 54.01
CA LYS A 756 -14.79 -13.27 55.15
C LYS A 756 -15.83 -14.31 54.73
N SER A 757 -16.53 -14.08 53.59
CA SER A 757 -17.54 -15.04 53.12
C SER A 757 -16.90 -16.35 52.61
N LYS A 758 -15.88 -16.24 51.76
CA LYS A 758 -15.20 -17.41 51.19
C LYS A 758 -14.43 -18.25 52.24
N ASN A 759 -14.07 -17.64 53.40
CA ASN A 759 -13.32 -18.32 54.47
C ASN A 759 -13.94 -18.12 55.87
N PRO A 760 -14.89 -18.99 56.27
CA PRO A 760 -15.52 -18.82 57.60
C PRO A 760 -14.67 -19.34 58.77
N GLY A 761 -14.92 -18.78 59.95
CA GLY A 761 -14.22 -19.14 61.18
C GLY A 761 -12.81 -18.59 61.22
N GLU A 762 -11.87 -19.37 61.75
CA GLU A 762 -10.46 -18.98 61.80
C GLU A 762 -9.75 -19.25 60.45
N ALA A 763 -10.49 -19.71 59.42
CA ALA A 763 -9.96 -19.89 58.07
C ALA A 763 -9.59 -18.51 57.53
N LEU A 764 -10.37 -17.47 57.90
CA LEU A 764 -10.12 -16.08 57.51
C LEU A 764 -8.72 -15.62 57.94
N ASP A 765 -8.24 -16.03 59.13
CA ASP A 765 -6.90 -15.64 59.58
C ASP A 765 -5.85 -16.18 58.62
N ARG A 766 -6.06 -17.43 58.13
CA ARG A 766 -5.15 -18.05 57.17
C ARG A 766 -5.26 -17.31 55.84
N ALA A 767 -6.48 -16.97 55.39
CA ALA A 767 -6.70 -16.22 54.15
C ALA A 767 -6.03 -14.83 54.17
N ILE A 768 -5.99 -14.15 55.32
CA ILE A 768 -5.33 -12.84 55.40
C ILE A 768 -3.82 -13.09 55.32
N GLU A 769 -3.31 -14.14 56.00
CA GLU A 769 -1.88 -14.49 55.92
C GLU A 769 -1.55 -14.83 54.46
N GLU A 770 -2.44 -15.59 53.79
CA GLU A 770 -2.26 -15.98 52.38
C GLU A 770 -2.19 -14.72 51.54
N PHE A 771 -3.16 -13.80 51.71
CA PHE A 771 -3.23 -12.52 50.99
C PHE A 771 -1.94 -11.70 51.13
N THR A 772 -1.52 -11.47 52.37
CA THR A 772 -0.37 -10.65 52.75
C THR A 772 0.94 -11.00 52.05
N LEU A 773 1.30 -12.31 52.03
CA LEU A 773 2.56 -12.78 51.44
C LEU A 773 2.54 -12.59 49.94
N SER A 774 1.49 -13.08 49.29
CA SER A 774 1.24 -12.95 47.85
C SER A 774 1.19 -11.51 47.44
N CYS A 775 0.55 -10.67 48.27
CA CYS A 775 0.52 -9.25 47.99
C CYS A 775 1.94 -8.76 47.98
N ALA A 776 2.73 -9.06 49.04
CA ALA A 776 4.14 -8.66 49.12
C ALA A 776 4.94 -9.23 47.96
N GLY A 777 4.65 -10.46 47.58
CA GLY A 777 5.32 -11.14 46.48
C GLY A 777 5.10 -10.42 45.16
N TYR A 778 3.83 -10.22 44.79
CA TYR A 778 3.51 -9.55 43.53
C TYR A 778 3.90 -8.05 43.54
N CYS A 779 4.07 -7.40 44.72
CA CYS A 779 4.53 -6.01 44.78
C CYS A 779 6.00 -5.94 44.31
N VAL A 780 6.82 -6.88 44.80
CA VAL A 780 8.24 -6.97 44.47
C VAL A 780 8.44 -7.43 43.02
N ALA A 781 7.73 -8.48 42.58
CA ALA A 781 7.91 -8.99 41.22
C ALA A 781 7.54 -7.94 40.17
N THR A 782 6.39 -7.27 40.34
CA THR A 782 5.95 -6.22 39.42
C THR A 782 6.89 -5.02 39.44
N TYR A 783 7.39 -4.63 40.63
CA TYR A 783 8.34 -3.50 40.73
C TYR A 783 9.60 -3.78 39.94
N VAL A 784 10.19 -4.95 40.20
CA VAL A 784 11.42 -5.40 39.57
C VAL A 784 11.20 -5.57 38.06
N LEU A 785 10.17 -6.34 37.64
CA LEU A 785 9.90 -6.53 36.20
C LEU A 785 9.25 -5.31 35.50
N GLY A 786 8.91 -4.27 36.26
CA GLY A 786 8.36 -3.01 35.76
C GLY A 786 7.03 -3.13 35.06
N ILE A 787 6.11 -3.88 35.66
CA ILE A 787 4.81 -4.12 35.08
C ILE A 787 3.84 -2.97 35.43
N GLY A 788 3.40 -2.26 34.39
CA GLY A 788 2.49 -1.13 34.50
C GLY A 788 1.08 -1.45 34.06
N ASP A 789 0.20 -0.42 34.03
CA ASP A 789 -1.20 -0.54 33.63
C ASP A 789 -1.90 -1.58 34.52
N ARG A 790 -1.86 -1.29 35.82
CA ARG A 790 -2.44 -2.15 36.85
C ARG A 790 -3.77 -1.58 37.28
N HIS A 791 -4.86 -2.30 36.97
CA HIS A 791 -6.23 -1.90 37.34
C HIS A 791 -6.99 -3.11 37.85
N SER A 792 -8.09 -2.86 38.55
CA SER A 792 -8.92 -3.87 39.18
C SER A 792 -9.33 -5.05 38.29
N ASP A 793 -9.45 -4.82 36.96
CA ASP A 793 -9.82 -5.89 36.01
C ASP A 793 -8.64 -6.77 35.59
N ASN A 794 -7.38 -6.46 35.96
CA ASN A 794 -6.24 -7.33 35.63
C ASN A 794 -5.41 -7.77 36.88
N ILE A 795 -5.97 -7.63 38.09
CA ILE A 795 -5.39 -8.10 39.36
C ILE A 795 -6.44 -9.05 39.92
N MET A 796 -6.15 -10.35 39.98
CA MET A 796 -7.08 -11.35 40.52
C MET A 796 -6.75 -11.72 41.95
N ILE A 797 -7.63 -12.50 42.58
CA ILE A 797 -7.44 -12.95 43.95
C ILE A 797 -8.16 -14.29 44.13
N ARG A 798 -7.45 -15.29 44.67
CA ARG A 798 -8.00 -16.63 44.87
C ARG A 798 -8.90 -16.71 46.09
N GLU A 799 -9.84 -17.69 46.10
CA GLU A 799 -10.73 -17.94 47.23
C GLU A 799 -9.93 -18.28 48.50
N SER A 800 -8.73 -18.89 48.34
CA SER A 800 -7.84 -19.22 49.45
C SER A 800 -7.32 -17.97 50.16
N GLY A 801 -7.35 -16.83 49.48
CA GLY A 801 -6.86 -15.55 49.97
C GLY A 801 -5.73 -14.96 49.14
N GLN A 802 -5.06 -15.80 48.33
CA GLN A 802 -3.89 -15.42 47.53
C GLN A 802 -4.14 -14.41 46.41
N LEU A 803 -3.39 -13.29 46.41
CA LEU A 803 -3.45 -12.26 45.37
C LEU A 803 -2.59 -12.68 44.17
N PHE A 804 -3.03 -12.35 42.94
CA PHE A 804 -2.22 -12.65 41.75
C PHE A 804 -2.57 -11.74 40.58
N HIS A 805 -1.59 -11.40 39.74
CA HIS A 805 -1.76 -10.52 38.57
C HIS A 805 -1.87 -11.28 37.25
N ILE A 806 -2.50 -10.62 36.25
CA ILE A 806 -2.70 -11.14 34.90
C ILE A 806 -2.48 -10.01 33.87
N ASP A 807 -2.44 -10.37 32.56
CA ASP A 807 -2.18 -9.47 31.43
C ASP A 807 -0.75 -8.91 31.52
N PHE A 808 0.26 -9.74 31.24
CA PHE A 808 1.66 -9.30 31.30
C PHE A 808 2.17 -8.99 29.88
N GLY A 809 1.39 -8.20 29.15
CA GLY A 809 1.71 -7.77 27.79
C GLY A 809 2.62 -6.55 27.73
N HIS A 810 2.70 -5.75 28.84
CA HIS A 810 3.56 -4.56 28.91
C HIS A 810 4.43 -4.56 30.19
N PHE A 811 5.76 -4.79 30.02
CA PHE A 811 6.72 -4.86 31.13
C PHE A 811 7.94 -3.95 30.92
N LEU A 812 8.91 -3.96 31.87
CA LEU A 812 10.13 -3.14 31.85
C LEU A 812 9.82 -1.63 31.69
N GLY A 813 8.74 -1.18 32.32
CA GLY A 813 8.30 0.21 32.26
C GLY A 813 8.02 0.75 30.85
N ASN A 814 7.68 -0.16 29.89
CA ASN A 814 7.35 0.17 28.50
C ASN A 814 5.80 0.12 28.40
N PHE A 815 5.08 0.94 29.21
CA PHE A 815 3.59 0.99 29.31
C PHE A 815 2.76 0.78 28.00
N LYS A 816 3.33 1.05 26.81
CA LYS A 816 2.64 0.89 25.52
N ARG A 825 10.01 3.91 33.80
CA ARG A 825 10.28 3.93 35.24
C ARG A 825 8.96 3.85 36.02
N VAL A 826 8.54 2.63 36.43
CA VAL A 826 7.27 2.46 37.17
C VAL A 826 7.54 2.64 38.68
N PRO A 827 6.57 3.17 39.45
CA PRO A 827 6.78 3.29 40.89
C PRO A 827 6.39 2.00 41.61
N PHE A 828 6.53 2.01 42.93
CA PHE A 828 6.11 0.88 43.74
C PHE A 828 4.59 1.05 43.91
N ILE A 829 3.82 -0.05 44.05
CA ILE A 829 2.35 0.00 44.15
C ILE A 829 1.86 -0.61 45.46
N LEU A 830 0.94 0.10 46.16
CA LEU A 830 0.32 -0.35 47.40
C LEU A 830 -1.10 0.23 47.47
N THR A 831 -2.11 -0.45 46.92
CA THR A 831 -3.48 0.07 46.95
C THR A 831 -4.04 0.03 48.36
N TYR A 832 -4.82 1.06 48.73
CA TYR A 832 -5.39 1.22 50.06
C TYR A 832 -6.27 0.03 50.49
N ASP A 833 -7.00 -0.58 49.55
CA ASP A 833 -7.85 -1.75 49.84
C ASP A 833 -7.00 -2.95 50.28
N PHE A 834 -5.74 -3.06 49.81
CA PHE A 834 -4.84 -4.16 50.19
C PHE A 834 -4.33 -3.92 51.61
N VAL A 835 -3.82 -2.69 51.88
CA VAL A 835 -3.29 -2.29 53.20
C VAL A 835 -4.36 -2.51 54.31
N HIS A 836 -5.65 -2.38 53.97
CA HIS A 836 -6.76 -2.61 54.90
C HIS A 836 -6.88 -4.10 55.25
N VAL A 837 -6.80 -4.97 54.24
CA VAL A 837 -6.90 -6.43 54.43
C VAL A 837 -5.67 -6.91 55.18
N ILE A 838 -4.49 -6.36 54.85
CA ILE A 838 -3.23 -6.67 55.52
C ILE A 838 -3.35 -6.26 56.99
N GLN A 839 -3.89 -5.05 57.27
CA GLN A 839 -4.09 -4.55 58.64
C GLN A 839 -5.36 -5.13 59.35
N GLN A 840 -5.86 -6.32 58.94
CA GLN A 840 -7.03 -7.02 59.49
C GLN A 840 -8.31 -6.18 59.55
N GLY A 841 -8.46 -5.27 58.59
CA GLY A 841 -9.62 -4.40 58.50
C GLY A 841 -9.63 -3.25 59.49
N LYS A 842 -8.49 -2.96 60.14
CA LYS A 842 -8.38 -1.87 61.11
C LYS A 842 -7.71 -0.67 60.43
N THR A 843 -8.03 0.54 60.89
CA THR A 843 -7.42 1.78 60.36
C THR A 843 -5.95 1.85 60.82
N ASN A 844 -5.62 1.24 61.98
CA ASN A 844 -4.26 1.20 62.53
C ASN A 844 -3.92 -0.20 63.07
N ASN A 845 -2.90 -0.85 62.48
CA ASN A 845 -2.40 -2.17 62.89
C ASN A 845 -0.94 -2.29 62.42
N SER A 846 -0.06 -1.49 63.05
CA SER A 846 1.37 -1.47 62.74
C SER A 846 2.09 -2.79 63.04
N GLU A 847 1.51 -3.66 63.88
CA GLU A 847 2.10 -4.95 64.19
C GLU A 847 2.07 -5.84 62.94
N LYS A 848 0.88 -5.97 62.30
CA LYS A 848 0.72 -6.77 61.08
C LYS A 848 1.30 -6.08 59.84
N PHE A 849 1.34 -4.73 59.82
CA PHE A 849 1.86 -3.99 58.68
C PHE A 849 3.37 -4.09 58.57
N GLU A 850 4.09 -3.86 59.67
CA GLU A 850 5.55 -3.93 59.64
C GLU A 850 6.04 -5.35 59.34
N ARG A 851 5.22 -6.38 59.69
CA ARG A 851 5.53 -7.76 59.33
C ARG A 851 5.52 -7.82 57.80
N PHE A 852 4.40 -7.35 57.19
CA PHE A 852 4.23 -7.28 55.74
C PHE A 852 5.38 -6.55 55.07
N ARG A 853 5.71 -5.33 55.55
CA ARG A 853 6.83 -4.55 55.01
C ARG A 853 8.10 -5.43 55.00
N GLY A 854 8.30 -6.18 56.08
CA GLY A 854 9.43 -7.11 56.21
C GLY A 854 9.54 -8.10 55.07
N TYR A 855 8.41 -8.70 54.66
CA TYR A 855 8.36 -9.65 53.55
C TYR A 855 8.78 -9.00 52.25
N CYS A 856 8.34 -7.74 52.01
CA CYS A 856 8.70 -7.02 50.79
C CYS A 856 10.19 -6.75 50.75
N GLU A 857 10.81 -6.45 51.91
CA GLU A 857 12.24 -6.20 51.99
C GLU A 857 13.04 -7.49 51.79
N ARG A 858 12.67 -8.59 52.52
CA ARG A 858 13.35 -9.90 52.42
C ARG A 858 13.33 -10.40 50.98
N ALA A 859 12.14 -10.42 50.36
CA ALA A 859 11.97 -10.85 48.98
C ALA A 859 12.80 -10.00 48.02
N TYR A 860 12.80 -8.67 48.20
CA TYR A 860 13.57 -7.74 47.35
C TYR A 860 15.07 -8.04 47.37
N THR A 861 15.61 -8.36 48.55
CA THR A 861 17.05 -8.66 48.70
C THR A 861 17.42 -10.02 48.06
N ILE A 862 16.65 -11.09 48.34
CA ILE A 862 16.92 -12.43 47.78
C ILE A 862 17.02 -12.34 46.24
N LEU A 863 16.15 -11.50 45.63
CA LEU A 863 16.19 -11.28 44.19
C LEU A 863 17.54 -10.64 43.85
N ARG A 864 17.87 -9.51 44.52
CA ARG A 864 19.13 -8.78 44.29
C ARG A 864 20.37 -9.66 44.36
N ARG A 865 20.38 -10.65 45.27
CA ARG A 865 21.48 -11.61 45.40
C ARG A 865 21.62 -12.35 44.07
N HIS A 866 20.47 -12.84 43.51
CA HIS A 866 20.42 -13.53 42.22
C HIS A 866 20.16 -12.60 41.03
N GLY A 867 20.59 -11.35 41.10
CA GLY A 867 20.40 -10.39 40.02
C GLY A 867 21.10 -10.78 38.72
N LEU A 868 22.22 -11.54 38.82
CA LEU A 868 22.94 -12.00 37.63
C LEU A 868 22.12 -13.02 36.88
N LEU A 869 21.51 -13.98 37.60
CA LEU A 869 20.67 -14.99 36.96
C LEU A 869 19.63 -14.32 36.09
N PHE A 870 18.87 -13.36 36.66
CA PHE A 870 17.88 -12.60 35.89
C PHE A 870 18.53 -11.94 34.69
N LEU A 871 19.69 -11.27 34.89
CA LEU A 871 20.39 -10.62 33.77
C LEU A 871 20.78 -11.59 32.68
N HIS A 872 21.39 -12.72 33.06
CA HIS A 872 21.86 -13.69 32.08
C HIS A 872 20.72 -14.37 31.36
N LEU A 873 19.55 -14.56 32.00
CA LEU A 873 18.41 -15.17 31.29
C LEU A 873 17.80 -14.14 30.33
N PHE A 874 17.59 -12.89 30.78
CA PHE A 874 17.08 -11.85 29.88
C PHE A 874 18.07 -11.51 28.76
N ALA A 875 19.38 -11.73 28.99
CA ALA A 875 20.40 -11.45 27.97
C ALA A 875 20.25 -12.36 26.76
N LEU A 876 19.95 -13.65 27.01
CA LEU A 876 19.77 -14.63 25.94
C LEU A 876 18.44 -14.41 25.20
N MET A 877 17.41 -13.81 25.85
CA MET A 877 16.10 -13.55 25.21
C MET A 877 16.12 -12.41 24.21
N ARG A 878 17.21 -11.62 24.10
CA ARG A 878 17.28 -10.59 23.07
C ARG A 878 17.18 -11.25 21.66
N ALA A 879 17.43 -12.58 21.58
CA ALA A 879 17.29 -13.36 20.35
C ALA A 879 15.84 -13.52 19.90
N ALA A 880 14.88 -13.62 20.86
CA ALA A 880 13.45 -13.80 20.55
C ALA A 880 12.90 -12.80 19.55
N GLY A 881 13.03 -11.52 19.90
CA GLY A 881 12.54 -10.43 19.08
C GLY A 881 11.22 -9.89 19.59
N LEU A 882 11.15 -9.58 20.89
CA LEU A 882 9.95 -8.99 21.50
C LEU A 882 10.07 -7.49 21.30
N PRO A 883 8.96 -6.74 21.13
CA PRO A 883 9.09 -5.29 20.97
C PRO A 883 9.70 -4.59 22.17
N GLU A 884 9.40 -5.08 23.38
CA GLU A 884 9.85 -4.46 24.62
C GLU A 884 11.13 -5.06 25.22
N LEU A 885 11.78 -6.04 24.55
CA LEU A 885 13.07 -6.61 24.98
C LEU A 885 13.96 -6.67 23.73
N SER A 886 14.23 -5.49 23.18
CA SER A 886 14.97 -5.30 21.93
C SER A 886 16.44 -4.98 22.11
N CYS A 887 16.76 -4.03 23.00
CA CYS A 887 18.11 -3.51 23.18
C CYS A 887 18.60 -3.55 24.63
N SER A 888 19.78 -2.93 24.88
CA SER A 888 20.40 -2.82 26.19
C SER A 888 19.59 -1.88 27.10
N LYS A 889 18.97 -0.83 26.53
CA LYS A 889 18.15 0.14 27.29
C LYS A 889 17.00 -0.57 28.04
N ASP A 890 16.48 -1.68 27.47
CA ASP A 890 15.43 -2.47 28.09
C ASP A 890 16.03 -3.24 29.27
N ILE A 891 17.12 -4.02 29.03
CA ILE A 891 17.85 -4.76 30.07
C ILE A 891 18.20 -3.81 31.23
N GLN A 892 18.61 -2.57 30.89
CA GLN A 892 18.98 -1.54 31.87
C GLN A 892 17.89 -1.30 32.90
N TYR A 893 16.61 -1.46 32.52
CA TYR A 893 15.52 -1.30 33.47
C TYR A 893 15.75 -2.25 34.65
N LEU A 894 16.11 -3.52 34.36
CA LEU A 894 16.34 -4.52 35.40
C LEU A 894 17.55 -4.20 36.28
N LYS A 895 18.65 -3.67 35.67
CA LYS A 895 19.85 -3.26 36.40
C LYS A 895 19.47 -2.18 37.42
N ASP A 896 18.80 -1.11 36.94
CA ASP A 896 18.38 0.01 37.78
C ASP A 896 17.30 -0.38 38.81
N SER A 897 16.38 -1.32 38.49
CA SER A 897 15.34 -1.73 39.44
C SER A 897 15.90 -2.52 40.62
N LEU A 898 16.87 -3.42 40.35
CA LEU A 898 17.52 -4.20 41.40
C LEU A 898 18.75 -3.48 41.96
N ALA A 899 19.23 -2.41 41.28
CA ALA A 899 20.39 -1.63 41.68
C ALA A 899 21.61 -2.52 41.91
N LEU A 900 22.05 -3.20 40.84
CA LEU A 900 23.23 -4.07 40.91
C LEU A 900 24.54 -3.27 41.07
N GLY A 901 24.52 -1.98 40.73
CA GLY A 901 25.66 -1.08 40.92
C GLY A 901 25.66 -0.38 42.27
N LYS A 902 25.25 -1.10 43.34
CA LYS A 902 25.20 -0.61 44.72
C LYS A 902 25.50 -1.77 45.70
N THR A 903 25.59 -1.46 46.99
CA THR A 903 25.79 -2.45 48.05
C THR A 903 24.41 -2.81 48.61
N GLU A 904 24.32 -3.87 49.43
CA GLU A 904 23.05 -4.28 50.03
C GLU A 904 22.49 -3.21 51.00
N GLU A 905 23.39 -2.39 51.60
CA GLU A 905 23.00 -1.30 52.50
C GLU A 905 22.28 -0.24 51.68
N GLU A 906 22.97 0.30 50.66
CA GLU A 906 22.45 1.34 49.76
C GLU A 906 21.18 0.93 49.05
N ALA A 907 21.18 -0.28 48.46
CA ALA A 907 20.02 -0.80 47.73
C ALA A 907 18.79 -0.92 48.64
N LEU A 908 18.96 -1.46 49.86
CA LEU A 908 17.85 -1.59 50.81
C LEU A 908 17.46 -0.22 51.38
N LYS A 909 18.44 0.67 51.58
CA LYS A 909 18.20 2.05 52.05
C LYS A 909 17.37 2.79 51.00
N HIS A 910 17.74 2.64 49.71
CA HIS A 910 17.03 3.25 48.59
C HIS A 910 15.66 2.61 48.38
N PHE A 911 15.57 1.27 48.52
CA PHE A 911 14.30 0.56 48.35
C PHE A 911 13.29 0.91 49.45
N ARG A 912 13.78 1.12 50.70
CA ARG A 912 12.93 1.52 51.83
C ARG A 912 12.18 2.83 51.53
N VAL A 913 12.81 3.73 50.75
CA VAL A 913 12.23 5.01 50.34
C VAL A 913 11.11 4.78 49.31
N LYS A 914 11.33 3.91 48.31
CA LYS A 914 10.33 3.60 47.27
C LYS A 914 9.04 3.06 47.89
N PHE A 915 9.17 2.17 48.89
CA PHE A 915 8.03 1.59 49.61
C PHE A 915 7.24 2.68 50.32
N ASN A 916 7.95 3.60 51.00
CA ASN A 916 7.33 4.72 51.69
C ASN A 916 6.68 5.68 50.69
N GLU A 917 7.29 5.89 49.51
CA GLU A 917 6.71 6.74 48.47
C GLU A 917 5.39 6.19 47.89
N ALA A 918 5.18 4.86 47.94
CA ALA A 918 3.94 4.21 47.48
C ALA A 918 2.90 4.20 48.62
N LEU A 919 3.38 4.02 49.87
CA LEU A 919 2.56 4.03 51.07
C LEU A 919 1.90 5.41 51.24
N ARG A 920 2.70 6.49 51.07
CA ARG A 920 2.25 7.88 51.18
C ARG A 920 1.29 8.26 50.05
N GLU A 921 1.63 7.88 48.79
CA GLU A 921 0.80 8.18 47.61
C GLU A 921 -0.57 7.50 47.71
N SER A 922 -0.66 6.36 48.42
CA SER A 922 -1.91 5.64 48.61
C SER A 922 -2.82 6.34 49.63
N TRP A 923 -3.41 7.49 49.23
CA TRP A 923 -4.30 8.33 50.05
C TRP A 923 -3.71 8.81 51.39
N VAL B 5 20.78 10.66 -16.63
CA VAL B 5 20.14 10.63 -17.94
C VAL B 5 18.69 10.17 -17.76
N LYS B 6 18.48 8.87 -17.43
CA LYS B 6 17.16 8.27 -17.18
C LYS B 6 16.46 9.03 -16.04
N LYS B 7 17.22 9.32 -14.97
CA LYS B 7 16.75 10.06 -13.79
C LYS B 7 16.35 11.49 -14.19
N LEU B 8 17.16 12.11 -15.10
CA LEU B 8 16.93 13.47 -15.61
C LEU B 8 15.60 13.54 -16.36
N ILE B 9 15.38 12.66 -17.35
CA ILE B 9 14.10 12.60 -18.08
C ILE B 9 12.96 12.39 -17.08
N ASN B 10 13.12 11.44 -16.15
CA ASN B 10 12.09 11.16 -15.13
C ASN B 10 11.74 12.38 -14.29
N SER B 11 12.74 13.14 -13.85
CA SER B 11 12.52 14.36 -13.08
C SER B 11 11.92 15.49 -13.96
N GLN B 12 12.30 15.54 -15.26
CA GLN B 12 11.77 16.52 -16.22
C GLN B 12 10.25 16.27 -16.33
N ILE B 13 9.87 15.04 -16.72
CA ILE B 13 8.46 14.59 -16.87
C ILE B 13 7.59 14.93 -15.64
N SER B 14 8.16 14.83 -14.44
CA SER B 14 7.43 15.11 -13.20
C SER B 14 7.01 16.57 -13.14
N LEU B 15 7.97 17.46 -13.45
CA LEU B 15 7.76 18.90 -13.45
C LEU B 15 6.70 19.28 -14.49
N LEU B 16 6.84 18.71 -15.70
CA LEU B 16 6.00 18.94 -16.87
C LEU B 16 4.53 18.63 -16.64
N ILE B 17 4.22 17.41 -16.20
CA ILE B 17 2.85 16.97 -15.95
C ILE B 17 2.31 17.55 -14.63
N GLY B 18 3.20 17.94 -13.72
CA GLY B 18 2.80 18.52 -12.44
C GLY B 18 2.51 17.49 -11.36
N LYS B 19 3.05 16.28 -11.51
CA LYS B 19 2.84 15.18 -10.57
C LYS B 19 4.10 14.32 -10.62
N GLY B 20 4.60 13.90 -9.47
CA GLY B 20 5.79 13.08 -9.39
C GLY B 20 5.52 11.66 -9.86
N LEU B 21 6.47 11.07 -10.62
CA LEU B 21 6.33 9.70 -11.12
C LEU B 21 6.29 8.68 -9.98
N HIS B 22 6.83 9.03 -8.81
CA HIS B 22 6.76 8.22 -7.60
C HIS B 22 5.31 8.07 -7.14
N GLU B 23 4.48 9.13 -7.33
CA GLU B 23 3.06 9.13 -6.95
C GLU B 23 2.24 8.04 -7.67
N PHE B 24 2.78 7.45 -8.77
CA PHE B 24 2.17 6.31 -9.47
C PHE B 24 2.64 5.02 -8.79
N ASP B 25 3.96 4.91 -8.53
CA ASP B 25 4.60 3.76 -7.88
C ASP B 25 4.07 3.55 -6.46
N SER B 26 3.78 4.65 -5.73
CA SER B 26 3.25 4.61 -4.36
C SER B 26 1.93 3.83 -4.24
N LEU B 27 1.12 3.80 -5.32
CA LEU B 27 -0.15 3.08 -5.35
C LEU B 27 0.08 1.57 -5.48
N ARG B 28 1.17 1.15 -6.18
CA ARG B 28 1.55 -0.26 -6.41
C ARG B 28 0.46 -1.08 -7.15
N ASP B 29 -0.43 -0.40 -7.90
CA ASP B 29 -1.53 -1.06 -8.62
C ASP B 29 -0.97 -1.78 -9.85
N PRO B 30 -1.24 -3.09 -10.08
CA PRO B 30 -0.71 -3.74 -11.30
C PRO B 30 -1.25 -3.13 -12.58
N GLU B 31 -2.48 -2.56 -12.58
CA GLU B 31 -3.05 -1.89 -13.76
C GLU B 31 -2.16 -0.72 -14.15
N VAL B 32 -1.90 0.19 -13.20
CA VAL B 32 -1.05 1.35 -13.42
C VAL B 32 0.35 0.89 -13.83
N ASN B 33 0.86 -0.20 -13.24
CA ASN B 33 2.18 -0.73 -13.59
C ASN B 33 2.16 -1.36 -14.98
N ASP B 34 1.06 -2.03 -15.35
CA ASP B 34 0.87 -2.67 -16.67
C ASP B 34 0.70 -1.60 -17.74
N PHE B 35 -0.08 -0.53 -17.43
CA PHE B 35 -0.32 0.60 -18.35
C PHE B 35 1.01 1.25 -18.70
N ARG B 36 1.79 1.65 -17.69
CA ARG B 36 3.09 2.31 -17.87
C ARG B 36 4.09 1.46 -18.69
N THR B 37 4.08 0.14 -18.53
CA THR B 37 4.98 -0.76 -19.27
C THR B 37 4.49 -0.96 -20.70
N LYS B 38 3.20 -1.35 -20.86
CA LYS B 38 2.61 -1.60 -22.17
C LYS B 38 2.67 -0.35 -23.06
N MET B 39 2.35 0.82 -22.49
CA MET B 39 2.34 2.07 -23.23
C MET B 39 3.72 2.52 -23.64
N ARG B 40 4.67 2.58 -22.70
CA ARG B 40 6.04 3.01 -23.02
C ARG B 40 6.63 2.19 -24.17
N GLN B 41 6.41 0.85 -24.16
CA GLN B 41 6.89 -0.05 -25.21
C GLN B 41 6.29 0.44 -26.55
N PHE B 42 4.97 0.64 -26.57
CA PHE B 42 4.23 1.11 -27.73
C PHE B 42 4.75 2.46 -28.25
N CYS B 43 4.89 3.46 -27.38
CA CYS B 43 5.40 4.79 -27.74
C CYS B 43 6.88 4.77 -28.12
N GLU B 44 7.67 3.83 -27.58
CA GLU B 44 9.09 3.70 -27.95
C GLU B 44 9.19 3.14 -29.36
N GLU B 45 8.30 2.20 -29.73
CA GLU B 45 8.24 1.60 -31.07
C GLU B 45 7.78 2.66 -32.07
N ALA B 46 6.84 3.53 -31.64
CA ALA B 46 6.37 4.66 -32.45
C ALA B 46 7.54 5.61 -32.74
N ALA B 47 8.33 5.92 -31.70
CA ALA B 47 9.51 6.77 -31.82
C ALA B 47 10.59 6.11 -32.66
N ALA B 48 10.67 4.77 -32.65
CA ALA B 48 11.66 4.06 -33.44
C ALA B 48 11.37 4.24 -34.94
N HIS B 49 10.09 4.10 -35.36
CA HIS B 49 9.65 4.29 -36.75
C HIS B 49 9.96 5.73 -37.17
N ARG B 50 9.50 6.68 -36.36
CA ARG B 50 9.68 8.12 -36.56
C ARG B 50 11.13 8.48 -36.90
N GLN B 51 12.11 7.85 -36.23
CA GLN B 51 13.53 8.15 -36.49
C GLN B 51 14.03 7.65 -37.85
N GLN B 52 13.37 6.68 -38.51
CA GLN B 52 13.82 6.20 -39.81
C GLN B 52 12.96 6.69 -40.99
N LEU B 53 12.13 7.73 -40.79
CA LEU B 53 11.31 8.31 -41.88
C LEU B 53 12.19 9.13 -42.83
N GLY B 54 11.66 9.40 -44.02
CA GLY B 54 12.34 10.23 -45.01
C GLY B 54 12.30 11.68 -44.59
N TRP B 55 13.18 12.52 -45.16
CA TRP B 55 13.22 13.93 -44.76
C TRP B 55 11.91 14.68 -45.02
N VAL B 56 11.22 14.42 -46.15
CA VAL B 56 9.91 15.04 -46.42
C VAL B 56 8.86 14.45 -45.47
N GLU B 57 9.01 13.18 -45.07
CA GLU B 57 8.06 12.54 -44.15
C GLU B 57 8.25 13.06 -42.71
N TRP B 58 9.47 13.50 -42.34
CA TRP B 58 9.74 14.09 -41.02
C TRP B 58 9.07 15.46 -40.95
N LEU B 59 9.14 16.26 -42.05
CA LEU B 59 8.50 17.57 -42.13
C LEU B 59 7.00 17.43 -41.88
N GLN B 60 6.37 16.37 -42.42
CA GLN B 60 4.94 16.12 -42.20
C GLN B 60 4.61 15.75 -40.74
N TYR B 61 5.62 15.36 -39.93
CA TYR B 61 5.44 15.06 -38.51
C TYR B 61 5.70 16.31 -37.68
N SER B 62 6.85 16.96 -37.92
CA SER B 62 7.31 18.11 -37.16
C SER B 62 6.68 19.43 -37.58
N PHE B 63 6.60 19.69 -38.91
CA PHE B 63 5.99 20.91 -39.47
C PHE B 63 4.83 20.55 -40.42
N PRO B 64 3.77 19.87 -39.93
CA PRO B 64 2.66 19.50 -40.82
C PRO B 64 2.12 20.69 -41.59
N LEU B 65 1.95 20.55 -42.92
CA LEU B 65 1.48 21.66 -43.77
C LEU B 65 0.23 22.31 -43.23
N GLN B 66 0.16 23.63 -43.39
CA GLN B 66 -0.97 24.44 -42.96
C GLN B 66 -1.64 24.99 -44.20
N LEU B 67 -2.60 24.19 -44.72
CA LEU B 67 -3.35 24.50 -45.93
C LEU B 67 -4.77 24.97 -45.61
N GLU B 68 -5.39 25.67 -46.57
CA GLU B 68 -6.76 26.16 -46.45
C GLU B 68 -7.75 25.08 -46.86
N PRO B 69 -9.05 25.19 -46.50
CA PRO B 69 -10.03 24.18 -46.97
C PRO B 69 -10.26 24.23 -48.48
N ASN B 83 -3.19 32.96 -62.43
CA ASN B 83 -4.45 33.64 -62.13
C ASN B 83 -4.18 35.12 -61.81
N ARG B 84 -3.27 35.38 -60.84
CA ARG B 84 -2.91 36.74 -60.41
C ARG B 84 -1.57 36.69 -59.66
N ALA B 85 -0.48 37.18 -60.29
CA ALA B 85 0.86 37.14 -59.71
C ALA B 85 1.04 37.95 -58.42
N LEU B 86 2.19 37.77 -57.73
CA LEU B 86 2.46 38.49 -56.48
C LEU B 86 3.95 38.55 -56.13
N LEU B 87 4.36 39.58 -55.37
CA LEU B 87 5.75 39.74 -54.95
C LEU B 87 6.09 38.74 -53.85
N VAL B 88 7.27 38.08 -53.93
CA VAL B 88 7.71 37.07 -52.98
C VAL B 88 9.20 37.26 -52.66
N ASN B 89 9.58 37.29 -51.37
CA ASN B 89 10.98 37.41 -50.94
C ASN B 89 11.49 36.00 -50.56
N VAL B 90 12.76 35.69 -50.90
CA VAL B 90 13.36 34.38 -50.63
C VAL B 90 14.82 34.59 -50.20
N LYS B 91 15.42 33.61 -49.50
CA LYS B 91 16.83 33.64 -49.10
C LYS B 91 17.32 32.20 -48.84
N PHE B 92 18.60 32.04 -48.46
CA PHE B 92 19.20 30.74 -48.15
C PHE B 92 19.54 30.68 -46.67
N GLU B 93 19.70 29.46 -46.12
CA GLU B 93 19.92 29.23 -44.69
C GLU B 93 21.10 30.00 -44.06
N GLY B 94 22.28 29.87 -44.65
CA GLY B 94 23.47 30.54 -44.13
C GLY B 94 23.45 32.05 -44.30
N SER B 95 23.57 32.50 -45.55
CA SER B 95 23.61 33.92 -45.92
C SER B 95 22.33 34.70 -45.61
N GLU B 96 22.45 36.03 -45.60
CA GLU B 96 21.35 36.97 -45.37
C GLU B 96 20.93 37.64 -46.70
N GLU B 97 21.59 37.27 -47.82
CA GLU B 97 21.29 37.85 -49.14
C GLU B 97 19.96 37.34 -49.66
N SER B 98 18.97 38.25 -49.73
CA SER B 98 17.63 37.92 -50.20
C SER B 98 17.39 38.33 -51.65
N PHE B 99 16.50 37.60 -52.33
CA PHE B 99 16.10 37.86 -53.72
C PHE B 99 14.58 37.98 -53.74
N THR B 100 14.05 38.95 -54.49
CA THR B 100 12.61 39.15 -54.59
C THR B 100 12.14 38.75 -55.99
N PHE B 101 11.05 37.97 -56.05
CA PHE B 101 10.43 37.51 -57.28
C PHE B 101 9.01 38.01 -57.35
N GLN B 102 8.39 37.77 -58.49
CA GLN B 102 6.98 37.99 -58.73
C GLN B 102 6.54 36.71 -59.43
N VAL B 103 5.69 35.91 -58.79
CA VAL B 103 5.27 34.61 -59.34
C VAL B 103 3.78 34.38 -59.13
N SER B 104 3.21 33.40 -59.87
CA SER B 104 1.78 33.12 -59.84
C SER B 104 1.27 32.53 -58.52
N THR B 105 -0.02 32.77 -58.23
CA THR B 105 -0.72 32.21 -57.07
C THR B 105 -0.85 30.69 -57.28
N LYS B 106 -1.06 30.28 -58.56
CA LYS B 106 -1.18 28.89 -58.95
C LYS B 106 0.19 28.17 -59.11
N ASP B 107 1.33 28.87 -58.91
CA ASP B 107 2.65 28.24 -59.05
C ASP B 107 2.89 27.25 -57.90
N MET B 108 3.58 26.15 -58.20
CA MET B 108 3.92 25.14 -57.19
C MET B 108 5.10 25.65 -56.38
N PRO B 109 5.37 25.11 -55.18
CA PRO B 109 6.56 25.57 -54.43
C PRO B 109 7.87 25.20 -55.13
N LEU B 110 7.88 24.12 -55.96
CA LEU B 110 9.09 23.75 -56.70
C LEU B 110 9.43 24.78 -57.77
N ALA B 111 8.41 25.37 -58.44
CA ALA B 111 8.61 26.43 -59.45
C ALA B 111 9.26 27.66 -58.78
N LEU B 112 8.85 27.96 -57.53
CA LEU B 112 9.42 29.03 -56.72
C LEU B 112 10.85 28.65 -56.34
N MET B 113 11.04 27.42 -55.80
CA MET B 113 12.35 26.92 -55.41
C MET B 113 13.32 26.95 -56.59
N ALA B 114 12.83 26.56 -57.78
CA ALA B 114 13.62 26.53 -59.01
C ALA B 114 14.18 27.92 -59.33
N CYS B 115 13.35 28.99 -59.18
CA CYS B 115 13.79 30.36 -59.42
C CYS B 115 14.89 30.74 -58.44
N ALA B 116 14.68 30.43 -57.13
CA ALA B 116 15.64 30.73 -56.07
C ALA B 116 17.04 30.13 -56.33
N LEU B 117 17.09 28.99 -57.04
CA LEU B 117 18.37 28.37 -57.42
C LEU B 117 18.92 29.14 -58.62
N ARG B 118 18.05 29.51 -59.59
CA ARG B 118 18.45 30.28 -60.77
C ARG B 118 18.97 31.67 -60.41
N LYS B 119 18.43 32.32 -59.36
CA LYS B 119 18.93 33.64 -58.95
C LYS B 119 20.26 33.51 -58.21
N LYS B 120 20.47 32.41 -57.46
CA LYS B 120 21.75 32.16 -56.80
C LYS B 120 22.77 31.75 -57.86
N ALA B 121 22.33 31.08 -58.95
CA ALA B 121 23.22 30.65 -60.04
C ALA B 121 23.91 31.84 -60.75
N THR B 122 23.28 33.03 -60.77
CA THR B 122 23.86 34.23 -61.39
C THR B 122 24.78 34.97 -60.40
N VAL B 123 24.33 35.17 -59.14
CA VAL B 123 25.09 35.90 -58.12
C VAL B 123 26.25 35.05 -57.57
N PHE B 124 25.99 33.80 -57.17
CA PHE B 124 27.01 32.88 -56.65
C PHE B 124 27.92 32.35 -57.79
N ARG B 125 27.41 32.41 -59.05
CA ARG B 125 28.12 32.01 -60.27
C ARG B 125 28.28 30.49 -60.39
N GLN B 126 27.13 29.78 -60.36
CA GLN B 126 27.01 28.33 -60.51
C GLN B 126 27.79 27.53 -59.43
N GLN B 131 19.67 21.06 -57.85
CA GLN B 131 18.53 20.14 -57.88
C GLN B 131 17.41 20.68 -56.97
N PRO B 132 16.27 21.20 -57.51
CA PRO B 132 15.22 21.75 -56.62
C PRO B 132 14.52 20.80 -55.66
N GLU B 133 14.36 19.53 -56.03
CA GLU B 133 13.66 18.55 -55.20
C GLU B 133 14.35 18.32 -53.84
N GLU B 134 15.65 18.61 -53.74
CA GLU B 134 16.41 18.43 -52.50
C GLU B 134 16.25 19.52 -51.44
N TYR B 135 15.42 20.55 -51.67
CA TYR B 135 15.23 21.63 -50.70
C TYR B 135 13.77 21.74 -50.28
N ALA B 136 13.52 22.54 -49.23
CA ALA B 136 12.19 22.82 -48.70
C ALA B 136 12.13 24.31 -48.35
N LEU B 137 10.94 24.92 -48.44
CA LEU B 137 10.77 26.36 -48.16
C LEU B 137 10.26 26.60 -46.75
N GLN B 138 11.14 27.12 -45.87
CA GLN B 138 10.84 27.42 -44.47
C GLN B 138 10.32 28.84 -44.29
N VAL B 139 9.12 29.01 -43.68
CA VAL B 139 8.55 30.34 -43.42
C VAL B 139 9.41 30.99 -42.32
N ASN B 140 10.10 32.09 -42.66
CA ASN B 140 11.00 32.85 -41.77
C ASN B 140 10.40 33.11 -40.38
N GLY B 141 11.14 32.76 -39.34
CA GLY B 141 10.75 32.93 -37.95
C GLY B 141 9.42 32.28 -37.59
N ARG B 142 9.18 31.08 -38.14
CA ARG B 142 7.96 30.30 -37.91
C ARG B 142 8.28 28.80 -38.03
N HIS B 143 7.49 27.94 -37.35
CA HIS B 143 7.64 26.48 -37.41
C HIS B 143 6.62 26.01 -38.47
N GLU B 144 6.79 26.54 -39.68
CA GLU B 144 5.92 26.30 -40.83
C GLU B 144 6.79 26.16 -42.06
N TYR B 145 6.44 25.20 -42.92
CA TYR B 145 7.15 24.94 -44.17
C TYR B 145 6.15 24.87 -45.32
N LEU B 146 6.67 25.08 -46.53
CA LEU B 146 5.92 25.08 -47.78
C LEU B 146 6.52 23.99 -48.70
N TYR B 147 5.75 22.93 -48.97
CA TYR B 147 6.19 21.80 -49.81
C TYR B 147 4.97 21.05 -50.31
N GLY B 148 5.19 20.04 -51.14
CA GLY B 148 4.13 19.21 -51.70
C GLY B 148 3.56 19.75 -53.00
N ASN B 149 2.68 18.96 -53.63
CA ASN B 149 2.03 19.34 -54.90
C ASN B 149 0.80 20.19 -54.58
N TYR B 150 1.03 21.49 -54.31
CA TYR B 150 -0.04 22.42 -53.96
C TYR B 150 0.20 23.82 -54.56
N PRO B 151 -0.77 24.44 -55.27
CA PRO B 151 -0.55 25.82 -55.74
C PRO B 151 -0.38 26.74 -54.53
N LEU B 152 0.51 27.72 -54.62
CA LEU B 152 0.85 28.57 -53.47
C LEU B 152 -0.35 29.26 -52.79
N CYS B 153 -1.48 29.48 -53.49
CA CYS B 153 -2.67 30.08 -52.88
C CYS B 153 -3.46 29.12 -51.97
N HIS B 154 -2.97 27.87 -51.74
CA HIS B 154 -3.62 26.91 -50.84
C HIS B 154 -3.00 26.98 -49.43
N PHE B 155 -1.78 27.57 -49.27
CA PHE B 155 -1.12 27.68 -47.96
C PHE B 155 -1.73 28.80 -47.11
N GLN B 156 -1.69 28.67 -45.77
CA GLN B 156 -2.23 29.68 -44.87
C GLN B 156 -1.36 30.93 -44.83
N TYR B 157 -0.02 30.78 -44.81
CA TYR B 157 0.94 31.91 -44.79
C TYR B 157 0.91 32.72 -46.08
N ILE B 158 0.63 32.07 -47.22
CA ILE B 158 0.57 32.76 -48.52
C ILE B 158 -0.81 33.37 -48.65
N CYS B 159 -1.89 32.61 -48.36
CA CYS B 159 -3.26 33.11 -48.42
C CYS B 159 -3.43 34.30 -47.48
N SER B 160 -2.71 34.29 -46.33
CA SER B 160 -2.66 35.39 -45.36
C SER B 160 -2.05 36.61 -46.05
N CYS B 161 -0.87 36.44 -46.67
CA CYS B 161 -0.19 37.53 -47.40
C CYS B 161 -1.03 38.12 -48.55
N LEU B 162 -1.96 37.34 -49.18
CA LEU B 162 -2.80 37.87 -50.28
C LEU B 162 -3.76 38.92 -49.74
N HIS B 163 -4.64 38.50 -48.80
CA HIS B 163 -5.64 39.37 -48.18
C HIS B 163 -4.96 40.55 -47.49
N SER B 164 -4.05 40.23 -46.56
CA SER B 164 -3.35 41.24 -45.77
C SER B 164 -2.37 42.14 -46.54
N GLY B 165 -1.95 41.73 -47.74
CA GLY B 165 -1.04 42.53 -48.55
C GLY B 165 0.41 42.55 -48.09
N LEU B 166 0.81 41.59 -47.22
CA LEU B 166 2.19 41.49 -46.75
C LEU B 166 2.98 40.67 -47.76
N THR B 167 4.32 40.60 -47.62
CA THR B 167 5.18 39.86 -48.55
C THR B 167 5.75 38.58 -47.93
N PRO B 168 5.57 37.40 -48.57
CA PRO B 168 6.19 36.18 -48.04
C PRO B 168 7.72 36.21 -48.11
N HIS B 169 8.39 35.94 -46.98
CA HIS B 169 9.83 35.87 -46.83
C HIS B 169 10.12 34.44 -46.40
N LEU B 170 10.82 33.65 -47.23
CA LEU B 170 11.07 32.23 -46.96
C LEU B 170 12.54 31.89 -47.08
N THR B 171 12.98 30.81 -46.40
CA THR B 171 14.37 30.34 -46.42
C THR B 171 14.45 28.98 -47.15
N MET B 172 15.50 28.78 -47.97
CA MET B 172 15.77 27.54 -48.70
C MET B 172 16.63 26.61 -47.82
N VAL B 173 16.02 25.54 -47.30
CA VAL B 173 16.68 24.58 -46.39
C VAL B 173 16.94 23.27 -47.13
N HIS B 174 18.22 22.87 -47.27
CA HIS B 174 18.58 21.63 -47.97
C HIS B 174 18.17 20.39 -47.16
N SER B 175 17.93 19.26 -47.87
CA SER B 175 17.55 17.98 -47.28
C SER B 175 18.40 17.58 -46.09
N SER B 176 19.74 17.72 -46.22
CA SER B 176 20.67 17.36 -45.15
C SER B 176 20.47 18.21 -43.88
N SER B 177 20.04 19.48 -44.03
CA SER B 177 19.77 20.36 -42.88
C SER B 177 18.50 19.93 -42.13
N ILE B 178 17.54 19.28 -42.81
CA ILE B 178 16.33 18.76 -42.17
C ILE B 178 16.72 17.46 -41.46
N LEU B 179 17.51 16.59 -42.14
CA LEU B 179 17.99 15.32 -41.56
C LEU B 179 18.93 15.54 -40.38
N ALA B 180 19.59 16.72 -40.29
CA ALA B 180 20.45 17.06 -39.17
C ALA B 180 19.58 17.26 -37.91
N MET B 181 18.30 17.69 -38.09
CA MET B 181 17.37 17.86 -36.98
C MET B 181 16.84 16.51 -36.58
N ARG B 182 16.33 15.71 -37.55
CA ARG B 182 15.82 14.35 -37.28
C ARG B 182 16.82 13.54 -36.41
N ASP B 183 18.12 13.71 -36.63
CA ASP B 183 19.17 13.05 -35.84
C ASP B 183 19.34 13.72 -34.46
N GLU B 184 19.26 15.07 -34.37
CA GLU B 184 19.40 15.80 -33.09
C GLU B 184 18.10 15.80 -32.25
N GLN B 185 16.97 15.34 -32.82
CA GLN B 185 15.68 15.22 -32.12
C GLN B 185 15.38 13.72 -31.96
N SER B 186 16.41 12.97 -31.52
CA SER B 186 16.38 11.52 -31.32
C SER B 186 16.43 11.19 -29.83
N ASN B 187 15.64 10.19 -29.41
CA ASN B 187 15.58 9.76 -28.00
C ASN B 187 16.78 8.89 -27.64
N LEU B 212 -18.29 -17.63 -16.02
CA LEU B 212 -18.91 -18.21 -17.20
C LEU B 212 -20.44 -18.36 -17.05
N TRP B 213 -21.11 -18.97 -18.05
CA TRP B 213 -22.57 -19.11 -18.08
C TRP B 213 -23.21 -19.93 -16.93
N SER B 214 -22.45 -20.86 -16.32
CA SER B 214 -22.94 -21.74 -15.25
C SER B 214 -23.49 -21.05 -14.00
N LEU B 215 -23.07 -19.80 -13.74
CA LEU B 215 -23.50 -19.06 -12.55
C LEU B 215 -24.90 -18.47 -12.76
N GLU B 216 -25.93 -19.27 -12.47
CA GLU B 216 -27.33 -18.85 -12.64
C GLU B 216 -27.98 -18.24 -11.38
N GLN B 217 -27.26 -18.20 -10.25
CA GLN B 217 -27.78 -17.62 -9.00
C GLN B 217 -28.06 -16.12 -9.15
N PRO B 218 -28.98 -15.50 -8.36
CA PRO B 218 -29.19 -14.05 -8.50
C PRO B 218 -27.99 -13.26 -8.00
N PHE B 219 -27.70 -12.11 -8.62
CA PHE B 219 -26.57 -11.28 -8.22
C PHE B 219 -26.87 -10.58 -6.90
N SER B 220 -25.86 -10.49 -6.02
CA SER B 220 -26.00 -9.85 -4.70
C SER B 220 -24.64 -9.44 -4.14
N ILE B 221 -24.64 -8.52 -3.17
CA ILE B 221 -23.45 -8.03 -2.46
C ILE B 221 -23.85 -7.73 -1.02
N GLU B 222 -22.87 -7.60 -0.10
CA GLU B 222 -23.16 -7.27 1.29
C GLU B 222 -22.61 -5.90 1.69
N LEU B 223 -23.51 -5.01 2.11
CA LEU B 223 -23.19 -3.66 2.54
C LEU B 223 -22.73 -3.72 4.00
N ILE B 224 -21.41 -3.62 4.27
CA ILE B 224 -20.87 -3.76 5.63
C ILE B 224 -21.00 -2.46 6.48
N GLU B 225 -20.06 -1.50 6.32
CA GLU B 225 -20.02 -0.28 7.14
C GLU B 225 -19.35 0.89 6.37
N GLY B 226 -19.30 2.07 6.99
CA GLY B 226 -18.66 3.25 6.40
C GLY B 226 -18.08 4.21 7.43
N ARG B 227 -18.10 5.53 7.12
CA ARG B 227 -17.59 6.62 7.98
C ARG B 227 -17.85 7.98 7.31
N LYS B 228 -18.64 8.87 7.95
CA LYS B 228 -19.02 10.16 7.34
C LYS B 228 -19.45 11.25 8.35
N VAL B 229 -19.86 12.46 7.84
CA VAL B 229 -20.32 13.60 8.66
C VAL B 229 -21.57 14.30 8.07
N ASN B 230 -22.73 14.28 8.78
CA ASN B 230 -23.94 15.03 8.39
C ASN B 230 -25.00 15.07 9.51
N ALA B 231 -25.92 16.05 9.46
CA ALA B 231 -26.97 16.27 10.46
C ALA B 231 -28.18 15.38 10.24
N MET B 235 -33.24 12.78 11.76
CA MET B 235 -33.10 12.19 10.42
C MET B 235 -32.33 10.86 10.47
N LYS B 236 -32.27 10.13 9.33
CA LYS B 236 -31.59 8.84 9.18
C LYS B 236 -30.93 8.69 7.78
N LEU B 237 -30.00 7.74 7.63
CA LEU B 237 -29.27 7.43 6.38
C LEU B 237 -29.90 6.31 5.56
N VAL B 238 -29.61 6.28 4.23
CA VAL B 238 -30.07 5.23 3.30
C VAL B 238 -28.95 5.03 2.26
N VAL B 239 -28.80 3.81 1.71
CA VAL B 239 -27.79 3.51 0.69
C VAL B 239 -28.47 2.88 -0.52
N GLN B 240 -28.82 3.69 -1.52
CA GLN B 240 -29.44 3.22 -2.73
C GLN B 240 -28.37 2.78 -3.71
N ALA B 241 -28.38 1.50 -4.10
CA ALA B 241 -27.46 0.94 -5.09
C ALA B 241 -28.24 0.79 -6.40
N GLY B 242 -27.60 0.27 -7.44
CA GLY B 242 -28.23 0.07 -8.73
C GLY B 242 -27.24 -0.26 -9.82
N LEU B 243 -27.53 -1.29 -10.63
CA LEU B 243 -26.62 -1.69 -11.72
C LEU B 243 -26.91 -0.91 -12.98
N PHE B 244 -25.87 -0.75 -13.84
CA PHE B 244 -25.98 -0.05 -15.12
C PHE B 244 -25.01 -0.59 -16.18
N HIS B 245 -25.35 -0.34 -17.46
CA HIS B 245 -24.52 -0.66 -18.64
C HIS B 245 -24.75 0.48 -19.66
N GLY B 246 -24.25 1.66 -19.30
CA GLY B 246 -24.41 2.91 -20.04
C GLY B 246 -25.33 3.78 -19.20
N ASN B 247 -26.27 4.48 -19.85
CA ASN B 247 -27.26 5.28 -19.11
C ASN B 247 -28.37 4.38 -18.54
N GLU B 248 -28.61 3.22 -19.19
CA GLU B 248 -29.67 2.27 -18.85
C GLU B 248 -29.30 1.35 -17.69
N MET B 249 -30.31 0.95 -16.89
CA MET B 249 -30.11 0.07 -15.74
C MET B 249 -30.15 -1.39 -16.16
N LEU B 250 -29.24 -2.23 -15.62
CA LEU B 250 -29.27 -3.67 -15.89
C LEU B 250 -30.42 -4.36 -15.12
N CYS B 251 -30.94 -3.73 -14.05
CA CYS B 251 -32.08 -4.24 -13.28
C CYS B 251 -32.65 -3.08 -12.45
N LYS B 252 -33.53 -3.35 -11.47
CA LYS B 252 -34.10 -2.28 -10.66
C LYS B 252 -33.14 -1.80 -9.56
N THR B 253 -33.47 -0.66 -8.93
CA THR B 253 -32.69 -0.09 -7.83
C THR B 253 -33.01 -0.84 -6.53
N VAL B 254 -32.03 -0.97 -5.62
CA VAL B 254 -32.21 -1.66 -4.33
C VAL B 254 -31.71 -0.81 -3.16
N SER B 255 -32.64 -0.07 -2.49
CA SER B 255 -32.29 0.78 -1.34
C SER B 255 -32.15 -0.06 -0.08
N SER B 256 -31.33 0.42 0.88
CA SER B 256 -31.11 -0.26 2.16
C SER B 256 -32.05 0.27 3.24
N SER B 257 -31.92 -0.26 4.46
CA SER B 257 -32.69 0.13 5.64
C SER B 257 -32.30 1.53 6.14
N GLU B 258 -33.15 2.16 6.97
CA GLU B 258 -32.94 3.50 7.51
C GLU B 258 -32.04 3.58 8.78
N VAL B 259 -30.69 3.49 8.61
CA VAL B 259 -29.72 3.59 9.72
C VAL B 259 -29.69 5.04 10.23
N ASN B 260 -29.47 5.26 11.54
CA ASN B 260 -29.47 6.61 12.11
C ASN B 260 -28.29 7.51 11.65
N VAL B 261 -28.43 8.83 11.83
CA VAL B 261 -27.47 9.84 11.40
C VAL B 261 -26.09 9.71 12.10
N CYS B 262 -26.05 9.72 13.44
CA CYS B 262 -24.77 9.66 14.20
C CYS B 262 -24.04 8.37 13.88
N SER B 263 -22.98 8.45 13.05
CA SER B 263 -22.25 7.29 12.53
C SER B 263 -21.02 7.75 11.71
N GLU B 264 -20.00 6.93 11.31
CA GLU B 264 -19.68 5.48 11.48
C GLU B 264 -20.91 4.51 11.48
N PRO B 265 -21.47 4.23 10.28
CA PRO B 265 -22.64 3.35 10.18
C PRO B 265 -22.33 1.89 9.89
N VAL B 266 -23.32 1.01 10.18
CA VAL B 266 -23.22 -0.43 9.97
C VAL B 266 -24.56 -0.94 9.42
N TRP B 267 -24.52 -1.91 8.50
CA TRP B 267 -25.70 -2.56 7.93
C TRP B 267 -25.55 -4.08 7.93
N LYS B 268 -24.51 -4.58 7.20
CA LYS B 268 -24.21 -6.01 6.99
C LYS B 268 -25.44 -6.72 6.36
N GLN B 269 -26.13 -6.00 5.43
CA GLN B 269 -27.33 -6.45 4.73
C GLN B 269 -26.95 -6.98 3.36
N ARG B 270 -27.33 -8.24 3.03
CA ARG B 270 -27.08 -8.83 1.72
C ARG B 270 -28.04 -8.24 0.70
N LEU B 271 -27.63 -7.19 -0.04
CA LEU B 271 -28.48 -6.58 -1.05
C LEU B 271 -28.48 -7.46 -2.29
N GLU B 272 -29.65 -8.04 -2.63
CA GLU B 272 -29.81 -8.92 -3.78
C GLU B 272 -30.45 -8.19 -4.95
N PHE B 273 -29.78 -8.26 -6.11
CA PHE B 273 -30.22 -7.65 -7.35
C PHE B 273 -31.01 -8.64 -8.18
N ASP B 274 -31.89 -8.10 -9.04
CA ASP B 274 -32.77 -8.86 -9.93
C ASP B 274 -32.07 -9.14 -11.28
N ILE B 275 -30.98 -9.92 -11.25
CA ILE B 275 -30.21 -10.30 -12.43
C ILE B 275 -29.31 -11.49 -12.11
N SER B 276 -29.15 -12.43 -13.05
CA SER B 276 -28.31 -13.61 -12.86
C SER B 276 -26.82 -13.25 -12.93
N VAL B 277 -25.97 -14.06 -12.27
CA VAL B 277 -24.52 -13.83 -12.23
C VAL B 277 -23.85 -14.04 -13.61
N CYS B 278 -24.46 -14.85 -14.50
CA CYS B 278 -23.96 -15.07 -15.87
C CYS B 278 -24.48 -13.98 -16.82
N ASP B 279 -25.68 -13.42 -16.55
CA ASP B 279 -26.30 -12.37 -17.37
C ASP B 279 -25.51 -11.04 -17.40
N LEU B 280 -24.56 -10.83 -16.44
CA LEU B 280 -23.77 -9.61 -16.34
C LEU B 280 -22.89 -9.33 -17.59
N PRO B 281 -23.02 -8.13 -18.20
CA PRO B 281 -22.15 -7.79 -19.35
C PRO B 281 -20.79 -7.31 -18.90
N ARG B 282 -19.72 -7.70 -19.63
CA ARG B 282 -18.31 -7.37 -19.37
C ARG B 282 -18.04 -5.97 -18.79
N MET B 283 -18.82 -4.94 -19.20
CA MET B 283 -18.67 -3.58 -18.71
C MET B 283 -19.86 -3.26 -17.77
N ALA B 284 -20.13 -4.14 -16.80
CA ALA B 284 -21.22 -3.96 -15.83
C ALA B 284 -20.75 -2.93 -14.82
N ARG B 285 -21.61 -1.97 -14.50
CA ARG B 285 -21.28 -0.88 -13.59
C ARG B 285 -22.23 -0.83 -12.41
N LEU B 286 -21.71 -0.96 -11.18
CA LEU B 286 -22.53 -0.89 -9.97
C LEU B 286 -22.29 0.44 -9.27
N CYS B 287 -23.37 1.22 -9.09
CA CYS B 287 -23.35 2.53 -8.47
C CYS B 287 -23.93 2.48 -7.08
N PHE B 288 -23.67 3.54 -6.31
CA PHE B 288 -24.13 3.69 -4.93
C PHE B 288 -24.38 5.15 -4.64
N ALA B 289 -25.29 5.45 -3.70
CA ALA B 289 -25.57 6.82 -3.31
C ALA B 289 -25.99 6.89 -1.85
N LEU B 290 -25.19 7.59 -1.03
CA LEU B 290 -25.47 7.79 0.39
C LEU B 290 -26.19 9.11 0.55
N TYR B 291 -27.27 9.15 1.35
CA TYR B 291 -28.06 10.36 1.56
C TYR B 291 -28.92 10.25 2.82
N ALA B 292 -29.16 11.39 3.48
CA ALA B 292 -30.01 11.39 4.67
C ALA B 292 -31.47 11.55 4.25
N VAL B 293 -32.41 11.17 5.12
CA VAL B 293 -33.84 11.27 4.85
C VAL B 293 -34.62 11.49 6.16
N VAL B 294 -35.75 12.21 6.09
CA VAL B 294 -36.61 12.49 7.25
C VAL B 294 -37.54 11.28 7.46
N ASP B 311 -35.53 15.16 1.42
CA ASP B 311 -34.27 14.49 1.09
C ASP B 311 -33.05 15.36 1.41
N CYS B 312 -31.85 14.75 1.34
CA CYS B 312 -30.58 15.40 1.61
C CYS B 312 -29.45 14.59 0.96
N PRO B 313 -28.94 14.99 -0.22
CA PRO B 313 -27.83 14.21 -0.84
C PRO B 313 -26.55 14.38 -0.04
N ILE B 314 -25.73 13.31 0.02
CA ILE B 314 -24.48 13.33 0.77
C ILE B 314 -23.33 12.98 -0.16
N ALA B 315 -23.27 11.72 -0.64
CA ALA B 315 -22.16 11.29 -1.51
C ALA B 315 -22.53 10.19 -2.50
N TRP B 316 -21.59 9.87 -3.42
CA TRP B 316 -21.77 8.82 -4.44
C TRP B 316 -20.48 8.06 -4.66
N ALA B 317 -20.58 6.85 -5.23
CA ALA B 317 -19.43 6.00 -5.57
C ALA B 317 -19.85 4.93 -6.57
N ASN B 318 -18.94 4.50 -7.48
CA ASN B 318 -19.20 3.49 -8.51
C ASN B 318 -17.99 2.60 -8.75
N LEU B 319 -18.22 1.43 -9.36
CA LEU B 319 -17.13 0.54 -9.77
C LEU B 319 -17.56 -0.53 -10.78
N MET B 320 -16.56 -1.03 -11.53
CA MET B 320 -16.78 -2.09 -12.50
C MET B 320 -16.74 -3.43 -11.78
N LEU B 321 -17.80 -4.26 -11.91
CA LEU B 321 -17.86 -5.59 -11.30
C LEU B 321 -16.79 -6.50 -11.86
N PHE B 322 -16.40 -6.28 -13.13
CA PHE B 322 -15.30 -7.00 -13.75
C PHE B 322 -14.05 -6.18 -13.52
N ASP B 323 -12.90 -6.84 -13.48
CA ASP B 323 -11.61 -6.15 -13.30
C ASP B 323 -11.09 -5.74 -14.68
N TYR B 324 -9.85 -5.24 -14.75
CA TYR B 324 -9.26 -4.86 -16.04
C TYR B 324 -8.84 -6.11 -16.85
N LYS B 325 -8.38 -7.17 -16.16
CA LYS B 325 -7.98 -8.44 -16.80
C LYS B 325 -9.16 -9.39 -17.20
N ASP B 326 -10.43 -8.90 -17.17
CA ASP B 326 -11.67 -9.62 -17.54
C ASP B 326 -12.24 -10.57 -16.46
N GLN B 327 -11.61 -10.67 -15.28
CA GLN B 327 -12.02 -11.55 -14.19
C GLN B 327 -12.98 -10.85 -13.23
N LEU B 328 -13.98 -11.57 -12.68
CA LEU B 328 -14.95 -10.97 -11.75
C LEU B 328 -14.24 -10.52 -10.48
N LYS B 329 -14.71 -9.41 -9.87
CA LYS B 329 -14.11 -8.87 -8.66
C LYS B 329 -14.63 -9.58 -7.41
N THR B 330 -13.70 -9.98 -6.51
CA THR B 330 -13.93 -10.74 -5.26
C THR B 330 -14.98 -10.19 -4.37
N GLY B 331 -14.68 -9.98 -3.09
CA GLY B 331 -15.60 -9.77 -2.02
C GLY B 331 -15.42 -8.56 -1.14
N GLU B 332 -14.27 -8.21 -0.73
CA GLU B 332 -14.16 -7.04 0.14
C GLU B 332 -13.51 -5.94 -0.65
N ARG B 333 -14.21 -4.81 -0.81
CA ARG B 333 -13.72 -3.64 -1.52
C ARG B 333 -14.02 -2.37 -0.74
N CYS B 334 -13.00 -1.49 -0.56
CA CYS B 334 -13.14 -0.20 0.09
C CYS B 334 -13.32 0.85 -1.01
N LEU B 335 -14.40 1.64 -0.94
CA LEU B 335 -14.77 2.62 -1.97
C LEU B 335 -14.95 4.02 -1.37
N TYR B 336 -13.97 4.92 -1.63
CA TYR B 336 -13.99 6.30 -1.12
C TYR B 336 -14.90 7.18 -1.98
N MET B 337 -15.95 7.73 -1.35
CA MET B 337 -17.01 8.49 -2.02
C MET B 337 -16.75 9.97 -2.32
N TRP B 338 -17.34 10.45 -3.45
CA TRP B 338 -17.27 11.83 -3.91
C TRP B 338 -18.58 12.54 -3.50
N PRO B 339 -18.56 13.84 -3.15
CA PRO B 339 -19.81 14.50 -2.70
C PRO B 339 -20.81 14.88 -3.78
N SER B 340 -22.11 14.89 -3.40
CA SER B 340 -23.25 15.19 -4.28
C SER B 340 -23.80 16.63 -4.13
N VAL B 341 -23.80 17.39 -5.27
CA VAL B 341 -24.25 18.78 -5.45
C VAL B 341 -23.96 19.66 -4.22
N LEU B 348 -30.24 12.06 -8.29
CA LEU B 348 -30.12 11.25 -7.08
C LEU B 348 -29.01 10.19 -7.20
N LEU B 349 -28.91 9.53 -8.38
CA LEU B 349 -27.90 8.49 -8.67
C LEU B 349 -27.05 8.99 -9.86
N ASN B 350 -25.79 8.49 -10.00
CA ASN B 350 -24.88 8.98 -11.04
C ASN B 350 -24.04 7.87 -11.73
N PRO B 351 -24.53 7.27 -12.84
CA PRO B 351 -23.74 6.21 -13.51
C PRO B 351 -22.53 6.68 -14.32
N ALA B 352 -22.57 7.92 -14.84
CA ALA B 352 -21.49 8.50 -15.64
C ALA B 352 -20.19 8.73 -14.84
N GLY B 353 -20.32 9.06 -13.56
CA GLY B 353 -19.21 9.30 -12.65
C GLY B 353 -18.13 8.24 -12.69
N THR B 354 -16.86 8.64 -12.46
CA THR B 354 -15.73 7.73 -12.60
C THR B 354 -15.78 6.48 -11.70
N VAL B 355 -15.10 5.43 -12.19
CA VAL B 355 -14.99 4.11 -11.57
C VAL B 355 -13.61 3.95 -10.90
N ARG B 356 -13.25 4.95 -10.09
CA ARG B 356 -12.02 4.98 -9.31
C ARG B 356 -12.29 5.76 -8.02
N GLY B 357 -11.77 5.28 -6.91
CA GLY B 357 -12.00 5.86 -5.60
C GLY B 357 -11.46 7.26 -5.44
N ASN B 358 -12.09 8.05 -4.56
CA ASN B 358 -11.67 9.42 -4.26
C ASN B 358 -10.21 9.43 -3.78
N PRO B 359 -9.29 10.19 -4.42
CA PRO B 359 -7.88 10.19 -3.97
C PRO B 359 -7.62 10.86 -2.62
N ASN B 360 -8.57 11.63 -2.07
CA ASN B 360 -8.47 12.24 -0.74
C ASN B 360 -8.83 11.17 0.29
N THR B 361 -8.01 10.10 0.40
CA THR B 361 -8.25 8.98 1.33
C THR B 361 -8.56 9.43 2.77
N GLU B 362 -8.08 10.63 3.15
CA GLU B 362 -8.31 11.21 4.47
C GLU B 362 -9.76 11.68 4.65
N SER B 363 -10.11 12.90 4.17
CA SER B 363 -11.44 13.46 4.38
C SER B 363 -12.59 12.71 3.66
N ALA B 364 -12.29 11.94 2.60
CA ALA B 364 -13.33 11.22 1.85
C ALA B 364 -14.01 10.10 2.64
N ALA B 365 -15.37 10.12 2.69
CA ALA B 365 -16.16 9.09 3.36
C ALA B 365 -16.07 7.78 2.58
N ALA B 366 -15.74 6.65 3.25
CA ALA B 366 -15.57 5.35 2.60
C ALA B 366 -16.77 4.42 2.75
N LEU B 367 -16.71 3.27 2.04
CA LEU B 367 -17.71 2.22 2.12
C LEU B 367 -17.04 0.89 1.78
N VAL B 368 -17.00 -0.04 2.74
CA VAL B 368 -16.44 -1.39 2.52
C VAL B 368 -17.63 -2.29 2.20
N ILE B 369 -17.53 -3.08 1.14
CA ILE B 369 -18.62 -3.96 0.70
C ILE B 369 -18.06 -5.32 0.37
N TYR B 370 -18.88 -6.39 0.48
CA TYR B 370 -18.44 -7.74 0.11
C TYR B 370 -19.10 -8.21 -1.20
N LEU B 371 -18.29 -8.61 -2.17
CA LEU B 371 -18.63 -9.18 -3.46
C LEU B 371 -18.48 -10.73 -3.35
N PRO B 372 -19.59 -11.46 -3.24
CA PRO B 372 -19.50 -12.91 -3.01
C PRO B 372 -18.56 -13.74 -3.88
N GLU B 373 -18.07 -14.83 -3.28
CA GLU B 373 -17.18 -15.79 -3.93
C GLU B 373 -18.13 -16.76 -4.65
N VAL B 374 -18.12 -16.72 -5.98
CA VAL B 374 -19.03 -17.51 -6.81
C VAL B 374 -18.57 -18.97 -7.05
N ALA B 375 -17.28 -19.30 -6.82
CA ALA B 375 -16.78 -20.67 -7.01
C ALA B 375 -15.53 -20.93 -6.18
N PRO B 378 -11.52 -19.20 -10.14
CA PRO B 378 -11.27 -18.06 -11.05
C PRO B 378 -12.23 -18.02 -12.24
N VAL B 379 -12.95 -16.89 -12.41
CA VAL B 379 -13.93 -16.71 -13.50
C VAL B 379 -13.63 -15.47 -14.37
N TYR B 380 -13.03 -15.69 -15.55
CA TYR B 380 -12.73 -14.64 -16.53
C TYR B 380 -13.98 -14.43 -17.40
N PHE B 381 -14.02 -13.36 -18.20
CA PHE B 381 -15.15 -13.14 -19.12
C PHE B 381 -14.84 -14.03 -20.33
N PRO B 382 -15.84 -14.63 -21.01
CA PRO B 382 -15.50 -15.53 -22.13
C PRO B 382 -14.79 -14.83 -23.28
N ALA B 383 -13.86 -15.56 -23.92
CA ALA B 383 -13.13 -15.04 -25.09
C ALA B 383 -14.10 -14.83 -26.25
N LEU B 384 -13.64 -14.20 -27.33
CA LEU B 384 -14.51 -13.91 -28.47
C LEU B 384 -15.02 -15.21 -29.11
N GLU B 385 -14.14 -16.22 -29.30
CA GLU B 385 -14.53 -17.53 -29.85
C GLU B 385 -15.78 -18.13 -29.20
N LYS B 386 -15.90 -18.03 -27.86
CA LYS B 386 -17.07 -18.52 -27.13
C LYS B 386 -18.30 -17.65 -27.43
N ILE B 387 -18.11 -16.33 -27.49
CA ILE B 387 -19.17 -15.36 -27.79
C ILE B 387 -19.61 -15.51 -29.28
N LEU B 388 -18.68 -15.92 -30.17
CA LEU B 388 -18.96 -16.13 -31.61
C LEU B 388 -19.81 -17.39 -31.84
N GLU B 389 -19.62 -18.45 -31.04
CA GLU B 389 -20.39 -19.67 -31.19
C GLU B 389 -21.87 -19.39 -30.89
N LEU B 390 -22.18 -18.79 -29.72
CA LEU B 390 -23.56 -18.42 -29.39
C LEU B 390 -23.96 -17.18 -30.21
N LEU B 407 -42.90 -2.45 -42.81
CA LEU B 407 -43.19 -1.31 -41.92
C LEU B 407 -41.99 -1.00 -40.98
N ARG B 408 -40.80 -1.49 -41.36
CA ARG B 408 -39.52 -1.38 -40.68
C ARG B 408 -38.90 0.01 -40.79
N GLU B 409 -38.84 0.55 -42.02
CA GLU B 409 -38.26 1.87 -42.26
C GLU B 409 -39.10 3.01 -41.69
N ILE B 410 -40.45 2.91 -41.73
CA ILE B 410 -41.39 3.96 -41.26
C ILE B 410 -40.98 4.58 -39.89
N LEU B 411 -40.48 3.76 -38.96
CA LEU B 411 -40.05 4.23 -37.64
C LEU B 411 -38.59 4.67 -37.66
N GLU B 412 -37.75 3.97 -38.45
CA GLU B 412 -36.32 4.20 -38.53
C GLU B 412 -35.91 5.50 -39.24
N ARG B 413 -36.12 6.65 -38.56
CA ARG B 413 -35.73 7.99 -39.03
C ARG B 413 -35.98 9.05 -37.96
N GLU B 418 -35.62 7.47 -29.82
CA GLU B 418 -36.63 6.85 -28.97
C GLU B 418 -37.68 6.11 -29.79
N LEU B 419 -38.27 5.05 -29.20
CA LEU B 419 -39.27 4.20 -29.86
C LEU B 419 -39.99 3.29 -28.86
N TYR B 420 -41.20 2.81 -29.19
CA TYR B 420 -42.01 1.97 -28.30
C TYR B 420 -41.48 0.55 -28.14
N GLU B 421 -41.99 -0.19 -27.15
CA GLU B 421 -41.56 -1.57 -26.90
C GLU B 421 -41.94 -2.48 -28.06
N HIS B 422 -43.15 -2.33 -28.64
CA HIS B 422 -43.54 -3.13 -29.81
C HIS B 422 -42.58 -2.84 -30.98
N GLU B 423 -42.13 -1.57 -31.11
CA GLU B 423 -41.15 -1.17 -32.12
C GLU B 423 -39.76 -1.69 -31.76
N LYS B 424 -39.34 -1.62 -30.48
CA LYS B 424 -38.03 -2.13 -30.05
C LYS B 424 -37.86 -3.62 -30.37
N ASP B 425 -38.94 -4.41 -30.15
CA ASP B 425 -38.98 -5.85 -30.43
C ASP B 425 -38.81 -6.08 -31.92
N LEU B 426 -39.52 -5.27 -32.74
CA LEU B 426 -39.47 -5.29 -34.21
C LEU B 426 -38.01 -5.15 -34.67
N VAL B 427 -37.30 -4.14 -34.15
CA VAL B 427 -35.92 -3.83 -34.50
C VAL B 427 -34.96 -4.96 -34.11
N TRP B 428 -35.14 -5.54 -32.92
CA TRP B 428 -34.27 -6.62 -32.45
C TRP B 428 -34.45 -7.88 -33.32
N LYS B 429 -35.73 -8.22 -33.61
CA LYS B 429 -36.12 -9.37 -34.43
C LYS B 429 -35.47 -9.35 -35.83
N MET B 430 -35.42 -8.16 -36.45
CA MET B 430 -34.92 -7.98 -37.81
C MET B 430 -33.43 -7.57 -37.91
N ARG B 431 -32.66 -7.77 -36.83
CA ARG B 431 -31.24 -7.41 -36.73
C ARG B 431 -30.31 -7.84 -37.89
N HIS B 432 -30.58 -8.96 -38.58
CA HIS B 432 -29.71 -9.40 -39.70
C HIS B 432 -29.80 -8.44 -40.88
N GLU B 433 -31.04 -8.09 -41.28
CA GLU B 433 -31.28 -7.17 -42.39
C GLU B 433 -30.82 -5.76 -42.10
N VAL B 434 -30.70 -5.39 -40.80
CA VAL B 434 -30.16 -4.10 -40.40
C VAL B 434 -28.66 -4.12 -40.79
N GLN B 435 -27.91 -5.20 -40.49
CA GLN B 435 -26.51 -5.29 -40.90
C GLN B 435 -26.41 -5.25 -42.43
N GLU B 436 -27.18 -6.12 -43.09
CA GLU B 436 -27.13 -6.27 -44.53
C GLU B 436 -27.69 -5.10 -45.34
N HIS B 437 -28.64 -4.28 -44.82
CA HIS B 437 -29.21 -3.17 -45.61
C HIS B 437 -29.39 -1.81 -44.87
N PHE B 438 -28.96 -1.68 -43.60
CA PHE B 438 -29.03 -0.41 -42.85
C PHE B 438 -27.85 -0.35 -41.84
N PRO B 439 -26.59 -0.57 -42.28
CA PRO B 439 -25.48 -0.60 -41.31
C PRO B 439 -25.31 0.66 -40.47
N GLU B 440 -25.65 1.82 -41.01
CA GLU B 440 -25.55 3.09 -40.30
C GLU B 440 -26.57 3.21 -39.15
N ALA B 441 -27.59 2.32 -39.08
CA ALA B 441 -28.57 2.28 -37.98
C ALA B 441 -28.07 1.50 -36.75
N LEU B 442 -26.85 0.91 -36.81
CA LEU B 442 -26.21 0.14 -35.73
C LEU B 442 -26.46 0.67 -34.30
N ALA B 443 -26.40 1.99 -34.13
CA ALA B 443 -26.60 2.64 -32.83
C ALA B 443 -28.02 2.50 -32.32
N ARG B 444 -29.02 2.66 -33.20
CA ARG B 444 -30.42 2.51 -32.79
C ARG B 444 -30.69 1.01 -32.48
N LEU B 445 -29.97 0.10 -33.16
CA LEU B 445 -30.09 -1.33 -32.93
C LEU B 445 -29.44 -1.71 -31.61
N LEU B 446 -28.27 -1.13 -31.28
CA LEU B 446 -27.59 -1.44 -30.03
C LEU B 446 -28.41 -1.05 -28.81
N LEU B 447 -29.15 0.05 -28.90
CA LEU B 447 -29.98 0.54 -27.81
C LEU B 447 -31.20 -0.36 -27.53
N VAL B 448 -31.71 -1.07 -28.56
CA VAL B 448 -32.86 -1.98 -28.37
C VAL B 448 -32.44 -3.31 -27.71
N THR B 449 -31.16 -3.74 -27.85
CA THR B 449 -30.74 -5.04 -27.31
C THR B 449 -30.78 -5.03 -25.76
N LYS B 450 -31.08 -6.21 -25.18
CA LYS B 450 -31.17 -6.40 -23.73
C LYS B 450 -29.77 -6.76 -23.22
N TRP B 451 -29.09 -5.81 -22.56
CA TRP B 451 -27.75 -6.06 -22.02
C TRP B 451 -27.79 -6.87 -20.72
N ASN B 452 -28.97 -6.91 -20.07
CA ASN B 452 -29.25 -7.68 -18.86
C ASN B 452 -29.69 -9.14 -19.14
N LYS B 453 -29.55 -9.60 -20.39
CA LYS B 453 -29.86 -10.96 -20.83
C LYS B 453 -28.71 -11.33 -21.77
N HIS B 454 -27.72 -12.10 -21.29
CA HIS B 454 -26.51 -12.41 -22.05
C HIS B 454 -26.70 -13.18 -23.40
N GLU B 455 -27.93 -13.59 -23.78
CA GLU B 455 -28.17 -14.21 -25.09
C GLU B 455 -28.24 -13.12 -26.17
N ASP B 456 -29.08 -12.08 -25.93
CA ASP B 456 -29.25 -10.92 -26.82
C ASP B 456 -27.91 -10.23 -27.06
N VAL B 457 -27.07 -10.17 -26.01
CA VAL B 457 -25.74 -9.57 -26.06
C VAL B 457 -24.84 -10.41 -26.98
N ALA B 458 -24.78 -11.73 -26.74
CA ALA B 458 -23.95 -12.64 -27.54
C ALA B 458 -24.34 -12.63 -29.03
N GLN B 459 -25.65 -12.46 -29.31
CA GLN B 459 -26.19 -12.41 -30.67
C GLN B 459 -25.87 -11.06 -31.34
N MET B 460 -25.81 -9.98 -30.55
CA MET B 460 -25.47 -8.63 -31.02
C MET B 460 -23.98 -8.58 -31.38
N LEU B 461 -23.12 -9.10 -30.50
CA LEU B 461 -21.66 -9.16 -30.72
C LEU B 461 -21.29 -10.02 -31.94
N TYR B 462 -22.12 -11.00 -32.30
CA TYR B 462 -21.90 -11.86 -33.48
C TYR B 462 -22.03 -11.03 -34.76
N LEU B 463 -23.05 -10.15 -34.82
CA LEU B 463 -23.27 -9.26 -35.97
C LEU B 463 -22.18 -8.23 -36.08
N LEU B 464 -21.81 -7.61 -34.95
CA LEU B 464 -20.80 -6.56 -34.92
C LEU B 464 -19.41 -6.99 -35.45
N CYS B 465 -19.06 -8.28 -35.35
CA CYS B 465 -17.77 -8.77 -35.82
C CYS B 465 -17.64 -8.77 -37.35
N SER B 466 -18.77 -8.81 -38.09
CA SER B 466 -18.78 -8.74 -39.56
C SER B 466 -19.66 -7.57 -40.06
N TRP B 467 -19.75 -6.49 -39.27
CA TRP B 467 -20.51 -5.28 -39.62
C TRP B 467 -19.61 -4.40 -40.47
N PRO B 468 -20.11 -3.72 -41.53
CA PRO B 468 -19.20 -2.89 -42.35
C PRO B 468 -18.76 -1.59 -41.70
N GLU B 469 -17.57 -1.10 -42.09
CA GLU B 469 -17.01 0.17 -41.60
C GLU B 469 -18.01 1.30 -41.81
N LEU B 470 -18.45 1.97 -40.74
CA LEU B 470 -19.38 3.09 -40.91
C LEU B 470 -18.57 4.37 -41.09
N PRO B 471 -19.15 5.43 -41.70
CA PRO B 471 -18.39 6.70 -41.81
C PRO B 471 -18.05 7.35 -40.46
N VAL B 472 -17.23 8.41 -40.50
CA VAL B 472 -16.74 9.12 -39.31
C VAL B 472 -17.87 9.65 -38.41
N LEU B 473 -18.90 10.29 -39.00
CA LEU B 473 -20.02 10.83 -38.20
C LEU B 473 -20.74 9.70 -37.45
N SER B 474 -20.83 8.51 -38.06
CA SER B 474 -21.47 7.37 -37.41
C SER B 474 -20.64 6.96 -36.19
N ALA B 475 -19.32 6.77 -36.40
CA ALA B 475 -18.40 6.40 -35.31
C ALA B 475 -18.44 7.39 -34.15
N LEU B 476 -18.55 8.72 -34.43
CA LEU B 476 -18.63 9.75 -33.37
C LEU B 476 -19.83 9.54 -32.46
N GLU B 477 -20.95 9.06 -33.02
CA GLU B 477 -22.17 8.76 -32.27
C GLU B 477 -21.89 7.58 -31.33
N LEU B 478 -21.13 6.57 -31.80
CA LEU B 478 -20.81 5.37 -31.01
C LEU B 478 -19.84 5.60 -29.83
N LEU B 479 -19.16 6.76 -29.74
CA LEU B 479 -18.25 7.03 -28.63
C LEU B 479 -18.93 7.67 -27.41
N ASP B 480 -20.26 7.90 -27.48
CA ASP B 480 -20.98 8.46 -26.35
C ASP B 480 -21.04 7.42 -25.22
N PHE B 481 -21.38 7.90 -24.00
CA PHE B 481 -21.53 7.09 -22.80
C PHE B 481 -22.59 5.98 -22.96
N SER B 482 -23.56 6.13 -23.90
CA SER B 482 -24.60 5.11 -24.12
C SER B 482 -24.10 3.79 -24.73
N PHE B 483 -22.87 3.72 -25.27
CA PHE B 483 -22.35 2.47 -25.85
C PHE B 483 -21.07 2.07 -25.11
N PRO B 484 -21.18 1.66 -23.83
CA PRO B 484 -19.98 1.30 -23.07
C PRO B 484 -19.28 0.03 -23.49
N ASP B 485 -19.99 -0.95 -24.07
CA ASP B 485 -19.38 -2.21 -24.51
C ASP B 485 -18.05 -1.96 -25.26
N CYS B 486 -17.00 -2.74 -24.97
CA CYS B 486 -15.67 -2.53 -25.56
C CYS B 486 -15.57 -2.94 -27.02
N TYR B 487 -16.36 -3.93 -27.47
CA TYR B 487 -16.31 -4.37 -28.87
C TYR B 487 -16.89 -3.28 -29.78
N VAL B 488 -17.85 -2.48 -29.25
CA VAL B 488 -18.43 -1.32 -29.94
C VAL B 488 -17.33 -0.27 -30.06
N GLY B 489 -16.72 0.08 -28.92
CA GLY B 489 -15.64 1.05 -28.87
C GLY B 489 -14.51 0.71 -29.81
N SER B 490 -14.07 -0.56 -29.79
CA SER B 490 -13.03 -1.08 -30.67
C SER B 490 -13.40 -0.95 -32.15
N PHE B 491 -14.70 -1.07 -32.45
CA PHE B 491 -15.24 -0.92 -33.80
C PHE B 491 -15.19 0.54 -34.19
N ALA B 492 -15.75 1.44 -33.36
CA ALA B 492 -15.72 2.88 -33.59
C ALA B 492 -14.30 3.38 -33.89
N ILE B 493 -13.27 2.81 -33.24
CA ILE B 493 -11.87 3.19 -33.49
C ILE B 493 -11.40 2.67 -34.87
N LYS B 494 -11.87 1.48 -35.30
CA LYS B 494 -11.55 0.94 -36.63
C LYS B 494 -12.10 1.91 -37.70
N SER B 495 -13.29 2.49 -37.45
CA SER B 495 -13.91 3.48 -38.33
C SER B 495 -13.18 4.82 -38.23
N LEU B 496 -12.83 5.26 -37.01
CA LEU B 496 -12.13 6.54 -36.82
C LEU B 496 -10.70 6.56 -37.33
N ARG B 497 -10.04 5.39 -37.49
CA ARG B 497 -8.66 5.32 -38.02
C ARG B 497 -8.50 6.08 -39.35
N LYS B 498 -9.57 6.16 -40.18
CA LYS B 498 -9.50 6.85 -41.48
C LYS B 498 -9.60 8.38 -41.39
N LEU B 499 -9.69 8.96 -40.16
CA LEU B 499 -9.74 10.41 -39.97
C LEU B 499 -8.48 11.04 -40.52
N THR B 500 -8.62 12.23 -41.09
CA THR B 500 -7.48 13.00 -41.58
C THR B 500 -6.83 13.62 -40.36
N ASP B 501 -5.52 13.93 -40.41
CA ASP B 501 -4.85 14.58 -39.28
C ASP B 501 -5.53 15.92 -38.93
N ASP B 502 -6.20 16.57 -39.91
CA ASP B 502 -6.91 17.82 -39.68
C ASP B 502 -8.30 17.60 -39.08
N GLU B 503 -9.01 16.53 -39.48
CA GLU B 503 -10.32 16.22 -38.90
C GLU B 503 -10.14 15.78 -37.46
N LEU B 504 -9.06 15.05 -37.20
CA LEU B 504 -8.74 14.59 -35.85
C LEU B 504 -8.52 15.79 -34.96
N PHE B 505 -7.79 16.80 -35.47
CA PHE B 505 -7.53 18.05 -34.74
C PHE B 505 -8.85 18.84 -34.50
N GLN B 506 -9.79 18.79 -35.47
CA GLN B 506 -11.10 19.44 -35.37
C GLN B 506 -12.01 18.75 -34.32
N TYR B 507 -11.78 17.44 -34.07
CA TYR B 507 -12.57 16.68 -33.08
C TYR B 507 -11.83 16.37 -31.76
N LEU B 508 -10.49 16.48 -31.72
CA LEU B 508 -9.66 16.13 -30.58
C LEU B 508 -10.17 16.59 -29.19
N LEU B 509 -10.78 17.77 -29.07
CA LEU B 509 -11.29 18.22 -27.78
C LEU B 509 -12.28 17.21 -27.19
N GLN B 510 -13.30 16.84 -27.98
CA GLN B 510 -14.32 15.85 -27.64
C GLN B 510 -13.70 14.48 -27.33
N LEU B 511 -12.75 14.04 -28.18
CA LEU B 511 -12.07 12.75 -27.99
C LEU B 511 -11.41 12.67 -26.61
N VAL B 512 -10.93 13.82 -26.07
CA VAL B 512 -10.33 13.85 -24.73
C VAL B 512 -11.41 13.73 -23.65
N GLN B 513 -12.55 14.44 -23.79
CA GLN B 513 -13.62 14.35 -22.78
C GLN B 513 -14.20 12.94 -22.71
N VAL B 514 -14.19 12.19 -23.83
CA VAL B 514 -14.64 10.79 -23.87
C VAL B 514 -13.67 9.90 -23.07
N LEU B 515 -12.41 10.31 -22.89
CA LEU B 515 -11.48 9.54 -22.05
C LEU B 515 -11.94 9.52 -20.60
N LYS B 516 -12.77 10.49 -20.18
CA LYS B 516 -13.31 10.52 -18.81
C LYS B 516 -14.31 9.36 -18.63
N TYR B 517 -15.10 9.04 -19.68
CA TYR B 517 -16.10 7.96 -19.66
C TYR B 517 -15.47 6.57 -19.50
N GLU B 518 -14.22 6.38 -20.01
CA GLU B 518 -13.52 5.09 -19.97
C GLU B 518 -13.57 4.41 -18.60
N SER B 519 -13.50 3.07 -18.64
CA SER B 519 -13.54 2.22 -17.45
C SER B 519 -12.14 1.74 -17.03
N TYR B 520 -11.27 1.43 -18.01
CA TYR B 520 -9.90 0.93 -17.74
C TYR B 520 -8.86 1.82 -18.37
N LEU B 521 -7.66 1.84 -17.78
CA LEU B 521 -6.56 2.71 -18.23
C LEU B 521 -6.14 2.42 -19.66
N ASP B 522 -5.72 1.18 -19.96
CA ASP B 522 -5.34 0.75 -21.33
C ASP B 522 -6.62 0.57 -22.13
N CYS B 523 -6.77 1.27 -23.27
CA CYS B 523 -7.94 1.12 -24.13
C CYS B 523 -7.57 1.48 -25.55
N GLU B 524 -8.52 1.37 -26.49
CA GLU B 524 -8.27 1.68 -27.90
C GLU B 524 -8.13 3.16 -28.08
N LEU B 525 -9.13 3.95 -27.65
CA LEU B 525 -9.12 5.40 -27.77
C LEU B 525 -7.78 6.00 -27.33
N THR B 526 -7.35 5.64 -26.11
CA THR B 526 -6.06 6.09 -25.56
C THR B 526 -4.95 5.69 -26.51
N LYS B 527 -4.84 4.38 -26.82
CA LYS B 527 -3.83 3.83 -27.74
C LYS B 527 -3.84 4.49 -29.13
N PHE B 528 -5.03 4.87 -29.61
CA PHE B 528 -5.23 5.56 -30.88
C PHE B 528 -4.71 7.00 -30.76
N LEU B 529 -5.29 7.80 -29.82
CA LEU B 529 -4.88 9.19 -29.60
C LEU B 529 -3.37 9.28 -29.46
N LEU B 530 -2.80 8.42 -28.61
CA LEU B 530 -1.38 8.34 -28.33
C LEU B 530 -0.53 8.04 -29.58
N GLY B 531 -1.01 7.17 -30.45
CA GLY B 531 -0.32 6.83 -31.69
C GLY B 531 -0.36 7.94 -32.72
N ARG B 532 -1.53 8.63 -32.83
CA ARG B 532 -1.74 9.77 -33.74
C ARG B 532 -0.91 10.94 -33.26
N ALA B 533 -0.85 11.14 -31.93
CA ALA B 533 -0.05 12.18 -31.28
C ALA B 533 1.43 12.02 -31.59
N LEU B 534 1.92 10.78 -31.64
CA LEU B 534 3.33 10.51 -31.90
C LEU B 534 3.68 10.52 -33.38
N ALA B 535 2.67 10.57 -34.29
CA ALA B 535 2.87 10.67 -35.74
C ALA B 535 2.68 12.10 -36.23
N ASN B 536 2.17 13.00 -35.37
CA ASN B 536 1.92 14.39 -35.71
C ASN B 536 2.22 15.27 -34.49
N ARG B 537 3.31 16.07 -34.55
CA ARG B 537 3.72 16.92 -33.43
C ARG B 537 2.66 17.98 -33.08
N LYS B 538 1.84 18.42 -34.07
CA LYS B 538 0.76 19.37 -33.81
C LYS B 538 -0.31 18.69 -32.94
N ILE B 539 -0.66 17.43 -33.23
CA ILE B 539 -1.65 16.66 -32.43
C ILE B 539 -1.02 16.42 -31.06
N GLY B 540 0.25 16.02 -31.05
CA GLY B 540 1.03 15.80 -29.85
C GLY B 540 0.99 17.00 -28.92
N HIS B 541 1.24 18.21 -29.49
CA HIS B 541 1.17 19.49 -28.78
C HIS B 541 -0.20 19.69 -28.18
N PHE B 542 -1.25 19.66 -29.02
CA PHE B 542 -2.60 19.97 -28.56
C PHE B 542 -3.15 18.97 -27.58
N LEU B 543 -2.95 17.66 -27.82
CA LEU B 543 -3.36 16.59 -26.89
C LEU B 543 -2.69 16.87 -25.54
N PHE B 544 -1.36 17.09 -25.52
CA PHE B 544 -0.65 17.42 -24.29
C PHE B 544 -1.31 18.56 -23.46
N TRP B 545 -1.60 19.75 -24.06
CA TRP B 545 -2.25 20.84 -23.31
C TRP B 545 -3.67 20.51 -22.90
N HIS B 546 -4.38 19.67 -23.68
CA HIS B 546 -5.74 19.26 -23.35
C HIS B 546 -5.77 18.38 -22.08
N LEU B 547 -4.69 17.61 -21.85
CA LEU B 547 -4.54 16.77 -20.66
C LEU B 547 -4.09 17.67 -19.49
N ARG B 548 -2.90 18.31 -19.64
CA ARG B 548 -2.27 19.20 -18.64
C ARG B 548 -3.21 20.23 -18.04
N SER B 549 -4.14 20.76 -18.85
CA SER B 549 -5.10 21.76 -18.39
C SER B 549 -6.20 21.22 -17.47
N GLU B 550 -6.24 19.89 -17.24
CA GLU B 550 -7.19 19.23 -16.34
C GLU B 550 -6.51 18.49 -15.17
N MET B 551 -5.18 18.63 -15.00
CA MET B 551 -4.47 17.95 -13.90
C MET B 551 -4.94 18.37 -12.52
N HIS B 552 -5.41 19.62 -12.36
CA HIS B 552 -5.94 20.09 -11.08
C HIS B 552 -7.23 19.32 -10.62
N VAL B 553 -7.87 18.52 -11.52
CA VAL B 553 -9.07 17.72 -11.21
C VAL B 553 -8.64 16.30 -10.75
N PRO B 554 -9.09 15.86 -9.55
CA PRO B 554 -8.70 14.51 -9.06
C PRO B 554 -9.29 13.33 -9.82
N SER B 555 -10.51 13.49 -10.38
CA SER B 555 -11.19 12.43 -11.17
C SER B 555 -10.33 11.88 -12.30
N VAL B 556 -9.47 12.74 -12.90
CA VAL B 556 -8.64 12.39 -14.06
C VAL B 556 -7.12 12.59 -13.90
N ALA B 557 -6.64 13.13 -12.75
CA ALA B 557 -5.21 13.38 -12.55
C ALA B 557 -4.33 12.20 -12.93
N LEU B 558 -4.68 11.00 -12.44
CA LEU B 558 -3.93 9.78 -12.70
C LEU B 558 -3.97 9.38 -14.17
N ARG B 559 -5.19 9.33 -14.74
CA ARG B 559 -5.46 8.96 -16.13
C ARG B 559 -4.62 9.79 -17.09
N PHE B 560 -4.78 11.11 -17.00
CA PHE B 560 -4.09 12.09 -17.86
C PHE B 560 -2.59 12.13 -17.58
N GLY B 561 -2.20 12.23 -16.31
CA GLY B 561 -0.81 12.18 -15.89
C GLY B 561 -0.08 11.01 -16.50
N LEU B 562 -0.73 9.82 -16.47
CA LEU B 562 -0.16 8.62 -17.07
C LEU B 562 -0.07 8.74 -18.59
N ILE B 563 -1.12 9.27 -19.27
CA ILE B 563 -1.10 9.45 -20.73
C ILE B 563 0.04 10.40 -21.13
N MET B 564 0.11 11.59 -20.49
CA MET B 564 1.17 12.56 -20.76
C MET B 564 2.55 11.92 -20.57
N GLU B 565 2.70 11.03 -19.56
CA GLU B 565 3.97 10.34 -19.29
C GLU B 565 4.37 9.50 -20.49
N ALA B 566 3.43 8.72 -21.04
CA ALA B 566 3.69 7.88 -22.20
C ALA B 566 4.03 8.74 -23.40
N TYR B 567 3.38 9.93 -23.54
CA TYR B 567 3.71 10.83 -24.64
C TYR B 567 5.16 11.30 -24.51
N CYS B 568 5.63 11.67 -23.30
CA CYS B 568 7.01 12.14 -23.09
C CYS B 568 8.04 11.06 -23.35
N ARG B 569 7.70 9.79 -23.04
CA ARG B 569 8.59 8.67 -23.35
C ARG B 569 8.68 8.59 -24.87
N GLY B 570 7.52 8.77 -25.52
CA GLY B 570 7.39 8.75 -26.97
C GLY B 570 8.08 9.89 -27.69
N SER B 571 7.97 11.12 -27.19
CA SER B 571 8.63 12.26 -27.82
C SER B 571 9.44 12.98 -26.75
N THR B 572 10.69 12.57 -26.59
CA THR B 572 11.55 13.15 -25.58
C THR B 572 12.07 14.52 -26.01
N HIS B 573 12.21 14.78 -27.32
CA HIS B 573 12.67 16.10 -27.77
C HIS B 573 11.57 17.15 -27.58
N HIS B 574 10.34 16.82 -27.96
CA HIS B 574 9.20 17.72 -27.83
C HIS B 574 8.91 18.04 -26.35
N MET B 575 9.26 17.13 -25.42
CA MET B 575 9.13 17.32 -23.96
C MET B 575 9.95 18.53 -23.49
N LYS B 576 11.14 18.73 -24.09
CA LYS B 576 12.05 19.84 -23.78
C LYS B 576 11.41 21.15 -24.29
N VAL B 577 10.79 21.07 -25.49
CA VAL B 577 10.08 22.17 -26.14
C VAL B 577 8.88 22.60 -25.29
N LEU B 578 8.11 21.61 -24.80
CA LEU B 578 6.95 21.88 -23.95
C LEU B 578 7.33 22.41 -22.58
N MET B 579 8.52 22.02 -22.08
CA MET B 579 9.03 22.46 -20.78
C MET B 579 9.12 23.97 -20.77
N LYS B 580 9.76 24.51 -21.82
CA LYS B 580 9.98 25.94 -22.00
C LYS B 580 8.64 26.73 -21.94
N GLN B 581 7.54 26.13 -22.44
CA GLN B 581 6.21 26.74 -22.44
C GLN B 581 5.62 26.76 -21.04
N GLY B 582 5.77 25.66 -20.30
CA GLY B 582 5.28 25.56 -18.92
C GLY B 582 5.96 26.57 -18.03
N GLU B 583 7.30 26.70 -18.14
CA GLU B 583 8.10 27.68 -17.39
C GLU B 583 7.71 29.13 -17.77
N ALA B 584 7.33 29.37 -19.04
CA ALA B 584 6.85 30.70 -19.46
C ALA B 584 5.49 31.04 -18.79
N LEU B 585 4.61 30.02 -18.65
CA LEU B 585 3.31 30.17 -17.99
C LEU B 585 3.51 30.18 -16.48
N SER B 586 4.58 29.51 -15.99
CA SER B 586 4.96 29.48 -14.58
C SER B 586 5.26 30.90 -14.13
N LYS B 587 6.05 31.65 -14.92
CA LYS B 587 6.41 33.04 -14.64
C LYS B 587 5.22 33.95 -14.83
N LEU B 588 4.48 33.82 -15.94
CA LEU B 588 3.29 34.64 -16.21
C LEU B 588 2.27 34.61 -15.05
N LYS B 589 2.20 33.50 -14.30
CA LYS B 589 1.30 33.34 -13.15
C LYS B 589 1.67 34.37 -12.09
N ALA B 590 2.92 34.35 -11.63
CA ALA B 590 3.46 35.22 -10.59
C ALA B 590 3.33 36.71 -10.94
N LEU B 591 3.74 37.07 -12.17
CA LEU B 591 3.63 38.43 -12.68
C LEU B 591 2.14 38.86 -12.65
N ASN B 592 1.19 38.00 -13.09
CA ASN B 592 -0.24 38.36 -13.03
C ASN B 592 -0.72 38.55 -11.57
N ASP B 593 -0.17 37.75 -10.61
CA ASP B 593 -0.49 37.85 -9.18
C ASP B 593 -0.08 39.23 -8.67
N PHE B 594 1.15 39.65 -9.03
CA PHE B 594 1.66 40.96 -8.64
C PHE B 594 0.68 42.04 -9.13
N VAL B 595 0.48 42.09 -10.46
CA VAL B 595 -0.42 43.05 -11.13
C VAL B 595 -1.80 43.10 -10.44
N LYS B 596 -2.32 41.94 -9.97
CA LYS B 596 -3.62 41.83 -9.32
C LYS B 596 -3.70 42.59 -8.00
N VAL B 597 -2.64 42.48 -7.17
CA VAL B 597 -2.58 43.19 -5.90
C VAL B 597 -2.35 44.67 -6.18
N SER B 598 -1.24 44.95 -6.86
CA SER B 598 -0.76 46.29 -7.16
C SER B 598 -1.88 47.23 -7.61
N SER B 599 -2.63 46.83 -8.65
CA SER B 599 -3.76 47.61 -9.19
C SER B 599 -4.79 48.09 -8.14
N GLN B 600 -4.96 47.35 -7.03
CA GLN B 600 -5.90 47.72 -5.96
C GLN B 600 -5.32 48.79 -5.01
N LYS B 601 -4.00 49.11 -5.11
CA LYS B 601 -3.35 50.14 -4.29
C LYS B 601 -3.09 51.39 -5.12
N THR B 602 -2.35 51.19 -6.22
CA THR B 602 -1.89 52.24 -7.11
C THR B 602 -2.72 52.30 -8.38
N THR B 603 -2.43 53.30 -9.24
CA THR B 603 -3.13 53.52 -10.50
C THR B 603 -2.41 52.76 -11.61
N LYS B 604 -3.11 52.57 -12.73
CA LYS B 604 -2.63 51.80 -13.88
C LYS B 604 -1.18 52.13 -14.29
N PRO B 605 -0.77 53.41 -14.46
CA PRO B 605 0.60 53.67 -14.94
C PRO B 605 1.72 53.27 -13.99
N GLN B 606 1.51 53.36 -12.66
CA GLN B 606 2.53 52.94 -11.70
C GLN B 606 2.63 51.41 -11.71
N THR B 607 1.47 50.73 -11.75
CA THR B 607 1.36 49.27 -11.83
C THR B 607 2.06 48.79 -13.10
N LYS B 608 1.87 49.55 -14.20
CA LYS B 608 2.44 49.26 -15.51
C LYS B 608 3.97 49.33 -15.51
N GLU B 609 4.57 50.47 -15.11
CA GLU B 609 6.04 50.54 -15.07
C GLU B 609 6.65 49.53 -14.08
N MET B 610 5.92 49.17 -13.01
CA MET B 610 6.38 48.16 -12.05
C MET B 610 6.36 46.79 -12.72
N MET B 611 5.32 46.52 -13.55
CA MET B 611 5.17 45.27 -14.29
C MET B 611 6.36 45.13 -15.24
N HIS B 612 6.60 46.17 -16.07
CA HIS B 612 7.73 46.20 -17.01
C HIS B 612 9.06 45.91 -16.30
N MET B 613 9.23 46.42 -15.08
CA MET B 613 10.46 46.20 -14.32
C MET B 613 10.62 44.78 -13.84
N CYS B 614 9.53 44.12 -13.45
CA CYS B 614 9.65 42.73 -13.08
C CYS B 614 10.03 41.93 -14.35
N MET B 615 9.42 42.29 -15.50
CA MET B 615 9.68 41.63 -16.76
C MET B 615 11.13 41.77 -17.26
N ARG B 616 11.80 42.90 -16.97
CA ARG B 616 13.17 43.15 -17.44
C ARG B 616 14.24 42.25 -16.79
N GLN B 617 13.93 41.59 -15.65
CA GLN B 617 14.86 40.68 -14.98
C GLN B 617 15.31 39.51 -15.84
N GLU B 618 16.50 38.96 -15.56
CA GLU B 618 17.05 37.83 -16.29
C GLU B 618 16.11 36.62 -16.36
N THR B 619 15.52 36.20 -15.21
CA THR B 619 14.62 35.03 -15.20
C THR B 619 13.42 35.23 -16.12
N TYR B 620 12.82 36.44 -16.12
CA TYR B 620 11.65 36.73 -16.94
C TYR B 620 12.02 36.86 -18.41
N MET B 621 13.14 37.53 -18.71
CA MET B 621 13.59 37.66 -20.09
C MET B 621 13.98 36.31 -20.67
N GLU B 622 14.58 35.42 -19.87
CA GLU B 622 14.97 34.10 -20.34
C GLU B 622 13.76 33.17 -20.48
N ALA B 623 12.82 33.24 -19.51
CA ALA B 623 11.63 32.39 -19.50
C ALA B 623 10.55 32.77 -20.48
N LEU B 624 10.25 34.08 -20.59
CA LEU B 624 9.21 34.53 -21.51
C LEU B 624 9.70 34.73 -22.94
N SER B 625 10.95 34.40 -23.29
CA SER B 625 11.41 34.61 -24.66
C SER B 625 11.82 33.31 -25.31
N HIS B 626 11.69 33.25 -26.65
CA HIS B 626 12.11 32.12 -27.49
C HIS B 626 11.36 30.83 -27.19
N LEU B 627 10.09 30.77 -27.58
CA LEU B 627 9.27 29.59 -27.38
C LEU B 627 8.15 29.45 -28.41
N GLN B 628 7.74 28.19 -28.73
CA GLN B 628 6.63 27.96 -29.65
C GLN B 628 5.35 28.39 -28.89
N SER B 629 4.39 29.03 -29.56
CA SER B 629 3.18 29.50 -28.86
C SER B 629 2.31 28.32 -28.42
N PRO B 630 1.86 28.22 -27.15
CA PRO B 630 0.92 27.13 -26.80
C PRO B 630 -0.36 27.21 -27.63
N LEU B 631 -0.79 28.41 -28.04
CA LEU B 631 -1.98 28.57 -28.90
C LEU B 631 -1.76 28.03 -30.33
N ASP B 632 -0.50 27.95 -30.80
CA ASP B 632 -0.19 27.48 -32.15
C ASP B 632 1.29 27.10 -32.27
N PRO B 633 1.61 25.79 -32.31
CA PRO B 633 3.04 25.38 -32.38
C PRO B 633 3.88 25.97 -33.53
N SER B 634 3.26 26.42 -34.63
CA SER B 634 3.99 27.00 -35.77
C SER B 634 4.34 28.50 -35.57
N THR B 635 3.74 29.16 -34.57
CA THR B 635 4.04 30.56 -34.26
C THR B 635 5.17 30.52 -33.24
N LEU B 636 6.19 31.39 -33.39
CA LEU B 636 7.31 31.47 -32.44
C LEU B 636 7.27 32.80 -31.70
N LEU B 637 7.14 32.73 -30.39
CA LEU B 637 7.10 33.89 -29.52
C LEU B 637 8.57 34.08 -29.15
N GLU B 638 9.29 34.89 -29.95
CA GLU B 638 10.73 35.09 -29.81
C GLU B 638 11.11 36.14 -28.78
N GLU B 639 11.27 37.41 -29.17
CA GLU B 639 11.68 38.45 -28.23
C GLU B 639 10.47 39.17 -27.68
N VAL B 640 10.34 39.25 -26.34
CA VAL B 640 9.22 39.96 -25.73
C VAL B 640 9.50 41.48 -25.75
N CYS B 641 8.57 42.25 -26.33
CA CYS B 641 8.66 43.71 -26.36
C CYS B 641 8.06 44.18 -25.05
N VAL B 642 8.93 44.46 -24.05
CA VAL B 642 8.45 44.85 -22.72
C VAL B 642 7.62 46.13 -22.78
N GLU B 643 8.06 47.13 -23.56
CA GLU B 643 7.35 48.41 -23.71
C GLU B 643 5.86 48.25 -24.02
N GLN B 644 5.52 47.37 -24.98
CA GLN B 644 4.13 47.15 -25.39
C GLN B 644 3.28 46.23 -24.49
N CYS B 645 3.85 45.66 -23.40
CA CYS B 645 3.09 44.79 -22.50
C CYS B 645 2.37 45.57 -21.43
N THR B 646 1.17 45.12 -21.07
CA THR B 646 0.31 45.80 -20.10
C THR B 646 -0.67 44.78 -19.50
N PHE B 647 -1.85 45.23 -19.09
CA PHE B 647 -2.89 44.39 -18.56
C PHE B 647 -4.22 45.06 -18.84
N MET B 648 -5.24 44.32 -19.32
N MET B 648 -5.24 44.32 -19.33
CA MET B 648 -6.54 44.93 -19.59
CA MET B 648 -6.55 44.92 -19.61
C MET B 648 -7.18 45.37 -18.30
C MET B 648 -7.16 45.36 -18.30
N ASP B 649 -7.89 46.50 -18.32
CA ASP B 649 -8.57 47.04 -17.16
C ASP B 649 -9.88 46.28 -16.98
N SER B 650 -9.83 44.93 -16.90
CA SER B 650 -10.99 44.10 -16.71
C SER B 650 -11.11 43.80 -15.22
N LYS B 651 -11.39 42.55 -14.83
CA LYS B 651 -11.57 42.19 -13.44
C LYS B 651 -10.36 41.45 -12.94
N MET B 652 -9.89 40.41 -13.67
CA MET B 652 -8.73 39.64 -13.24
C MET B 652 -7.45 40.08 -13.92
N LYS B 653 -7.37 41.38 -14.27
CA LYS B 653 -6.24 42.03 -14.91
C LYS B 653 -5.44 41.11 -15.86
N PRO B 654 -6.08 40.63 -16.94
CA PRO B 654 -5.39 39.74 -17.88
C PRO B 654 -4.20 40.43 -18.52
N LEU B 655 -3.05 39.75 -18.62
CA LEU B 655 -1.81 40.34 -19.13
C LEU B 655 -1.69 40.32 -20.63
N TRP B 656 -1.52 41.51 -21.21
CA TRP B 656 -1.28 41.68 -22.63
C TRP B 656 0.23 41.54 -22.84
N ILE B 657 0.71 40.49 -23.53
CA ILE B 657 2.15 40.29 -23.77
C ILE B 657 2.38 40.27 -25.26
N MET B 658 3.21 41.20 -25.78
CA MET B 658 3.53 41.33 -27.20
C MET B 658 4.93 40.81 -27.49
N TYR B 659 5.15 40.28 -28.72
CA TYR B 659 6.43 39.72 -29.19
C TYR B 659 6.80 40.32 -30.51
N SER B 660 8.03 40.05 -30.94
CA SER B 660 8.54 40.47 -32.24
C SER B 660 9.70 39.56 -32.63
N SER B 661 9.88 39.33 -33.93
CA SER B 661 10.96 38.50 -34.44
C SER B 661 11.73 39.30 -35.49
N GLU B 662 13.05 39.11 -35.56
CA GLU B 662 13.90 39.76 -36.55
C GLU B 662 13.68 39.06 -37.89
N GLU B 663 13.76 37.71 -37.84
CA GLU B 663 13.61 36.84 -39.00
C GLU B 663 12.25 36.95 -39.66
N ALA B 664 11.15 36.75 -38.90
CA ALA B 664 9.80 36.83 -39.47
C ALA B 664 9.35 38.22 -39.91
N GLY B 665 9.94 39.26 -39.33
CA GLY B 665 9.55 40.63 -39.67
C GLY B 665 8.20 40.94 -39.07
N SER B 666 7.21 41.30 -39.89
CA SER B 666 5.86 41.61 -39.41
C SER B 666 5.07 40.38 -39.00
N ALA B 667 5.38 39.20 -39.58
CA ALA B 667 4.72 37.96 -39.21
C ALA B 667 5.14 37.44 -37.83
N GLY B 668 6.20 38.01 -37.27
CA GLY B 668 6.68 37.68 -35.94
C GLY B 668 6.06 38.56 -34.86
N ASN B 669 5.52 39.73 -35.26
CA ASN B 669 4.89 40.67 -34.32
C ASN B 669 3.50 40.15 -33.97
N VAL B 670 3.43 39.36 -32.89
CA VAL B 670 2.20 38.69 -32.41
C VAL B 670 2.03 38.83 -30.90
N GLY B 671 0.79 38.88 -30.43
CA GLY B 671 0.48 39.00 -29.01
C GLY B 671 -0.34 37.88 -28.42
N ILE B 672 -0.25 37.74 -27.07
CA ILE B 672 -1.05 36.79 -26.29
C ILE B 672 -1.66 37.52 -25.08
N ILE B 673 -2.75 36.98 -24.56
CA ILE B 673 -3.47 37.47 -23.38
C ILE B 673 -3.49 36.30 -22.41
N PHE B 674 -3.00 36.50 -21.19
CA PHE B 674 -2.94 35.47 -20.16
C PHE B 674 -4.02 35.77 -19.12
N LYS B 675 -5.09 34.93 -19.04
CA LYS B 675 -6.16 35.13 -18.06
C LYS B 675 -5.96 34.17 -16.88
N ASN B 676 -6.43 34.56 -15.68
CA ASN B 676 -6.33 33.74 -14.47
C ASN B 676 -7.56 34.04 -13.61
N GLY B 677 -8.27 33.01 -13.16
CA GLY B 677 -9.45 33.16 -12.31
C GLY B 677 -10.79 32.92 -12.98
N ASP B 678 -10.77 32.50 -14.26
CA ASP B 678 -11.95 32.17 -15.04
C ASP B 678 -11.61 30.95 -15.88
N ASP B 679 -12.57 30.02 -16.03
CA ASP B 679 -12.36 28.82 -16.83
C ASP B 679 -12.63 29.16 -18.29
N LEU B 680 -11.66 28.90 -19.17
CA LEU B 680 -11.79 29.20 -20.59
C LEU B 680 -12.17 27.99 -21.45
N ARG B 681 -12.66 26.90 -20.84
CA ARG B 681 -13.04 25.72 -21.62
C ARG B 681 -14.30 25.98 -22.45
N GLN B 682 -15.25 26.80 -21.93
CA GLN B 682 -16.45 27.16 -22.68
C GLN B 682 -16.08 28.04 -23.86
N ASP B 683 -15.19 29.03 -23.64
CA ASP B 683 -14.75 29.88 -24.73
C ASP B 683 -14.07 29.05 -25.81
N MET B 684 -13.24 28.05 -25.40
CA MET B 684 -12.56 27.16 -26.35
C MET B 684 -13.57 26.38 -27.19
N LEU B 685 -14.66 25.88 -26.57
CA LEU B 685 -15.66 25.11 -27.31
C LEU B 685 -16.39 25.99 -28.31
N THR B 686 -16.81 27.20 -27.87
CA THR B 686 -17.49 28.14 -28.77
C THR B 686 -16.61 28.52 -29.95
N LEU B 687 -15.33 28.76 -29.71
CA LEU B 687 -14.39 29.08 -30.78
C LEU B 687 -14.17 27.87 -31.70
N GLN B 688 -14.22 26.64 -31.14
CA GLN B 688 -14.10 25.41 -31.95
C GLN B 688 -15.30 25.32 -32.88
N MET B 689 -16.49 25.58 -32.33
CA MET B 689 -17.73 25.55 -33.10
C MET B 689 -17.73 26.61 -34.19
N ILE B 690 -17.24 27.83 -33.92
CA ILE B 690 -17.15 28.85 -34.98
C ILE B 690 -16.13 28.38 -36.03
N GLN B 691 -14.95 27.89 -35.61
CA GLN B 691 -13.93 27.36 -36.54
C GLN B 691 -14.50 26.20 -37.41
N LEU B 692 -15.39 25.34 -36.85
CA LEU B 692 -16.02 24.27 -37.63
C LEU B 692 -16.98 24.87 -38.67
N MET B 693 -17.88 25.78 -38.22
CA MET B 693 -18.82 26.50 -39.10
C MET B 693 -18.08 27.17 -40.26
N ASP B 694 -16.94 27.84 -39.99
CA ASP B 694 -16.14 28.45 -41.05
C ASP B 694 -15.75 27.35 -42.05
N VAL B 695 -15.20 26.22 -41.54
CA VAL B 695 -14.75 25.08 -42.36
C VAL B 695 -15.91 24.46 -43.18
N LEU B 696 -17.10 24.24 -42.57
CA LEU B 696 -18.26 23.69 -43.28
C LEU B 696 -18.68 24.60 -44.44
N TRP B 697 -18.79 25.92 -44.16
CA TRP B 697 -19.17 26.90 -45.17
C TRP B 697 -18.13 26.97 -46.28
N LYS B 698 -16.84 27.05 -45.92
CA LYS B 698 -15.78 27.11 -46.93
C LYS B 698 -15.83 25.87 -47.84
N GLN B 699 -16.06 24.67 -47.24
CA GLN B 699 -16.17 23.41 -47.97
C GLN B 699 -17.38 23.38 -48.96
N GLU B 700 -18.36 24.32 -48.81
CA GLU B 700 -19.48 24.49 -49.72
C GLU B 700 -19.36 25.87 -50.43
N GLY B 701 -18.12 26.26 -50.77
CA GLY B 701 -17.81 27.52 -51.45
C GLY B 701 -18.51 28.76 -50.92
N LEU B 702 -18.11 29.20 -49.73
CA LEU B 702 -18.68 30.39 -49.09
C LEU B 702 -17.74 30.74 -47.94
N ASP B 703 -16.93 31.79 -48.10
CA ASP B 703 -15.99 32.23 -47.07
C ASP B 703 -16.61 33.46 -46.41
N LEU B 704 -17.03 33.36 -45.13
CA LEU B 704 -17.62 34.51 -44.45
C LEU B 704 -16.61 35.34 -43.69
N ARG B 705 -15.30 35.15 -43.94
CA ARG B 705 -14.26 35.96 -43.33
C ARG B 705 -14.33 35.96 -41.80
N MET B 706 -14.52 34.76 -41.24
CA MET B 706 -14.63 34.55 -39.81
C MET B 706 -13.26 34.66 -39.14
N THR B 707 -13.27 34.98 -37.83
CA THR B 707 -12.05 35.17 -37.04
C THR B 707 -12.08 34.25 -35.80
N PRO B 708 -11.79 32.93 -35.97
CA PRO B 708 -11.76 32.04 -34.81
C PRO B 708 -10.36 32.06 -34.19
N TYR B 709 -10.05 33.19 -33.53
CA TYR B 709 -8.79 33.43 -32.83
C TYR B 709 -8.54 32.35 -31.78
N GLY B 710 -7.28 32.16 -31.42
CA GLY B 710 -6.88 31.16 -30.45
C GLY B 710 -7.36 31.42 -29.03
N CYS B 711 -7.65 30.35 -28.32
CA CYS B 711 -8.06 30.34 -26.92
C CYS B 711 -7.63 28.97 -26.41
N LEU B 712 -6.87 28.89 -25.31
CA LEU B 712 -6.35 27.61 -24.84
C LEU B 712 -6.23 27.49 -23.32
N PRO B 713 -7.12 26.73 -22.66
CA PRO B 713 -6.91 26.44 -21.23
C PRO B 713 -5.62 25.61 -21.08
N THR B 714 -4.72 26.06 -20.17
CA THR B 714 -3.40 25.49 -19.84
C THR B 714 -3.30 24.91 -18.40
N GLY B 715 -4.14 25.37 -17.46
CA GLY B 715 -4.16 24.94 -16.06
C GLY B 715 -5.43 25.37 -15.33
N ASP B 716 -5.47 25.32 -13.96
CA ASP B 716 -6.66 25.67 -13.14
C ASP B 716 -7.09 27.11 -13.37
N ARG B 717 -8.25 27.34 -14.03
CA ARG B 717 -8.75 28.69 -14.35
C ARG B 717 -7.59 29.54 -14.91
N THR B 718 -6.78 28.93 -15.78
CA THR B 718 -5.57 29.53 -16.37
C THR B 718 -5.58 29.15 -17.84
N GLY B 719 -5.19 30.10 -18.68
CA GLY B 719 -5.19 29.88 -20.12
C GLY B 719 -4.77 31.09 -20.90
N LEU B 720 -4.51 30.87 -22.19
CA LEU B 720 -4.08 31.90 -23.11
C LEU B 720 -5.14 32.18 -24.16
N ILE B 721 -5.17 33.43 -24.63
CA ILE B 721 -6.05 33.86 -25.72
C ILE B 721 -5.12 34.55 -26.71
N GLU B 722 -5.41 34.47 -28.00
CA GLU B 722 -4.56 35.08 -29.01
C GLU B 722 -4.97 36.53 -29.22
N VAL B 723 -4.01 37.47 -29.19
CA VAL B 723 -4.31 38.88 -29.47
C VAL B 723 -4.63 38.99 -30.96
N VAL B 724 -5.85 39.45 -31.31
CA VAL B 724 -6.21 39.74 -32.70
C VAL B 724 -5.73 41.19 -32.92
N LEU B 725 -4.67 41.35 -33.72
CA LEU B 725 -4.08 42.66 -33.98
C LEU B 725 -4.85 43.44 -35.02
N HIS B 726 -4.66 44.77 -35.05
CA HIS B 726 -5.27 45.68 -36.02
C HIS B 726 -6.78 45.62 -35.96
N SER B 727 -7.32 45.69 -34.73
CA SER B 727 -8.75 45.63 -34.46
C SER B 727 -9.06 46.45 -33.22
N ASP B 728 -10.32 46.91 -33.10
CA ASP B 728 -10.77 47.66 -31.93
C ASP B 728 -12.23 47.30 -31.66
N THR B 729 -12.69 47.60 -30.44
CA THR B 729 -14.08 47.34 -30.06
C THR B 729 -15.00 48.39 -30.68
N ILE B 730 -16.29 48.05 -30.84
CA ILE B 730 -17.31 48.99 -31.35
C ILE B 730 -17.44 50.14 -30.35
N ALA B 731 -17.22 49.87 -29.05
CA ALA B 731 -17.27 50.89 -28.00
C ALA B 731 -16.16 51.92 -28.25
N ASN B 732 -14.89 51.46 -28.36
CA ASN B 732 -13.75 52.36 -28.61
C ASN B 732 -13.78 53.04 -30.00
N ILE B 733 -14.56 52.52 -30.96
CA ILE B 733 -14.75 53.16 -32.26
C ILE B 733 -15.88 54.19 -32.10
N GLN B 734 -16.96 53.83 -31.37
CA GLN B 734 -18.09 54.72 -31.09
C GLN B 734 -17.77 55.84 -30.11
N LEU B 735 -16.56 55.84 -29.49
CA LEU B 735 -16.16 56.97 -28.67
C LEU B 735 -16.04 58.21 -29.54
N ASN B 736 -15.86 58.06 -30.89
CA ASN B 736 -15.83 59.20 -31.83
C ASN B 736 -14.77 60.19 -31.32
N LYS B 737 -13.59 59.64 -30.96
CA LYS B 737 -12.53 60.38 -30.28
C LYS B 737 -12.12 61.69 -31.02
N SER B 738 -11.82 62.73 -30.20
CA SER B 738 -11.54 64.11 -30.64
C SER B 738 -10.39 64.25 -31.65
N ASN B 739 -10.70 64.88 -32.82
CA ASN B 739 -9.78 65.14 -33.95
C ASN B 739 -9.05 63.87 -34.45
N MET B 740 -9.82 62.79 -34.67
CA MET B 740 -9.30 61.53 -35.21
C MET B 740 -9.56 61.50 -36.71
N ALA B 741 -9.11 60.44 -37.41
CA ALA B 741 -9.35 60.31 -38.84
C ALA B 741 -10.83 59.99 -39.19
N ALA B 742 -11.68 59.68 -38.17
CA ALA B 742 -13.10 59.35 -38.37
C ALA B 742 -14.04 60.17 -37.46
N THR B 743 -14.03 61.51 -37.60
CA THR B 743 -14.91 62.38 -36.80
C THR B 743 -16.31 62.36 -37.40
N ALA B 744 -17.28 61.73 -36.68
CA ALA B 744 -18.66 61.60 -37.15
C ALA B 744 -19.65 62.38 -36.27
N ALA B 745 -20.73 62.85 -36.88
CA ALA B 745 -21.77 63.65 -36.21
C ALA B 745 -22.74 62.79 -35.41
N PHE B 746 -23.10 61.62 -35.96
CA PHE B 746 -24.01 60.67 -35.33
C PHE B 746 -23.32 59.32 -35.16
N ASN B 747 -23.68 58.59 -34.09
CA ASN B 747 -23.15 57.25 -33.82
C ASN B 747 -23.26 56.32 -35.02
N LYS B 748 -24.43 56.33 -35.71
CA LYS B 748 -24.70 55.52 -36.91
C LYS B 748 -23.60 55.64 -37.99
N ASP B 749 -22.99 56.84 -38.14
CA ASP B 749 -21.94 57.07 -39.13
C ASP B 749 -20.53 56.72 -38.62
N ALA B 750 -20.31 56.66 -37.28
CA ALA B 750 -19.00 56.40 -36.67
C ALA B 750 -18.31 55.16 -37.24
N LEU B 751 -19.01 54.02 -37.14
CA LEU B 751 -18.54 52.71 -37.63
C LEU B 751 -17.98 52.85 -39.04
N LEU B 752 -18.81 53.31 -39.97
CA LEU B 752 -18.46 53.53 -41.37
C LEU B 752 -17.29 54.52 -41.56
N ASN B 753 -17.23 55.59 -40.76
CA ASN B 753 -16.15 56.58 -40.86
C ASN B 753 -14.80 55.97 -40.45
N TRP B 754 -14.80 55.09 -39.43
CA TRP B 754 -13.60 54.37 -38.99
C TRP B 754 -13.12 53.51 -40.15
N LEU B 755 -14.04 52.85 -40.86
CA LEU B 755 -13.70 52.03 -42.01
C LEU B 755 -13.12 52.86 -43.15
N LYS B 756 -13.74 54.01 -43.44
CA LYS B 756 -13.25 54.91 -44.49
C LYS B 756 -11.82 55.35 -44.23
N SER B 757 -11.45 55.65 -42.96
CA SER B 757 -10.08 56.07 -42.65
C SER B 757 -9.07 54.91 -42.78
N LYS B 758 -9.39 53.74 -42.20
CA LYS B 758 -8.51 52.58 -42.24
C LYS B 758 -8.34 51.99 -43.65
N ASN B 759 -9.29 52.25 -44.58
CA ASN B 759 -9.26 51.73 -45.95
C ASN B 759 -9.50 52.83 -47.02
N PRO B 760 -8.44 53.53 -47.48
CA PRO B 760 -8.65 54.58 -48.49
C PRO B 760 -8.81 54.08 -49.93
N GLY B 761 -9.47 54.88 -50.76
CA GLY B 761 -9.73 54.56 -52.16
C GLY B 761 -10.81 53.50 -52.31
N GLU B 762 -10.63 52.59 -53.28
CA GLU B 762 -11.58 51.49 -53.49
C GLU B 762 -11.30 50.32 -52.53
N ALA B 763 -10.36 50.49 -51.57
CA ALA B 763 -10.11 49.49 -50.53
C ALA B 763 -11.35 49.42 -49.63
N LEU B 764 -12.03 50.58 -49.45
CA LEU B 764 -13.26 50.68 -48.67
C LEU B 764 -14.35 49.74 -49.20
N ASP B 765 -14.46 49.60 -50.53
CA ASP B 765 -15.46 48.69 -51.11
C ASP B 765 -15.20 47.26 -50.66
N ARG B 766 -13.90 46.86 -50.61
CA ARG B 766 -13.52 45.53 -50.14
C ARG B 766 -13.81 45.42 -48.64
N ALA B 767 -13.48 46.47 -47.85
CA ALA B 767 -13.77 46.48 -46.41
C ALA B 767 -15.26 46.35 -46.08
N ILE B 768 -16.15 46.92 -46.91
CA ILE B 768 -17.59 46.79 -46.69
C ILE B 768 -17.98 45.36 -47.04
N GLU B 769 -17.43 44.79 -48.13
CA GLU B 769 -17.69 43.40 -48.50
C GLU B 769 -17.18 42.49 -47.38
N GLU B 770 -15.99 42.81 -46.82
CA GLU B 770 -15.39 42.04 -45.70
C GLU B 770 -16.34 42.10 -44.52
N PHE B 771 -16.79 43.31 -44.13
CA PHE B 771 -17.72 43.54 -43.02
C PHE B 771 -19.01 42.73 -43.16
N THR B 772 -19.63 42.82 -44.31
CA THR B 772 -20.90 42.19 -44.67
C THR B 772 -21.00 40.70 -44.43
N LEU B 773 -20.00 39.97 -44.92
CA LEU B 773 -19.98 38.51 -44.84
C LEU B 773 -19.80 38.06 -43.39
N SER B 774 -18.77 38.62 -42.73
CA SER B 774 -18.45 38.37 -41.32
C SER B 774 -19.61 38.75 -40.43
N CYS B 775 -20.27 39.87 -40.75
CA CYS B 775 -21.44 40.27 -40.00
C CYS B 775 -22.46 39.16 -40.15
N ALA B 776 -22.76 38.74 -41.40
CA ALA B 776 -23.71 37.65 -41.65
C ALA B 776 -23.28 36.36 -40.97
N GLY B 777 -21.98 36.08 -40.99
CA GLY B 777 -21.41 34.90 -40.37
C GLY B 777 -21.64 34.87 -38.88
N TYR B 778 -21.20 35.93 -38.17
CA TYR B 778 -21.38 35.99 -36.72
C TYR B 778 -22.87 36.13 -36.31
N CYS B 779 -23.78 36.58 -37.19
CA CYS B 779 -25.21 36.64 -36.86
C CYS B 779 -25.76 35.22 -36.76
N VAL B 780 -25.38 34.36 -37.72
CA VAL B 780 -25.82 32.96 -37.76
C VAL B 780 -25.15 32.14 -36.66
N ALA B 781 -23.83 32.28 -36.45
CA ALA B 781 -23.14 31.49 -35.43
C ALA B 781 -23.66 31.79 -34.03
N THR B 782 -23.83 33.09 -33.69
CA THR B 782 -24.36 33.49 -32.39
C THR B 782 -25.79 33.06 -32.22
N TYR B 783 -26.61 33.18 -33.29
CA TYR B 783 -28.02 32.77 -33.24
C TYR B 783 -28.11 31.30 -32.90
N VAL B 784 -27.38 30.47 -33.67
CA VAL B 784 -27.34 29.02 -33.50
C VAL B 784 -26.80 28.65 -32.12
N LEU B 785 -25.58 29.12 -31.77
CA LEU B 785 -24.96 28.80 -30.48
C LEU B 785 -25.61 29.52 -29.27
N GLY B 786 -26.58 30.40 -29.50
CA GLY B 786 -27.33 31.09 -28.47
C GLY B 786 -26.51 32.00 -27.59
N ILE B 787 -25.62 32.80 -28.20
CA ILE B 787 -24.73 33.68 -27.44
C ILE B 787 -25.42 35.02 -27.14
N GLY B 788 -25.62 35.29 -25.85
CA GLY B 788 -26.26 36.51 -25.36
C GLY B 788 -25.29 37.49 -24.74
N ASP B 789 -25.83 38.59 -24.16
CA ASP B 789 -25.05 39.66 -23.52
C ASP B 789 -24.08 40.25 -24.53
N ARG B 790 -24.64 40.75 -25.63
CA ARG B 790 -23.88 41.33 -26.73
C ARG B 790 -23.94 42.85 -26.62
N HIS B 791 -22.79 43.47 -26.34
CA HIS B 791 -22.66 44.93 -26.23
C HIS B 791 -21.40 45.39 -26.95
N SER B 792 -21.34 46.68 -27.25
CA SER B 792 -20.25 47.31 -27.99
C SER B 792 -18.83 46.97 -27.49
N ASP B 793 -18.66 46.71 -26.17
CA ASP B 793 -17.36 46.37 -25.60
C ASP B 793 -16.96 44.88 -25.78
N ASN B 794 -17.85 44.00 -26.30
CA ASN B 794 -17.48 42.61 -26.55
C ASN B 794 -17.72 42.15 -28.03
N ILE B 795 -17.90 43.12 -28.96
CA ILE B 795 -18.01 42.89 -30.40
C ILE B 795 -16.87 43.71 -31.01
N MET B 796 -15.87 43.06 -31.58
CA MET B 796 -14.73 43.73 -32.22
C MET B 796 -14.88 43.82 -33.72
N ILE B 797 -13.98 44.55 -34.36
CA ILE B 797 -13.96 44.72 -35.81
C ILE B 797 -12.54 44.97 -36.28
N ARG B 798 -12.07 44.20 -37.27
CA ARG B 798 -10.71 44.33 -37.80
C ARG B 798 -10.54 45.51 -38.74
N GLU B 799 -9.30 46.02 -38.87
CA GLU B 799 -8.97 47.12 -39.80
C GLU B 799 -9.30 46.74 -41.25
N SER B 800 -9.22 45.43 -41.58
CA SER B 800 -9.56 44.93 -42.91
C SER B 800 -11.04 45.10 -43.25
N GLY B 801 -11.88 45.26 -42.21
CA GLY B 801 -13.32 45.41 -42.34
C GLY B 801 -14.10 44.33 -41.63
N GLN B 802 -13.45 43.18 -41.33
CA GLN B 802 -14.09 42.00 -40.73
C GLN B 802 -14.61 42.18 -39.30
N LEU B 803 -15.88 41.87 -39.09
CA LEU B 803 -16.56 41.91 -37.79
C LEU B 803 -16.25 40.61 -37.02
N PHE B 804 -16.08 40.66 -35.69
CA PHE B 804 -15.87 39.44 -34.89
C PHE B 804 -16.26 39.65 -33.43
N HIS B 805 -16.76 38.59 -32.76
CA HIS B 805 -17.19 38.63 -31.36
C HIS B 805 -16.17 38.04 -30.39
N ILE B 806 -16.26 38.46 -29.12
CA ILE B 806 -15.42 37.99 -28.01
C ILE B 806 -16.25 37.81 -26.73
N ASP B 807 -15.66 37.20 -25.69
CA ASP B 807 -16.29 36.87 -24.40
C ASP B 807 -17.40 35.83 -24.61
N PHE B 808 -17.02 34.57 -24.87
CA PHE B 808 -17.99 33.49 -25.09
C PHE B 808 -18.15 32.66 -23.81
N GLY B 809 -18.37 33.34 -22.69
CA GLY B 809 -18.55 32.72 -21.39
C GLY B 809 -19.99 32.30 -21.12
N HIS B 810 -20.98 32.85 -21.87
CA HIS B 810 -22.40 32.50 -21.71
C HIS B 810 -23.06 32.17 -23.07
N PHE B 811 -23.36 30.87 -23.31
CA PHE B 811 -23.95 30.38 -24.56
C PHE B 811 -25.21 29.51 -24.33
N LEU B 812 -25.81 28.98 -25.42
CA LEU B 812 -27.03 28.16 -25.40
C LEU B 812 -28.19 28.85 -24.66
N GLY B 813 -28.25 30.18 -24.78
CA GLY B 813 -29.27 30.99 -24.13
C GLY B 813 -29.35 30.83 -22.62
N ASN B 814 -28.19 30.55 -21.96
CA ASN B 814 -28.08 30.39 -20.50
C ASN B 814 -27.48 31.70 -19.94
N PHE B 815 -28.24 32.81 -20.02
CA PHE B 815 -27.84 34.15 -19.56
C PHE B 815 -27.25 34.20 -18.14
N ARG B 825 -33.65 31.70 -24.11
CA ARG B 825 -33.94 31.71 -25.55
C ARG B 825 -33.58 33.07 -26.09
N VAL B 826 -32.55 33.17 -26.97
CA VAL B 826 -32.08 34.46 -27.50
C VAL B 826 -32.66 34.74 -28.90
N PRO B 827 -32.88 36.03 -29.24
CA PRO B 827 -33.40 36.36 -30.59
C PRO B 827 -32.28 36.53 -31.60
N PHE B 828 -32.64 36.87 -32.84
CA PHE B 828 -31.68 37.17 -33.88
C PHE B 828 -31.24 38.62 -33.64
N ILE B 829 -29.97 38.98 -33.97
CA ILE B 829 -29.44 40.33 -33.71
C ILE B 829 -29.01 41.02 -35.00
N LEU B 830 -29.42 42.29 -35.18
CA LEU B 830 -29.06 43.12 -36.32
C LEU B 830 -29.01 44.59 -35.87
N THR B 831 -27.86 45.07 -35.38
CA THR B 831 -27.75 46.46 -34.91
C THR B 831 -27.81 47.42 -36.09
N TYR B 832 -28.49 48.57 -35.89
CA TYR B 832 -28.69 49.58 -36.92
C TYR B 832 -27.39 50.11 -37.52
N ASP B 833 -26.32 50.24 -36.71
CA ASP B 833 -25.02 50.70 -37.20
C ASP B 833 -24.41 49.73 -38.20
N PHE B 834 -24.73 48.41 -38.09
CA PHE B 834 -24.23 47.40 -39.03
C PHE B 834 -24.98 47.51 -40.35
N VAL B 835 -26.33 47.55 -40.29
CA VAL B 835 -27.21 47.66 -41.47
C VAL B 835 -26.83 48.91 -42.32
N HIS B 836 -26.34 49.98 -41.66
CA HIS B 836 -25.89 51.20 -42.35
C HIS B 836 -24.62 50.95 -43.16
N VAL B 837 -23.65 50.25 -42.55
CA VAL B 837 -22.37 49.93 -43.21
C VAL B 837 -22.63 48.93 -44.34
N ILE B 838 -23.52 47.97 -44.11
CA ILE B 838 -23.93 46.98 -45.12
C ILE B 838 -24.57 47.73 -46.29
N GLN B 839 -25.48 48.68 -46.00
CA GLN B 839 -26.16 49.49 -47.03
C GLN B 839 -25.30 50.67 -47.59
N GLN B 840 -23.95 50.57 -47.51
CA GLN B 840 -22.98 51.57 -48.00
C GLN B 840 -23.19 53.00 -47.46
N GLY B 841 -23.71 53.10 -46.25
CA GLY B 841 -23.99 54.37 -45.60
C GLY B 841 -25.22 55.10 -46.11
N LYS B 842 -26.10 54.40 -46.84
CA LYS B 842 -27.33 54.98 -47.37
C LYS B 842 -28.50 54.54 -46.50
N THR B 843 -29.55 55.38 -46.41
CA THR B 843 -30.76 55.06 -45.66
C THR B 843 -31.55 53.94 -46.37
N ASN B 844 -31.41 53.85 -47.72
CA ASN B 844 -32.06 52.83 -48.54
C ASN B 844 -31.09 52.26 -49.60
N ASN B 845 -30.81 50.95 -49.51
CA ASN B 845 -29.96 50.23 -50.46
C ASN B 845 -30.34 48.74 -50.40
N SER B 846 -31.56 48.43 -50.89
CA SER B 846 -32.10 47.07 -50.91
C SER B 846 -31.30 46.11 -51.81
N GLU B 847 -30.49 46.63 -52.75
CA GLU B 847 -29.65 45.79 -53.62
C GLU B 847 -28.57 45.10 -52.77
N LYS B 848 -27.82 45.89 -51.98
CA LYS B 848 -26.76 45.37 -51.10
C LYS B 848 -27.31 44.66 -49.87
N PHE B 849 -28.52 45.05 -49.40
CA PHE B 849 -29.12 44.44 -48.21
C PHE B 849 -29.62 43.03 -48.48
N GLU B 850 -30.38 42.85 -49.57
CA GLU B 850 -30.92 41.53 -49.90
C GLU B 850 -29.80 40.54 -50.22
N ARG B 851 -28.63 41.05 -50.71
CA ARG B 851 -27.45 40.22 -50.94
C ARG B 851 -27.04 39.68 -49.55
N PHE B 852 -26.87 40.61 -48.58
CA PHE B 852 -26.51 40.28 -47.20
C PHE B 852 -27.48 39.28 -46.60
N ARG B 853 -28.80 39.53 -46.69
CA ARG B 853 -29.82 38.61 -46.19
C ARG B 853 -29.57 37.21 -46.76
N GLY B 854 -29.24 37.15 -48.05
CA GLY B 854 -28.92 35.91 -48.76
C GLY B 854 -27.83 35.10 -48.09
N TYR B 855 -26.73 35.77 -47.67
CA TYR B 855 -25.61 35.11 -46.99
C TYR B 855 -26.07 34.51 -45.67
N CYS B 856 -26.93 35.22 -44.92
CA CYS B 856 -27.43 34.72 -43.63
C CYS B 856 -28.27 33.47 -43.86
N GLU B 857 -29.03 33.44 -44.97
CA GLU B 857 -29.89 32.30 -45.32
C GLU B 857 -29.05 31.09 -45.74
N ARG B 858 -28.08 31.31 -46.66
CA ARG B 858 -27.19 30.25 -47.18
C ARG B 858 -26.41 29.61 -46.03
N ALA B 859 -25.76 30.44 -45.21
CA ALA B 859 -24.99 29.98 -44.07
C ALA B 859 -25.85 29.18 -43.08
N TYR B 860 -27.07 29.67 -42.77
CA TYR B 860 -27.99 28.98 -41.83
C TYR B 860 -28.34 27.59 -42.32
N THR B 861 -28.58 27.42 -43.64
CA THR B 861 -28.94 26.11 -44.20
C THR B 861 -27.75 25.12 -44.19
N ILE B 862 -26.54 25.55 -44.64
CA ILE B 862 -25.34 24.70 -44.66
C ILE B 862 -25.10 24.11 -43.26
N LEU B 863 -25.34 24.92 -42.21
CA LEU B 863 -25.21 24.46 -40.83
C LEU B 863 -26.26 23.37 -40.60
N ARG B 864 -27.55 23.66 -40.88
CA ARG B 864 -28.65 22.71 -40.73
C ARG B 864 -28.40 21.35 -41.38
N ARG B 865 -27.74 21.34 -42.56
CA ARG B 865 -27.38 20.11 -43.26
C ARG B 865 -26.47 19.28 -42.34
N HIS B 866 -25.45 19.95 -41.75
CA HIS B 866 -24.52 19.33 -40.80
C HIS B 866 -24.94 19.45 -39.33
N GLY B 867 -26.24 19.48 -39.06
CA GLY B 867 -26.75 19.57 -37.70
C GLY B 867 -26.39 18.39 -36.82
N LEU B 868 -26.20 17.19 -37.43
CA LEU B 868 -25.81 15.99 -36.68
C LEU B 868 -24.40 16.14 -36.16
N LEU B 869 -23.47 16.63 -37.01
CA LEU B 869 -22.08 16.82 -36.59
C LEU B 869 -22.05 17.65 -35.32
N PHE B 870 -22.72 18.83 -35.33
CA PHE B 870 -22.79 19.68 -34.15
C PHE B 870 -23.38 18.90 -32.98
N LEU B 871 -24.49 18.16 -33.18
CA LEU B 871 -25.09 17.36 -32.11
C LEU B 871 -24.14 16.33 -31.54
N HIS B 872 -23.48 15.56 -32.42
CA HIS B 872 -22.59 14.50 -31.98
C HIS B 872 -21.34 15.04 -31.30
N LEU B 873 -20.85 16.23 -31.67
CA LEU B 873 -19.70 16.79 -30.97
C LEU B 873 -20.12 17.34 -29.61
N PHE B 874 -21.24 18.07 -29.53
CA PHE B 874 -21.75 18.54 -28.24
C PHE B 874 -22.19 17.39 -27.33
N ALA B 875 -22.58 16.24 -27.91
CA ALA B 875 -23.00 15.08 -27.13
C ALA B 875 -21.86 14.49 -26.31
N LEU B 876 -20.66 14.43 -26.91
CA LEU B 876 -19.48 13.92 -26.24
C LEU B 876 -18.94 14.91 -25.18
N MET B 877 -19.22 16.23 -25.32
CA MET B 877 -18.76 17.25 -24.36
C MET B 877 -19.54 17.26 -23.05
N ARG B 878 -20.66 16.50 -22.94
CA ARG B 878 -21.36 16.41 -21.65
C ARG B 878 -20.42 15.80 -20.58
N ALA B 879 -19.33 15.13 -21.02
CA ALA B 879 -18.29 14.57 -20.15
C ALA B 879 -17.44 15.66 -19.45
N ALA B 880 -17.19 16.81 -20.14
CA ALA B 880 -16.38 17.91 -19.60
C ALA B 880 -16.81 18.37 -18.22
N GLY B 881 -18.06 18.79 -18.11
CA GLY B 881 -18.64 19.28 -16.88
C GLY B 881 -18.69 20.79 -16.85
N LEU B 882 -19.24 21.41 -17.92
CA LEU B 882 -19.40 22.86 -17.98
C LEU B 882 -20.72 23.18 -17.31
N PRO B 883 -20.88 24.33 -16.65
CA PRO B 883 -22.19 24.62 -16.02
C PRO B 883 -23.33 24.73 -17.02
N GLU B 884 -23.06 25.25 -18.22
CA GLU B 884 -24.08 25.48 -19.24
C GLU B 884 -24.21 24.36 -20.28
N LEU B 885 -23.46 23.24 -20.16
CA LEU B 885 -23.58 22.08 -21.05
C LEU B 885 -23.60 20.84 -20.12
N SER B 886 -24.63 20.78 -19.28
CA SER B 886 -24.81 19.76 -18.25
C SER B 886 -25.73 18.62 -18.65
N CYS B 887 -26.91 18.95 -19.20
CA CYS B 887 -27.96 17.98 -19.49
C CYS B 887 -28.47 18.03 -20.94
N SER B 888 -29.54 17.28 -21.23
CA SER B 888 -30.21 17.23 -22.53
C SER B 888 -30.91 18.55 -22.84
N LYS B 889 -31.46 19.25 -21.81
CA LYS B 889 -32.15 20.54 -21.98
C LYS B 889 -31.22 21.58 -22.64
N ASP B 890 -29.90 21.49 -22.38
CA ASP B 890 -28.91 22.38 -22.98
C ASP B 890 -28.75 22.01 -24.47
N ILE B 891 -28.46 20.72 -24.76
CA ILE B 891 -28.34 20.19 -26.13
C ILE B 891 -29.60 20.58 -26.94
N GLN B 892 -30.78 20.50 -26.30
CA GLN B 892 -32.07 20.86 -26.91
C GLN B 892 -32.06 22.24 -27.53
N TYR B 893 -31.27 23.17 -26.99
CA TYR B 893 -31.15 24.51 -27.57
C TYR B 893 -30.70 24.40 -29.02
N LEU B 894 -29.69 23.54 -29.30
CA LEU B 894 -29.17 23.34 -30.65
C LEU B 894 -30.13 22.59 -31.57
N LYS B 895 -30.99 21.72 -31.01
CA LYS B 895 -32.00 21.04 -31.81
C LYS B 895 -33.02 22.07 -32.28
N ASP B 896 -33.36 23.04 -31.41
CA ASP B 896 -34.36 24.07 -31.68
C ASP B 896 -33.84 25.28 -32.46
N SER B 897 -32.58 25.68 -32.29
CA SER B 897 -32.04 26.82 -33.05
C SER B 897 -31.80 26.41 -34.51
N LEU B 898 -31.40 25.15 -34.74
CA LEU B 898 -31.22 24.61 -36.08
C LEU B 898 -32.55 24.07 -36.65
N ALA B 899 -33.47 23.59 -35.78
CA ALA B 899 -34.76 23.02 -36.18
C ALA B 899 -34.56 21.73 -36.97
N LEU B 900 -33.95 20.71 -36.32
CA LEU B 900 -33.70 19.42 -36.96
C LEU B 900 -34.98 18.59 -37.12
N GLY B 901 -36.03 18.91 -36.36
CA GLY B 901 -37.33 18.26 -36.47
C GLY B 901 -38.27 18.95 -37.45
N LYS B 902 -37.72 19.45 -38.58
CA LYS B 902 -38.45 20.14 -39.65
C LYS B 902 -37.78 19.84 -41.01
N THR B 903 -38.40 20.32 -42.10
CA THR B 903 -37.85 20.18 -43.45
C THR B 903 -37.10 21.48 -43.76
N GLU B 904 -36.31 21.50 -44.86
CA GLU B 904 -35.57 22.70 -45.27
C GLU B 904 -36.50 23.86 -45.64
N GLU B 905 -37.73 23.54 -46.10
CA GLU B 905 -38.74 24.55 -46.45
C GLU B 905 -39.19 25.24 -45.17
N GLU B 906 -39.71 24.45 -44.21
CA GLU B 906 -40.20 24.94 -42.91
C GLU B 906 -39.15 25.68 -42.11
N ALA B 907 -37.94 25.09 -42.01
CA ALA B 907 -36.84 25.69 -41.26
C ALA B 907 -36.44 27.05 -41.84
N LEU B 908 -36.32 27.15 -43.18
CA LEU B 908 -35.97 28.41 -43.84
C LEU B 908 -37.14 29.40 -43.79
N LYS B 909 -38.39 28.89 -43.88
CA LYS B 909 -39.61 29.70 -43.78
C LYS B 909 -39.68 30.32 -42.37
N HIS B 910 -39.40 29.49 -41.35
CA HIS B 910 -39.37 29.93 -39.95
C HIS B 910 -38.19 30.86 -39.66
N PHE B 911 -37.01 30.56 -40.22
CA PHE B 911 -35.83 31.40 -40.01
C PHE B 911 -35.97 32.77 -40.69
N ARG B 912 -36.66 32.84 -41.85
CA ARG B 912 -36.92 34.10 -42.56
C ARG B 912 -37.70 35.08 -41.67
N VAL B 913 -38.57 34.55 -40.79
CA VAL B 913 -39.37 35.33 -39.83
C VAL B 913 -38.46 35.90 -38.73
N LYS B 914 -37.54 35.08 -38.17
CA LYS B 914 -36.62 35.51 -37.10
C LYS B 914 -35.76 36.69 -37.55
N PHE B 915 -35.27 36.63 -38.80
CA PHE B 915 -34.45 37.70 -39.40
C PHE B 915 -35.26 38.99 -39.49
N ASN B 916 -36.52 38.88 -39.95
CA ASN B 916 -37.42 40.03 -40.06
C ASN B 916 -37.75 40.58 -38.67
N GLU B 917 -37.91 39.70 -37.66
CA GLU B 917 -38.18 40.13 -36.28
C GLU B 917 -37.02 40.91 -35.65
N ALA B 918 -35.77 40.69 -36.11
CA ALA B 918 -34.59 41.43 -35.64
C ALA B 918 -34.41 42.72 -36.43
N LEU B 919 -34.75 42.66 -37.74
CA LEU B 919 -34.69 43.81 -38.65
C LEU B 919 -35.69 44.89 -38.19
N ARG B 920 -36.92 44.48 -37.84
CA ARG B 920 -37.98 45.37 -37.36
C ARG B 920 -37.66 45.95 -35.97
N GLU B 921 -37.17 45.09 -35.04
CA GLU B 921 -36.81 45.52 -33.68
C GLU B 921 -35.67 46.55 -33.69
N SER B 922 -34.81 46.50 -34.71
CA SER B 922 -33.69 47.44 -34.86
C SER B 922 -34.17 48.83 -35.33
N TRP B 923 -34.85 49.57 -34.44
CA TRP B 923 -35.41 50.91 -34.68
C TRP B 923 -36.39 51.00 -35.88
N01 K47 C . -6.61 -16.26 33.54
C02 K47 C . -6.74 -15.08 32.72
N03 K47 C . -7.88 -14.46 32.92
C04 K47 C . -8.55 -15.23 33.86
C05 K47 C . -9.83 -15.17 34.51
N06 K47 C . -10.20 -16.07 35.39
C07 K47 C . -9.35 -17.06 35.65
N08 K47 C . -8.13 -17.27 35.13
C09 K47 C . -7.79 -16.32 34.25
C10 K47 C . -5.50 -17.21 33.64
C11 K47 C . -5.68 -14.59 31.87
O12 K47 C . -10.60 -14.11 34.16
C13 K47 C . -11.99 -14.03 34.58
C14 K47 C . -12.85 -14.95 33.72
N15 K47 C . -14.01 -14.15 33.38
C16 K47 C . -13.74 -12.71 33.45
C17 K47 C . -12.40 -12.63 34.17
C18 K47 C . -15.26 -14.54 33.02
O19 K47 C . -16.13 -13.71 32.77
C20 K47 C . -15.63 -16.01 33.10
C21 K47 C . -17.12 -16.12 33.45
C22 K47 C . -17.55 -17.55 33.52
O23 K47 C . -17.32 -18.19 32.28
C24 K47 C . -15.95 -18.11 31.92
C25 K47 C . -15.38 -16.72 31.77
C26 K47 C . -5.80 -13.93 30.65
N27 K47 C . -4.56 -13.62 30.22
N28 K47 C . -3.61 -14.01 31.13
C29 K47 C . -4.30 -14.57 32.12
C30 K47 C . -7.04 -13.61 29.88
C31 K47 C . -4.20 -12.91 28.94
C32 K47 C . -2.81 -13.14 28.42
N01 K47 D . -9.22 39.39 -27.52
C02 K47 D . -10.05 39.65 -26.31
N03 K47 D . -10.14 40.94 -26.03
C04 K47 D . -9.39 41.58 -27.01
C05 K47 D . -9.04 42.94 -27.31
N06 K47 D . -8.29 43.24 -28.36
C07 K47 D . -7.84 42.23 -29.10
N08 K47 D . -8.06 40.92 -28.96
C09 K47 D . -8.84 40.65 -27.90
C10 K47 D . -8.85 38.15 -28.18
C11 K47 D . -10.71 38.56 -25.52
O12 K47 D . -9.51 43.91 -26.51
C13 K47 D . -8.99 45.29 -26.54
C14 K47 D . -7.61 45.44 -25.92
N15 K47 D . -7.73 46.56 -24.99
C16 K47 D . -9.12 46.74 -24.54
C17 K47 D . -9.93 45.97 -25.56
C18 K47 D . -6.83 47.44 -24.51
O19 K47 D . -7.19 48.32 -23.73
C20 K47 D . -5.44 47.51 -25.08
C21 K47 D . -4.88 48.92 -24.84
C22 K47 D . -3.51 49.06 -25.42
O23 K47 D . -2.61 48.07 -24.92
C24 K47 D . -3.14 46.76 -25.10
C25 K47 D . -4.48 46.50 -24.46
C26 K47 D . -10.91 38.50 -24.16
N27 K47 D . -11.54 37.33 -23.88
N28 K47 D . -11.79 36.63 -25.04
C29 K47 D . -11.28 37.37 -26.01
C30 K47 D . -10.53 39.48 -23.10
C31 K47 D . -11.98 36.83 -22.50
C32 K47 D . -12.16 35.35 -22.35
#